data_2XVJ
#
_entry.id   2XVJ
#
_cell.length_a   159.117
_cell.length_b   67.850
_cell.length_c   138.899
_cell.angle_alpha   90.00
_cell.angle_beta   90.62
_cell.angle_gamma   90.00
#
_symmetry.space_group_name_H-M   'C 1 2 1'
#
loop_
_entity.id
_entity.type
_entity.pdbx_description
1 polymer 'FLAVIN-CONTAINING MONOOXYGENASE'
2 non-polymer 'FLAVIN-ADENINE DINUCLEOTIDE'
3 non-polymer 'NITRATE ION'
4 non-polymer INDOLE
5 non-polymer 'OXYGEN MOLECULE'
6 non-polymer '2-(N-MORPHOLINO)-ETHANESULFONIC ACID'
7 water water
#
_entity_poly.entity_id   1
_entity_poly.type   'polypeptide(L)'
_entity_poly.pdbx_seq_one_letter_code
;MATRIAILGAGPSGMAQLRAFQSAQEKGAEIPELVCFEKQADWGGQWNYTWRTGLDENGEPVHSSMYRYLWSNGPKECLE
FADYTFDEHFGKPIASYPPREVLWDYIKGRVEKAGVRKYIRFNTAVRHVEFNEDSQTFTVTVQDHTTDTIYSEEFDYVVC
CTGHFSTPYVPEFEGFEKFGGRILHAHDFRDALEFKDKTVLLVGSSSSAEDIGSQCYKYGAKKLISCYRTAPMGYKWPEN
WDERPNLVRVDTENAYFADGSSEKVDAIILCTGYIHHFPFLNDDLRLVTNNRLWPLNLYKGVVWEDNPKFFYIGMQDQWY
SFNMFDAQAWYARDVIMGRLPLPSKEEMKADSMAWREKELTLVTAEEMYTYQGDYIQNLIDMTDYPSFDIPATNKTFLEW
KHHKKENIMTFRDHSYRSLMTGTMAPKHHTPWIDALDDSLEAYLSDKSEIPVAKEALEHHHHHH
;
_entity_poly.pdbx_strand_id   A,B,C
#
# COMPACT_ATOMS: atom_id res chain seq x y z
CA ALA A 2 41.21 -18.80 -15.13
C ALA A 2 40.03 -18.37 -14.27
N THR A 3 40.33 -17.81 -13.11
CA THR A 3 39.30 -17.33 -12.18
C THR A 3 38.86 -15.91 -12.53
N ARG A 4 37.58 -15.63 -12.36
CA ARG A 4 37.02 -14.31 -12.66
C ARG A 4 36.47 -13.62 -11.42
N ILE A 5 36.76 -12.33 -11.28
CA ILE A 5 36.29 -11.53 -10.15
C ILE A 5 35.47 -10.31 -10.60
N ALA A 6 34.22 -10.29 -10.16
CA ALA A 6 33.34 -9.15 -10.40
C ALA A 6 33.52 -8.11 -9.32
N ILE A 7 33.68 -6.85 -9.72
CA ILE A 7 33.82 -5.76 -8.76
C ILE A 7 32.67 -4.77 -8.93
N LEU A 8 31.95 -4.53 -7.84
CA LEU A 8 30.70 -3.81 -7.90
C LEU A 8 30.90 -2.36 -7.47
N GLY A 9 30.93 -1.47 -8.46
CA GLY A 9 31.16 -0.05 -8.20
C GLY A 9 32.59 0.37 -8.41
N ALA A 10 32.76 1.60 -8.89
CA ALA A 10 34.06 2.16 -9.14
C ALA A 10 34.19 3.52 -8.44
N GLY A 11 33.89 3.54 -7.15
CA GLY A 11 34.30 4.65 -6.29
C GLY A 11 35.64 4.30 -5.68
N PRO A 12 36.10 5.11 -4.72
CA PRO A 12 37.39 4.85 -4.08
C PRO A 12 37.62 3.38 -3.71
N SER A 13 36.61 2.74 -3.11
CA SER A 13 36.67 1.31 -2.78
C SER A 13 36.90 0.41 -3.99
N GLY A 14 36.07 0.54 -5.02
CA GLY A 14 36.21 -0.25 -6.23
C GLY A 14 37.52 0.04 -6.96
N MET A 15 37.94 1.30 -6.91
CA MET A 15 39.23 1.70 -7.46
C MET A 15 40.38 1.08 -6.65
N ALA A 16 40.23 1.06 -5.33
CA ALA A 16 41.23 0.45 -4.45
C ALA A 16 41.41 -1.02 -4.77
N GLN A 17 40.29 -1.70 -5.06
CA GLN A 17 40.30 -3.13 -5.32
C GLN A 17 41.08 -3.46 -6.59
N LEU A 18 40.78 -2.75 -7.67
CA LEU A 18 41.49 -2.91 -8.94
C LEU A 18 42.97 -2.58 -8.80
N ARG A 19 43.25 -1.44 -8.16
CA ARG A 19 44.61 -0.98 -7.88
C ARG A 19 45.42 -2.05 -7.12
N ALA A 20 44.74 -2.78 -6.23
CA ALA A 20 45.35 -3.86 -5.47
C ALA A 20 45.84 -5.00 -6.35
N PHE A 21 44.99 -5.46 -7.27
CA PHE A 21 45.34 -6.55 -8.16
C PHE A 21 46.44 -6.16 -9.13
N GLN A 22 46.36 -4.94 -9.66
CA GLN A 22 47.35 -4.43 -10.61
C GLN A 22 48.71 -4.30 -9.94
N SER A 23 48.72 -3.82 -8.70
CA SER A 23 49.95 -3.67 -7.93
C SER A 23 50.63 -5.02 -7.70
N ALA A 24 49.82 -6.05 -7.42
CA ALA A 24 50.33 -7.41 -7.29
C ALA A 24 50.86 -7.94 -8.63
N GLN A 25 50.14 -7.64 -9.71
CA GLN A 25 50.52 -8.04 -11.06
C GLN A 25 51.80 -7.34 -11.52
N GLU A 26 51.98 -6.10 -11.07
CA GLU A 26 53.13 -5.27 -11.43
C GLU A 26 54.40 -5.77 -10.71
N LYS A 27 54.20 -6.56 -9.66
CA LYS A 27 55.32 -7.15 -8.92
C LYS A 27 55.68 -8.55 -9.44
N GLY A 28 54.94 -9.02 -10.44
CA GLY A 28 55.23 -10.32 -11.07
C GLY A 28 54.34 -11.46 -10.61
N ALA A 29 53.10 -11.14 -10.27
CA ALA A 29 52.15 -12.16 -9.83
C ALA A 29 51.06 -12.39 -10.88
N GLU A 30 50.61 -13.64 -10.98
CA GLU A 30 49.48 -13.99 -11.85
C GLU A 30 48.16 -13.62 -11.17
N ILE A 31 47.39 -12.75 -11.82
CA ILE A 31 46.11 -12.29 -11.28
C ILE A 31 44.92 -12.89 -12.03
N PRO A 32 43.75 -12.99 -11.37
CA PRO A 32 42.53 -13.42 -12.06
C PRO A 32 42.01 -12.36 -13.03
N GLU A 33 41.11 -12.75 -13.93
CA GLU A 33 40.43 -11.80 -14.82
C GLU A 33 39.64 -10.81 -13.98
N LEU A 34 39.67 -9.55 -14.38
CA LEU A 34 38.97 -8.52 -13.63
C LEU A 34 37.90 -7.82 -14.47
N VAL A 35 36.71 -7.70 -13.87
CA VAL A 35 35.60 -6.95 -14.46
C VAL A 35 34.96 -6.09 -13.37
N CYS A 36 34.85 -4.80 -13.66
CA CYS A 36 34.28 -3.85 -12.73
C CYS A 36 33.08 -3.13 -13.33
N PHE A 37 31.92 -3.27 -12.70
CA PHE A 37 30.69 -2.62 -13.16
C PHE A 37 30.43 -1.32 -12.40
N GLU A 38 30.35 -0.21 -13.14
CA GLU A 38 29.97 1.07 -12.56
C GLU A 38 28.71 1.58 -13.30
N LYS A 39 27.75 2.12 -12.55
CA LYS A 39 26.50 2.55 -13.18
C LYS A 39 26.56 3.96 -13.77
N GLN A 40 27.48 4.78 -13.26
CA GLN A 40 27.74 6.14 -13.77
C GLN A 40 28.59 6.10 -15.05
N ALA A 41 28.80 7.26 -15.66
CA ALA A 41 29.56 7.34 -16.89
C ALA A 41 31.05 7.47 -16.63
N ASP A 42 31.39 7.82 -15.39
CA ASP A 42 32.78 8.00 -14.98
C ASP A 42 32.97 7.40 -13.58
N TRP A 43 34.23 7.29 -13.12
CA TRP A 43 34.53 6.75 -11.79
C TRP A 43 34.60 7.85 -10.72
N GLY A 44 34.65 7.44 -9.45
CA GLY A 44 34.74 8.40 -8.35
C GLY A 44 33.72 8.23 -7.24
N GLY A 45 32.64 7.52 -7.54
CA GLY A 45 31.56 7.31 -6.59
C GLY A 45 30.99 8.62 -6.09
N GLN A 46 31.13 8.86 -4.79
CA GLN A 46 30.67 10.11 -4.18
C GLN A 46 31.32 11.31 -4.82
N TRP A 47 32.55 11.12 -5.28
CA TRP A 47 33.41 12.21 -5.71
C TRP A 47 33.11 12.74 -7.10
N ASN A 48 32.44 11.93 -7.91
CA ASN A 48 31.96 12.33 -9.22
C ASN A 48 30.69 13.20 -9.07
N TYR A 49 30.87 14.52 -9.04
CA TYR A 49 29.73 15.44 -8.79
C TYR A 49 28.69 15.45 -9.94
N THR A 50 27.42 15.34 -9.56
CA THR A 50 26.32 15.48 -10.53
C THR A 50 25.29 16.49 -10.07
N TRP A 51 24.83 17.32 -11.00
CA TRP A 51 23.75 18.28 -10.73
C TRP A 51 22.46 17.52 -10.47
N ARG A 52 22.37 16.31 -11.02
CA ARG A 52 21.22 15.42 -10.88
C ARG A 52 20.91 15.03 -9.44
N THR A 53 19.62 14.77 -9.19
CA THR A 53 19.11 14.33 -7.90
C THR A 53 17.94 13.37 -8.14
N GLY A 54 17.64 12.53 -7.16
CA GLY A 54 16.56 11.56 -7.28
C GLY A 54 16.96 10.35 -8.11
N LEU A 55 16.70 10.43 -9.41
CA LEU A 55 17.05 9.38 -10.36
C LEU A 55 17.88 9.95 -11.53
N ASP A 56 18.86 9.17 -11.99
CA ASP A 56 19.78 9.62 -13.04
C ASP A 56 19.18 9.47 -14.45
N GLU A 57 19.99 9.72 -15.48
CA GLU A 57 19.52 9.78 -16.86
C GLU A 57 19.04 8.43 -17.42
N ASN A 58 19.32 7.36 -16.69
CA ASN A 58 18.90 6.01 -17.07
C ASN A 58 17.80 5.50 -16.15
N GLY A 59 17.46 6.31 -15.14
CA GLY A 59 16.47 5.92 -14.15
C GLY A 59 17.03 5.14 -12.95
N GLU A 60 18.34 5.20 -12.77
CA GLU A 60 18.99 4.61 -11.59
C GLU A 60 19.07 5.67 -10.50
N PRO A 61 18.87 5.28 -9.24
CA PRO A 61 19.04 6.25 -8.16
C PRO A 61 20.35 7.04 -8.29
N VAL A 62 20.25 8.36 -8.24
CA VAL A 62 21.44 9.20 -8.25
C VAL A 62 22.29 8.80 -7.05
N HIS A 63 23.53 8.45 -7.31
CA HIS A 63 24.40 7.93 -6.27
C HIS A 63 25.02 9.00 -5.36
N SER A 64 25.64 10.01 -5.96
CA SER A 64 26.41 11.02 -5.22
C SER A 64 25.56 11.93 -4.33
N SER A 65 26.04 12.15 -3.11
CA SER A 65 25.37 13.04 -2.17
C SER A 65 26.14 14.34 -2.09
N MET A 66 27.10 14.47 -2.98
CA MET A 66 28.03 15.59 -2.92
C MET A 66 27.47 16.80 -3.63
N TYR A 67 27.82 17.96 -3.08
CA TYR A 67 27.23 19.24 -3.42
C TYR A 67 28.30 20.22 -3.85
N ARG A 68 27.89 21.24 -4.59
CA ARG A 68 28.77 22.36 -4.91
C ARG A 68 29.42 22.90 -3.64
N TYR A 69 30.63 23.42 -3.78
CA TYR A 69 31.35 24.14 -2.72
C TYR A 69 31.83 23.21 -1.60
N LEU A 70 31.72 21.90 -1.81
CA LEU A 70 32.22 20.94 -0.84
C LEU A 70 33.75 20.99 -0.78
N TRP A 71 34.27 21.07 0.45
CA TRP A 71 35.70 21.01 0.72
C TRP A 71 35.97 19.79 1.59
N SER A 72 37.22 19.32 1.58
CA SER A 72 37.64 18.16 2.38
C SER A 72 37.08 18.25 3.79
N ASN A 73 36.29 17.25 4.18
CA ASN A 73 35.66 17.18 5.49
C ASN A 73 36.61 17.31 6.69
N GLY A 74 37.74 16.60 6.60
CA GLY A 74 38.83 16.73 7.57
C GLY A 74 40.11 17.13 6.85
N PRO A 75 41.27 16.99 7.51
CA PRO A 75 42.55 17.34 6.88
C PRO A 75 42.91 16.35 5.77
N LYS A 76 43.43 16.85 4.65
CA LYS A 76 43.88 15.98 3.56
C LYS A 76 44.94 14.99 4.05
N GLU A 77 45.72 15.43 5.03
CA GLU A 77 46.78 14.65 5.65
C GLU A 77 46.25 13.36 6.31
N CYS A 78 44.95 13.34 6.62
CA CYS A 78 44.30 12.17 7.21
C CYS A 78 43.70 11.21 6.18
N LEU A 79 43.70 11.60 4.91
CA LEU A 79 43.22 10.71 3.85
C LEU A 79 44.33 10.35 2.88
N GLU A 80 45.45 11.07 2.97
CA GLU A 80 46.59 10.89 2.07
C GLU A 80 46.91 9.41 1.87
N PHE A 81 47.07 9.04 0.60
CA PHE A 81 47.41 7.66 0.23
C PHE A 81 48.81 7.28 0.68
N ALA A 82 48.96 6.01 1.05
CA ALA A 82 50.23 5.46 1.53
C ALA A 82 51.22 5.17 0.40
N ASP A 83 50.71 5.06 -0.82
CA ASP A 83 51.53 4.69 -1.98
C ASP A 83 51.55 5.77 -3.06
N TYR A 84 51.13 6.98 -2.65
CA TYR A 84 50.93 8.10 -3.55
C TYR A 84 50.68 9.32 -2.68
N THR A 85 51.49 10.36 -2.87
CA THR A 85 51.45 11.48 -1.94
C THR A 85 50.89 12.73 -2.58
N PHE A 86 50.60 13.74 -1.74
CA PHE A 86 50.20 15.04 -2.24
C PHE A 86 51.36 15.76 -2.90
N ASP A 87 52.56 15.58 -2.35
CA ASP A 87 53.78 16.10 -2.94
C ASP A 87 54.03 15.48 -4.33
N GLU A 88 53.82 14.17 -4.45
CA GLU A 88 53.96 13.49 -5.74
C GLU A 88 53.00 14.06 -6.78
N HIS A 89 51.71 14.06 -6.46
CA HIS A 89 50.67 14.40 -7.43
C HIS A 89 50.72 15.86 -7.89
N PHE A 90 51.02 16.76 -6.95
CA PHE A 90 50.95 18.19 -7.22
C PHE A 90 52.30 18.84 -7.53
N GLY A 91 53.33 18.47 -6.78
CA GLY A 91 54.65 19.05 -6.94
C GLY A 91 54.84 20.32 -6.13
N LYS A 92 53.77 20.79 -5.51
CA LYS A 92 53.79 22.00 -4.68
C LYS A 92 52.92 21.77 -3.45
N PRO A 93 53.44 22.09 -2.25
CA PRO A 93 52.65 21.96 -1.02
C PRO A 93 51.39 22.82 -1.05
N ILE A 94 50.26 22.22 -0.72
CA ILE A 94 48.96 22.90 -0.74
C ILE A 94 48.30 22.87 0.65
N ALA A 95 47.21 23.61 0.81
CA ALA A 95 46.53 23.74 2.10
C ALA A 95 45.84 22.45 2.56
N SER A 96 45.35 22.46 3.79
CA SER A 96 44.93 21.23 4.46
C SER A 96 43.58 20.66 4.03
N TYR A 97 42.65 21.54 3.66
CA TYR A 97 41.32 21.11 3.25
C TYR A 97 41.02 21.55 1.81
N PRO A 98 41.47 20.76 0.82
CA PRO A 98 41.19 21.11 -0.57
C PRO A 98 39.75 20.80 -0.98
N PRO A 99 39.19 21.57 -1.94
CA PRO A 99 37.82 21.38 -2.40
C PRO A 99 37.65 20.09 -3.19
N ARG A 100 36.40 19.66 -3.36
CA ARG A 100 36.05 18.40 -4.01
C ARG A 100 36.82 18.13 -5.31
N GLU A 101 36.88 19.14 -6.18
CA GLU A 101 37.54 18.99 -7.47
C GLU A 101 39.04 18.72 -7.33
N VAL A 102 39.67 19.38 -6.36
CA VAL A 102 41.10 19.21 -6.09
C VAL A 102 41.42 17.81 -5.55
N LEU A 103 40.55 17.30 -4.66
CA LEU A 103 40.71 15.93 -4.16
C LEU A 103 40.43 14.89 -5.25
N TRP A 104 39.37 15.09 -6.01
CA TRP A 104 39.03 14.18 -7.10
C TRP A 104 40.21 13.99 -8.03
N ASP A 105 40.83 15.11 -8.42
CA ASP A 105 41.99 15.10 -9.28
C ASP A 105 43.13 14.28 -8.66
N TYR A 106 43.28 14.38 -7.34
CA TYR A 106 44.28 13.61 -6.58
C TYR A 106 43.95 12.13 -6.54
N ILE A 107 42.67 11.80 -6.49
CA ILE A 107 42.21 10.42 -6.53
C ILE A 107 42.37 9.85 -7.94
N LYS A 108 42.10 10.70 -8.93
CA LYS A 108 42.21 10.31 -10.35
C LYS A 108 43.67 10.05 -10.74
N GLY A 109 44.57 10.85 -10.20
CA GLY A 109 46.01 10.75 -10.52
C GLY A 109 46.57 9.36 -10.28
N ARG A 110 46.30 8.82 -9.09
CA ARG A 110 46.79 7.52 -8.66
C ARG A 110 46.20 6.39 -9.50
N VAL A 111 44.89 6.45 -9.71
CA VAL A 111 44.16 5.38 -10.41
C VAL A 111 44.43 5.35 -11.92
N GLU A 112 44.64 6.52 -12.53
CA GLU A 112 45.02 6.63 -13.95
C GLU A 112 46.44 6.14 -14.19
N LYS A 113 47.33 6.42 -13.23
CA LYS A 113 48.73 5.99 -13.26
C LYS A 113 48.82 4.46 -13.29
N ALA A 114 47.96 3.82 -12.48
CA ALA A 114 47.94 2.36 -12.35
C ALA A 114 47.36 1.65 -13.57
N GLY A 115 46.63 2.38 -14.41
CA GLY A 115 46.04 1.85 -15.63
C GLY A 115 45.01 0.75 -15.41
N VAL A 116 44.04 1.01 -14.53
CA VAL A 116 42.98 0.04 -14.24
C VAL A 116 41.65 0.39 -14.91
N ARG A 117 41.59 1.52 -15.61
CA ARG A 117 40.37 1.96 -16.30
C ARG A 117 39.85 0.95 -17.33
N LYS A 118 40.76 0.16 -17.91
CA LYS A 118 40.37 -0.85 -18.90
C LYS A 118 39.37 -1.87 -18.34
N TYR A 119 39.55 -2.27 -17.08
CA TYR A 119 38.74 -3.31 -16.46
C TYR A 119 37.28 -2.91 -16.16
N ILE A 120 36.98 -1.61 -16.23
CA ILE A 120 35.67 -1.10 -15.88
C ILE A 120 34.69 -1.06 -17.06
N ARG A 121 33.49 -1.60 -16.86
CA ARG A 121 32.38 -1.37 -17.76
C ARG A 121 31.49 -0.30 -17.13
N PHE A 122 31.61 0.91 -17.64
CA PHE A 122 30.84 2.06 -17.16
C PHE A 122 29.40 2.00 -17.66
N ASN A 123 28.55 2.85 -17.08
CA ASN A 123 27.15 2.97 -17.48
C ASN A 123 26.41 1.64 -17.45
N THR A 124 26.88 0.73 -16.61
CA THR A 124 26.29 -0.60 -16.48
C THR A 124 25.88 -0.81 -15.02
N ALA A 125 24.58 -0.98 -14.80
CA ALA A 125 24.03 -1.12 -13.47
C ALA A 125 23.83 -2.58 -13.06
N VAL A 126 24.23 -2.89 -11.84
CA VAL A 126 24.08 -4.24 -11.30
C VAL A 126 22.63 -4.50 -10.91
N ARG A 127 22.09 -5.60 -11.37
CA ARG A 127 20.70 -5.95 -11.16
C ARG A 127 20.54 -6.98 -10.08
N HIS A 128 21.38 -8.01 -10.14
CA HIS A 128 21.27 -9.18 -9.29
C HIS A 128 22.61 -9.91 -9.23
N VAL A 129 22.96 -10.36 -8.02
CA VAL A 129 24.10 -11.26 -7.82
C VAL A 129 23.60 -12.52 -7.11
N GLU A 130 23.74 -13.67 -7.78
CA GLU A 130 23.26 -14.92 -7.22
C GLU A 130 24.33 -16.01 -7.18
N PHE A 131 24.33 -16.78 -6.09
CA PHE A 131 25.27 -17.87 -5.92
C PHE A 131 24.63 -19.21 -6.27
N ASN A 132 25.42 -20.06 -6.93
CA ASN A 132 24.96 -21.37 -7.37
C ASN A 132 25.76 -22.46 -6.67
N GLU A 133 25.12 -23.13 -5.71
CA GLU A 133 25.77 -24.14 -4.86
C GLU A 133 26.49 -25.26 -5.63
N ASP A 134 25.90 -25.67 -6.76
CA ASP A 134 26.48 -26.71 -7.63
C ASP A 134 27.74 -26.26 -8.36
N SER A 135 27.68 -25.06 -8.96
CA SER A 135 28.81 -24.41 -9.64
C SER A 135 29.87 -23.89 -8.67
N GLN A 136 29.45 -23.60 -7.44
CA GLN A 136 30.26 -22.84 -6.48
C GLN A 136 30.70 -21.49 -7.06
N THR A 137 29.90 -20.93 -7.97
CA THR A 137 30.19 -19.63 -8.59
C THR A 137 28.96 -18.72 -8.59
N PHE A 138 29.23 -17.42 -8.68
CA PHE A 138 28.18 -16.40 -8.68
C PHE A 138 27.76 -16.08 -10.11
N THR A 139 26.49 -15.77 -10.27
CA THR A 139 25.97 -15.20 -11.52
C THR A 139 25.69 -13.71 -11.28
N VAL A 140 26.24 -12.86 -12.14
CA VAL A 140 26.02 -11.42 -12.03
C VAL A 140 25.23 -10.90 -13.24
N THR A 141 24.01 -10.43 -12.96
CA THR A 141 23.15 -9.86 -13.97
C THR A 141 23.23 -8.34 -13.91
N VAL A 142 23.44 -7.73 -15.07
CA VAL A 142 23.64 -6.29 -15.21
C VAL A 142 22.83 -5.69 -16.36
N GLN A 143 22.50 -4.41 -16.21
CA GLN A 143 21.86 -3.68 -17.28
C GLN A 143 22.83 -2.67 -17.83
N ASP A 144 23.33 -2.93 -19.03
CA ASP A 144 24.19 -1.98 -19.73
C ASP A 144 23.29 -0.94 -20.36
N HIS A 145 23.51 0.32 -20.01
CA HIS A 145 22.60 1.39 -20.46
C HIS A 145 22.98 2.01 -21.82
N THR A 146 24.18 1.71 -22.31
CA THR A 146 24.63 2.19 -23.62
C THR A 146 23.91 1.44 -24.74
N THR A 147 23.69 0.14 -24.54
CA THR A 147 23.00 -0.71 -25.53
C THR A 147 21.61 -1.11 -25.05
N ASP A 148 21.28 -0.72 -23.82
CA ASP A 148 19.99 -1.07 -23.19
C ASP A 148 19.69 -2.57 -23.29
N THR A 149 20.66 -3.39 -22.89
CA THR A 149 20.49 -4.84 -22.85
C THR A 149 20.83 -5.32 -21.43
N ILE A 150 20.20 -6.41 -21.03
CA ILE A 150 20.51 -7.04 -19.76
C ILE A 150 21.20 -8.38 -20.01
N TYR A 151 22.42 -8.51 -19.49
CA TYR A 151 23.19 -9.74 -19.64
C TYR A 151 23.75 -10.23 -18.31
N SER A 152 24.16 -11.50 -18.28
CA SER A 152 24.72 -12.09 -17.07
C SER A 152 25.98 -12.89 -17.35
N GLU A 153 26.98 -12.72 -16.49
CA GLU A 153 28.24 -13.45 -16.59
C GLU A 153 28.53 -14.21 -15.31
N GLU A 154 29.43 -15.18 -15.40
CA GLU A 154 29.76 -16.03 -14.28
C GLU A 154 31.13 -15.65 -13.70
N PHE A 155 31.18 -15.53 -12.37
CA PHE A 155 32.39 -15.14 -11.65
C PHE A 155 32.60 -16.05 -10.45
N ASP A 156 33.85 -16.16 -10.01
CA ASP A 156 34.23 -17.01 -8.88
C ASP A 156 34.15 -16.30 -7.54
N TYR A 157 34.45 -15.00 -7.58
CA TYR A 157 34.40 -14.15 -6.39
C TYR A 157 33.73 -12.84 -6.76
N VAL A 158 33.06 -12.24 -5.79
CA VAL A 158 32.44 -10.93 -5.96
C VAL A 158 32.89 -10.00 -4.83
N VAL A 159 33.32 -8.80 -5.22
CA VAL A 159 33.65 -7.76 -4.26
C VAL A 159 32.68 -6.58 -4.41
N CYS A 160 31.89 -6.33 -3.36
CA CYS A 160 30.88 -5.27 -3.36
C CYS A 160 31.42 -3.94 -2.82
N CYS A 161 31.49 -2.95 -3.70
CA CYS A 161 31.98 -1.62 -3.32
C CYS A 161 30.95 -0.54 -3.73
N THR A 162 29.69 -0.73 -3.32
CA THR A 162 28.63 0.18 -3.78
C THR A 162 28.33 1.29 -2.79
N GLY A 163 29.04 1.30 -1.67
CA GLY A 163 28.85 2.35 -0.68
C GLY A 163 27.62 2.16 0.19
N HIS A 164 27.44 3.12 1.10
CA HIS A 164 26.32 3.12 2.03
C HIS A 164 26.01 4.53 2.53
N PHE A 165 26.37 5.54 1.73
CA PHE A 165 25.94 6.90 1.97
C PHE A 165 25.13 7.48 0.78
N SER A 166 24.20 6.68 0.26
CA SER A 166 23.49 7.03 -0.99
C SER A 166 21.99 6.79 -0.99
N THR A 167 21.55 5.93 -0.08
CA THR A 167 20.16 5.58 0.03
C THR A 167 19.69 6.13 1.36
N PRO A 168 19.02 7.31 1.33
CA PRO A 168 18.76 8.10 2.53
C PRO A 168 17.80 7.45 3.51
N TYR A 169 18.03 7.70 4.79
CA TYR A 169 17.02 7.44 5.79
C TYR A 169 16.25 8.74 5.94
N VAL A 170 14.98 8.70 5.57
CA VAL A 170 14.15 9.91 5.49
C VAL A 170 12.92 9.76 6.37
N PRO A 171 13.00 10.21 7.62
CA PRO A 171 11.84 10.07 8.51
C PRO A 171 10.76 11.10 8.17
N GLU A 172 9.54 10.82 8.61
CA GLU A 172 8.42 11.75 8.42
C GLU A 172 8.06 12.40 9.75
N PHE A 173 7.94 13.73 9.74
CA PHE A 173 7.45 14.45 10.91
C PHE A 173 6.01 14.89 10.66
N GLU A 174 5.28 15.14 11.74
CA GLU A 174 3.86 15.48 11.67
C GLU A 174 3.57 16.76 10.89
N GLY A 175 2.81 16.64 9.81
CA GLY A 175 2.36 17.79 9.02
C GLY A 175 3.21 18.16 7.82
N PHE A 176 4.23 17.34 7.53
CA PHE A 176 5.04 17.49 6.32
C PHE A 176 4.18 17.64 5.06
N GLU A 177 3.04 16.96 5.04
CA GLU A 177 2.09 17.04 3.94
C GLU A 177 1.66 18.48 3.62
N LYS A 178 1.49 19.29 4.66
CA LYS A 178 0.97 20.66 4.52
C LYS A 178 2.06 21.72 4.32
N PHE A 179 3.31 21.38 4.61
CA PHE A 179 4.43 22.33 4.51
C PHE A 179 4.56 22.95 3.12
N GLY A 180 4.69 24.27 3.08
CA GLY A 180 4.71 25.02 1.83
C GLY A 180 6.08 25.15 1.19
N GLY A 181 7.12 24.91 1.98
CA GLY A 181 8.50 24.96 1.49
C GLY A 181 8.99 23.60 1.05
N ARG A 182 10.25 23.57 0.59
CA ARG A 182 10.89 22.33 0.16
C ARG A 182 11.26 21.46 1.34
N ILE A 183 11.19 20.15 1.12
CA ILE A 183 11.73 19.19 2.07
C ILE A 183 12.64 18.27 1.27
N LEU A 184 13.90 18.20 1.72
CA LEU A 184 14.91 17.38 1.07
C LEU A 184 15.81 16.75 2.13
N HIS A 185 16.44 15.66 1.74
CA HIS A 185 17.44 14.99 2.57
C HIS A 185 18.79 15.58 2.21
N ALA A 186 19.77 15.46 3.11
CA ALA A 186 21.15 15.83 2.80
C ALA A 186 21.59 15.27 1.45
N HIS A 187 21.18 14.05 1.16
CA HIS A 187 21.49 13.40 -0.10
C HIS A 187 21.04 14.19 -1.35
N ASP A 188 19.94 14.94 -1.23
CA ASP A 188 19.43 15.77 -2.35
C ASP A 188 20.08 17.15 -2.45
N PHE A 189 20.65 17.63 -1.34
CA PHE A 189 21.31 18.94 -1.28
C PHE A 189 22.39 19.06 -2.34
N ARG A 190 22.43 20.20 -3.03
CA ARG A 190 23.34 20.44 -4.15
C ARG A 190 24.00 21.82 -4.11
N ASP A 191 23.19 22.85 -3.83
CA ASP A 191 23.62 24.22 -4.06
C ASP A 191 23.08 25.18 -3.00
N ALA A 192 23.99 25.78 -2.25
CA ALA A 192 23.67 26.72 -1.18
C ALA A 192 23.00 28.01 -1.69
N LEU A 193 23.30 28.39 -2.93
CA LEU A 193 22.71 29.59 -3.56
C LEU A 193 21.19 29.51 -3.68
N GLU A 194 20.65 28.29 -3.76
CA GLU A 194 19.21 28.08 -3.81
C GLU A 194 18.56 28.56 -2.52
N PHE A 195 19.36 28.66 -1.45
CA PHE A 195 18.84 28.99 -0.14
C PHE A 195 19.30 30.38 0.31
N LYS A 196 19.81 31.16 -0.65
CA LYS A 196 20.19 32.55 -0.40
C LYS A 196 18.98 33.35 0.12
N ASP A 197 19.23 34.17 1.15
CA ASP A 197 18.20 34.97 1.81
C ASP A 197 16.97 34.14 2.21
N LYS A 198 17.21 32.91 2.66
CA LYS A 198 16.12 32.03 3.11
C LYS A 198 16.46 31.40 4.45
N THR A 199 15.42 30.97 5.18
CA THR A 199 15.61 30.33 6.48
C THR A 199 15.55 28.81 6.34
N VAL A 200 16.65 28.15 6.69
CA VAL A 200 16.75 26.71 6.58
C VAL A 200 16.74 26.04 7.95
N LEU A 201 15.88 25.03 8.10
CA LEU A 201 15.92 24.16 9.26
C LEU A 201 16.70 22.89 8.93
N LEU A 202 17.74 22.62 9.71
CA LEU A 202 18.57 21.42 9.58
C LEU A 202 18.22 20.42 10.68
N VAL A 203 17.74 19.24 10.25
CA VAL A 203 17.28 18.18 11.16
C VAL A 203 18.29 17.03 11.20
N GLY A 204 18.64 16.58 12.40
CA GLY A 204 19.65 15.53 12.56
C GLY A 204 21.01 16.09 12.96
N SER A 205 21.95 15.22 13.28
CA SER A 205 23.21 15.66 13.88
C SER A 205 24.46 14.97 13.33
N SER A 206 24.42 14.55 12.07
CA SER A 206 25.59 13.97 11.42
C SER A 206 26.65 15.04 11.09
N SER A 207 27.77 14.61 10.48
CA SER A 207 28.83 15.53 10.04
C SER A 207 28.32 16.49 8.96
N SER A 208 27.55 15.95 8.02
CA SER A 208 26.96 16.71 6.92
C SER A 208 26.04 17.82 7.38
N ALA A 209 25.28 17.58 8.45
CA ALA A 209 24.41 18.59 9.04
C ALA A 209 25.15 19.90 9.31
N GLU A 210 26.35 19.79 9.88
CA GLU A 210 27.20 20.94 10.14
C GLU A 210 27.64 21.60 8.84
N ASP A 211 28.12 20.80 7.89
CA ASP A 211 28.73 21.32 6.68
C ASP A 211 27.72 21.87 5.68
N ILE A 212 26.63 21.15 5.47
CA ILE A 212 25.55 21.66 4.64
C ILE A 212 25.10 22.99 5.24
N GLY A 213 24.84 22.99 6.55
CA GLY A 213 24.53 24.22 7.27
C GLY A 213 25.57 25.32 7.06
N SER A 214 26.85 24.94 7.13
CA SER A 214 27.96 25.88 6.96
C SER A 214 28.02 26.47 5.56
N GLN A 215 27.76 25.65 4.55
CA GLN A 215 27.73 26.09 3.16
C GLN A 215 26.61 27.10 2.94
N CYS A 216 25.47 26.87 3.60
CA CYS A 216 24.33 27.79 3.50
C CYS A 216 24.66 29.16 4.09
N TYR A 217 25.34 29.17 5.24
CA TYR A 217 25.79 30.41 5.88
C TYR A 217 26.76 31.19 5.01
N LYS A 218 27.71 30.48 4.42
CA LYS A 218 28.71 31.07 3.52
C LYS A 218 28.07 31.79 2.33
N TYR A 219 27.05 31.17 1.75
CA TYR A 219 26.52 31.63 0.47
C TYR A 219 25.29 32.52 0.56
N GLY A 220 25.02 33.02 1.77
CA GLY A 220 24.02 34.07 1.98
C GLY A 220 22.65 33.60 2.42
N ALA A 221 22.60 32.64 3.33
CA ALA A 221 21.34 32.23 3.95
C ALA A 221 20.95 33.25 5.02
N LYS A 222 19.66 33.52 5.15
CA LYS A 222 19.17 34.48 6.15
C LYS A 222 19.28 33.91 7.58
N LYS A 223 18.80 32.69 7.76
CA LYS A 223 18.88 32.04 9.07
C LYS A 223 19.06 30.52 8.96
N LEU A 224 19.85 29.97 9.87
CA LEU A 224 19.99 28.53 10.03
C LEU A 224 19.54 28.11 11.42
N ILE A 225 18.75 27.05 11.48
CA ILE A 225 18.31 26.49 12.75
C ILE A 225 18.64 25.01 12.75
N SER A 226 19.38 24.58 13.78
CA SER A 226 19.73 23.17 13.95
C SER A 226 18.96 22.55 15.12
N CYS A 227 18.38 21.39 14.88
CA CYS A 227 17.71 20.64 15.93
C CYS A 227 18.01 19.15 15.82
N TYR A 228 18.17 18.51 16.97
CA TYR A 228 18.44 17.07 17.06
C TYR A 228 18.21 16.54 18.47
N ARG A 229 17.78 15.29 18.55
CA ARG A 229 17.57 14.61 19.85
C ARG A 229 18.88 14.08 20.43
N THR A 230 19.76 13.55 19.56
CA THR A 230 21.09 13.06 19.96
C THR A 230 21.97 14.18 20.53
N ALA A 231 22.93 13.80 21.38
CA ALA A 231 23.73 14.73 22.21
C ALA A 231 24.28 15.98 21.50
N PRO A 232 23.78 17.17 21.88
CA PRO A 232 24.22 18.46 21.36
C PRO A 232 25.74 18.60 21.23
N MET A 233 26.18 19.11 20.08
CA MET A 233 27.61 19.22 19.77
C MET A 233 28.29 20.44 20.43
N GLY A 234 27.50 21.48 20.68
CA GLY A 234 27.93 22.64 21.46
C GLY A 234 29.08 23.44 20.86
N TYR A 235 28.89 23.94 19.64
CA TYR A 235 29.91 24.70 18.94
C TYR A 235 29.72 26.22 19.05
N LYS A 236 30.60 26.97 18.40
CA LYS A 236 30.48 28.41 18.33
C LYS A 236 29.79 28.82 17.02
N TRP A 237 28.46 28.80 17.04
CA TRP A 237 27.64 29.17 15.89
C TRP A 237 27.58 30.69 15.72
N PRO A 238 27.60 31.17 14.47
CA PRO A 238 27.47 32.61 14.15
C PRO A 238 26.17 33.25 14.65
N GLU A 239 26.05 34.56 14.45
CA GLU A 239 24.94 35.36 14.97
C GLU A 239 23.54 34.88 14.54
N ASN A 240 23.41 34.50 13.27
CA ASN A 240 22.12 34.12 12.72
C ASN A 240 21.81 32.62 12.75
N TRP A 241 22.64 31.84 13.45
CA TRP A 241 22.45 30.41 13.54
C TRP A 241 21.87 30.01 14.89
N ASP A 242 20.66 29.47 14.87
CA ASP A 242 19.99 29.01 16.09
C ASP A 242 20.16 27.51 16.33
N GLU A 243 20.28 27.13 17.60
CA GLU A 243 20.24 25.73 18.01
C GLU A 243 19.02 25.45 18.88
N ARG A 244 18.15 24.56 18.42
CA ARG A 244 16.91 24.25 19.12
C ARG A 244 16.82 22.75 19.46
N PRO A 245 15.99 22.39 20.45
CA PRO A 245 15.66 20.98 20.69
C PRO A 245 14.87 20.37 19.52
N ASN A 246 14.73 19.05 19.50
CA ASN A 246 14.20 18.34 18.34
C ASN A 246 12.83 18.78 17.83
N LEU A 247 12.56 18.47 16.56
CA LEU A 247 11.33 18.88 15.88
C LEU A 247 10.18 17.96 16.24
N VAL A 248 9.01 18.54 16.49
CA VAL A 248 7.81 17.76 16.81
C VAL A 248 6.77 17.81 15.69
N ARG A 249 6.71 18.94 15.00
CA ARG A 249 5.60 19.24 14.11
C ARG A 249 5.98 20.38 13.16
N VAL A 250 5.32 20.43 12.02
CA VAL A 250 5.35 21.57 11.13
C VAL A 250 3.97 21.83 10.63
N ASP A 251 3.78 23.03 10.13
CA ASP A 251 2.55 23.37 9.51
C ASP A 251 2.90 24.02 8.23
N THR A 252 2.03 24.82 7.68
CA THR A 252 2.18 25.37 6.37
C THR A 252 3.46 26.13 6.14
N GLU A 253 3.88 26.88 7.14
CA GLU A 253 5.14 27.65 7.06
C GLU A 253 5.91 27.76 8.39
N ASN A 254 5.47 27.03 9.42
CA ASN A 254 6.05 27.13 10.75
C ASN A 254 6.52 25.79 11.31
N ALA A 255 7.70 25.78 11.93
CA ALA A 255 8.23 24.59 12.59
C ALA A 255 8.08 24.68 14.11
N TYR A 256 7.67 23.57 14.72
CA TYR A 256 7.48 23.49 16.17
C TYR A 256 8.47 22.54 16.84
N PHE A 257 9.06 22.98 17.95
CA PHE A 257 10.09 22.20 18.66
C PHE A 257 9.65 21.76 20.05
N ALA A 258 10.50 20.95 20.70
CA ALA A 258 10.18 20.33 21.99
C ALA A 258 9.99 21.31 23.16
N ASP A 259 10.73 22.42 23.16
CA ASP A 259 10.62 23.43 24.24
C ASP A 259 9.28 24.18 24.23
N GLY A 260 8.56 24.09 23.11
CA GLY A 260 7.27 24.76 22.96
C GLY A 260 7.32 25.96 22.03
N SER A 261 8.52 26.22 21.50
CA SER A 261 8.77 27.37 20.62
C SER A 261 8.54 27.03 19.15
N SER A 262 8.43 28.08 18.32
CA SER A 262 8.13 27.93 16.90
C SER A 262 8.71 29.06 16.07
N GLU A 263 8.95 28.78 14.79
CA GLU A 263 9.54 29.76 13.87
C GLU A 263 9.17 29.48 12.42
N LYS A 264 9.22 30.53 11.59
CA LYS A 264 8.96 30.42 10.16
C LYS A 264 10.19 29.87 9.45
N VAL A 265 10.00 28.83 8.64
CA VAL A 265 11.10 28.26 7.85
C VAL A 265 10.72 28.06 6.39
N ASP A 266 11.67 28.31 5.50
CA ASP A 266 11.45 28.24 4.06
C ASP A 266 11.78 26.88 3.45
N ALA A 267 12.72 26.16 4.07
CA ALA A 267 13.17 24.86 3.58
C ALA A 267 13.68 24.00 4.72
N ILE A 268 13.28 22.73 4.72
CA ILE A 268 13.75 21.76 5.70
C ILE A 268 14.75 20.80 5.06
N ILE A 269 15.95 20.71 5.63
CA ILE A 269 16.94 19.72 5.19
C ILE A 269 17.12 18.63 6.25
N LEU A 270 16.80 17.40 5.87
CA LEU A 270 16.89 16.24 6.78
C LEU A 270 18.25 15.56 6.74
N CYS A 271 19.13 15.95 7.67
CA CYS A 271 20.46 15.35 7.75
C CYS A 271 20.42 14.19 8.74
N THR A 272 19.75 13.12 8.32
CA THR A 272 19.33 12.05 9.21
C THR A 272 19.92 10.71 8.79
N GLY A 273 20.89 10.75 7.88
CA GLY A 273 21.69 9.59 7.58
C GLY A 273 21.19 8.72 6.45
N TYR A 274 21.75 7.52 6.38
CA TYR A 274 21.56 6.63 5.27
C TYR A 274 21.30 5.21 5.75
N ILE A 275 20.93 4.34 4.82
CA ILE A 275 20.68 2.95 5.13
C ILE A 275 21.60 2.10 4.28
N HIS A 276 21.96 0.93 4.78
CA HIS A 276 22.73 -0.02 3.99
C HIS A 276 21.74 -0.73 3.06
N HIS A 277 21.79 -0.39 1.78
CA HIS A 277 20.79 -0.85 0.81
C HIS A 277 21.41 -1.61 -0.36
N PHE A 278 20.95 -2.83 -0.58
CA PHE A 278 21.53 -3.72 -1.58
C PHE A 278 20.46 -4.47 -2.38
N PRO A 279 19.81 -3.79 -3.35
CA PRO A 279 18.71 -4.39 -4.12
C PRO A 279 19.13 -5.56 -5.03
N PHE A 280 20.41 -5.63 -5.38
CA PHE A 280 20.90 -6.69 -6.27
C PHE A 280 21.18 -8.02 -5.57
N LEU A 281 21.04 -8.05 -4.24
CA LEU A 281 21.41 -9.21 -3.42
C LEU A 281 20.23 -9.75 -2.62
N ASN A 282 20.07 -11.06 -2.60
CA ASN A 282 19.10 -11.70 -1.72
C ASN A 282 19.69 -11.86 -0.32
N ASP A 283 18.89 -12.35 0.63
CA ASP A 283 19.29 -12.40 2.05
C ASP A 283 20.54 -13.23 2.35
N ASP A 284 20.82 -14.21 1.50
CA ASP A 284 22.01 -15.07 1.65
C ASP A 284 23.32 -14.30 1.54
N LEU A 285 23.34 -13.26 0.70
CA LEU A 285 24.56 -12.47 0.49
C LEU A 285 24.46 -11.06 1.07
N ARG A 286 23.28 -10.69 1.54
CA ARG A 286 22.94 -9.28 1.81
C ARG A 286 23.25 -8.80 3.23
N LEU A 287 24.14 -7.82 3.30
CA LEU A 287 24.54 -7.20 4.55
C LEU A 287 23.45 -6.27 5.09
N VAL A 288 23.01 -6.55 6.32
CA VAL A 288 22.02 -5.75 7.01
C VAL A 288 22.67 -5.21 8.31
N THR A 289 22.72 -3.89 8.44
CA THR A 289 23.39 -3.24 9.58
C THR A 289 23.04 -1.76 9.64
N ASN A 290 23.06 -1.19 10.84
CA ASN A 290 23.08 0.26 10.99
C ASN A 290 24.51 0.74 10.73
N ASN A 291 24.69 2.05 10.56
CA ASN A 291 26.03 2.61 10.34
C ASN A 291 26.82 2.70 11.65
N ARG A 292 27.99 2.07 11.65
CA ARG A 292 28.77 1.87 12.86
C ARG A 292 30.19 1.43 12.48
N LEU A 293 31.09 1.49 13.45
CA LEU A 293 32.47 1.10 13.23
C LEU A 293 32.63 -0.40 13.00
N TRP A 294 31.76 -1.23 13.59
CA TRP A 294 31.88 -2.67 13.38
C TRP A 294 30.58 -3.41 13.09
N PRO A 295 30.18 -3.47 11.82
CA PRO A 295 29.08 -4.34 11.42
C PRO A 295 29.45 -5.82 11.59
N LEU A 296 28.45 -6.64 11.94
CA LEU A 296 28.63 -8.07 12.12
C LEU A 296 28.66 -8.81 10.79
N ASN A 297 28.93 -10.10 10.85
CA ASN A 297 28.99 -11.00 9.68
C ASN A 297 30.09 -10.66 8.65
N LEU A 298 31.06 -9.86 9.06
CA LEU A 298 32.16 -9.50 8.17
C LEU A 298 33.47 -9.87 8.85
N TYR A 299 34.06 -10.98 8.42
CA TYR A 299 35.36 -11.40 8.93
C TYR A 299 36.41 -10.40 8.46
N LYS A 300 37.19 -9.90 9.42
CA LYS A 300 38.18 -8.85 9.16
C LYS A 300 37.55 -7.60 8.55
N GLY A 301 36.24 -7.48 8.72
CA GLY A 301 35.47 -6.33 8.24
C GLY A 301 35.15 -6.37 6.76
N VAL A 302 35.42 -7.50 6.12
CA VAL A 302 35.48 -7.58 4.66
C VAL A 302 34.88 -8.86 4.11
N VAL A 303 35.02 -9.96 4.85
CA VAL A 303 34.64 -11.26 4.31
C VAL A 303 33.27 -11.69 4.82
N TRP A 304 32.32 -11.82 3.88
CA TRP A 304 30.97 -12.23 4.21
C TRP A 304 30.99 -13.65 4.78
N GLU A 305 30.81 -13.73 6.09
CA GLU A 305 30.97 -14.99 6.81
C GLU A 305 30.13 -16.16 6.29
N ASP A 306 28.93 -15.87 5.80
CA ASP A 306 28.01 -16.91 5.31
C ASP A 306 28.43 -17.46 3.94
N ASN A 307 29.07 -16.61 3.14
CA ASN A 307 29.74 -17.03 1.91
C ASN A 307 31.10 -16.35 1.78
N PRO A 308 32.19 -17.08 2.08
CA PRO A 308 33.56 -16.56 2.06
C PRO A 308 34.08 -16.07 0.70
N LYS A 309 33.37 -16.37 -0.38
CA LYS A 309 33.81 -15.92 -1.72
C LYS A 309 33.17 -14.59 -2.12
N PHE A 310 32.43 -14.02 -1.17
CA PHE A 310 31.83 -12.72 -1.34
C PHE A 310 32.49 -11.74 -0.37
N PHE A 311 32.78 -10.53 -0.84
CA PHE A 311 33.51 -9.52 -0.07
C PHE A 311 32.82 -8.16 -0.07
N TYR A 312 32.93 -7.44 1.05
CA TYR A 312 32.48 -6.05 1.15
C TYR A 312 33.65 -5.12 1.46
N ILE A 313 33.72 -4.00 0.75
CA ILE A 313 34.74 -2.98 1.04
C ILE A 313 34.09 -1.69 1.48
N GLY A 314 34.60 -1.11 2.56
CA GLY A 314 34.18 0.21 3.02
C GLY A 314 32.78 0.34 3.60
N MET A 315 32.23 -0.75 4.12
CA MET A 315 30.89 -0.73 4.69
C MET A 315 30.83 -0.27 6.16
N GLN A 316 31.99 -0.03 6.76
CA GLN A 316 32.10 0.49 8.12
C GLN A 316 31.78 1.99 8.08
N ASP A 317 31.39 2.57 9.21
CA ASP A 317 31.36 4.03 9.30
C ASP A 317 32.78 4.55 9.10
N GLN A 318 32.90 5.74 8.51
CA GLN A 318 34.21 6.22 8.05
C GLN A 318 34.74 7.43 8.81
N TRP A 319 35.63 7.16 9.78
CA TRP A 319 36.47 8.20 10.36
C TRP A 319 37.72 8.27 9.48
N TYR A 320 38.29 7.13 9.16
CA TYR A 320 39.32 7.04 8.15
C TYR A 320 38.60 6.75 6.89
N SER A 321 39.15 7.11 5.77
CA SER A 321 38.53 6.72 4.52
C SER A 321 39.38 5.94 3.55
N PHE A 322 40.08 6.64 2.70
CA PHE A 322 40.80 6.04 1.60
C PHE A 322 41.87 5.04 1.99
N ASN A 323 42.63 5.31 3.04
CA ASN A 323 43.59 4.36 3.60
C ASN A 323 42.95 3.06 4.12
N MET A 324 41.74 3.17 4.66
CA MET A 324 40.97 1.99 5.08
C MET A 324 40.59 1.10 3.90
N PHE A 325 40.23 1.70 2.76
CA PHE A 325 39.75 0.92 1.61
C PHE A 325 40.90 0.15 0.96
N ASP A 326 42.05 0.81 0.83
CA ASP A 326 43.28 0.15 0.40
C ASP A 326 43.60 -1.07 1.28
N ALA A 327 43.71 -0.85 2.59
CA ALA A 327 43.95 -1.94 3.55
C ALA A 327 42.98 -3.11 3.37
N GLN A 328 41.71 -2.80 3.13
CA GLN A 328 40.68 -3.81 2.94
C GLN A 328 40.81 -4.54 1.61
N ALA A 329 41.04 -3.77 0.54
CA ALA A 329 41.12 -4.31 -0.81
C ALA A 329 42.33 -5.22 -0.95
N TRP A 330 43.44 -4.78 -0.37
CA TRP A 330 44.67 -5.58 -0.32
C TRP A 330 44.42 -6.91 0.37
N TYR A 331 43.79 -6.87 1.54
CA TYR A 331 43.49 -8.09 2.28
C TYR A 331 42.61 -9.01 1.46
N ALA A 332 41.46 -8.50 1.01
CA ALA A 332 40.53 -9.25 0.19
C ALA A 332 41.23 -9.88 -1.00
N ARG A 333 42.07 -9.07 -1.66
CA ARG A 333 42.90 -9.53 -2.77
C ARG A 333 43.65 -10.79 -2.41
N ASP A 334 44.42 -10.72 -1.33
CA ASP A 334 45.26 -11.83 -0.89
C ASP A 334 44.44 -13.06 -0.50
N VAL A 335 43.23 -12.83 -0.01
CA VAL A 335 42.32 -13.91 0.38
C VAL A 335 41.86 -14.67 -0.86
N ILE A 336 41.52 -13.91 -1.90
CA ILE A 336 41.12 -14.48 -3.20
C ILE A 336 42.27 -15.27 -3.81
N MET A 337 43.47 -14.74 -3.71
CA MET A 337 44.63 -15.33 -4.37
C MET A 337 45.22 -16.54 -3.67
N GLY A 338 44.80 -16.80 -2.43
CA GLY A 338 45.31 -17.94 -1.67
C GLY A 338 46.53 -17.59 -0.83
N ARG A 339 46.88 -16.31 -0.81
CA ARG A 339 48.01 -15.82 -0.02
C ARG A 339 47.67 -15.78 1.47
N LEU A 340 46.39 -15.67 1.80
CA LEU A 340 45.91 -15.74 3.18
C LEU A 340 44.77 -16.75 3.30
N PRO A 341 45.02 -17.87 4.01
CA PRO A 341 43.94 -18.83 4.27
C PRO A 341 42.95 -18.33 5.31
N LEU A 342 41.67 -18.68 5.13
CA LEU A 342 40.61 -18.32 6.05
C LEU A 342 40.42 -19.39 7.13
N PRO A 343 40.11 -18.97 8.37
CA PRO A 343 39.76 -19.90 9.44
C PRO A 343 38.36 -20.47 9.26
N SER A 344 37.99 -21.41 10.11
CA SER A 344 36.66 -22.00 10.10
C SER A 344 35.60 -20.94 10.40
N LYS A 345 34.37 -21.21 9.99
CA LYS A 345 33.25 -20.31 10.20
C LYS A 345 33.12 -19.83 11.65
N GLU A 346 33.11 -20.77 12.60
CA GLU A 346 32.95 -20.43 14.02
C GLU A 346 34.13 -19.62 14.57
N GLU A 347 35.30 -19.82 13.99
CA GLU A 347 36.49 -19.05 14.36
C GLU A 347 36.42 -17.62 13.83
N MET A 348 35.90 -17.47 12.60
CA MET A 348 35.66 -16.15 12.01
C MET A 348 34.66 -15.36 12.87
N LYS A 349 33.63 -16.07 13.33
CA LYS A 349 32.56 -15.47 14.12
C LYS A 349 33.05 -15.03 15.50
N ALA A 350 33.93 -15.83 16.09
CA ALA A 350 34.50 -15.52 17.39
C ALA A 350 35.37 -14.27 17.30
N ASP A 351 36.18 -14.21 16.23
CA ASP A 351 36.97 -13.02 15.94
C ASP A 351 36.10 -11.78 15.79
N SER A 352 35.06 -11.90 14.99
CA SER A 352 34.11 -10.80 14.81
C SER A 352 33.48 -10.36 16.13
N MET A 353 33.02 -11.33 16.93
CA MET A 353 32.43 -11.05 18.23
C MET A 353 33.35 -10.21 19.12
N ALA A 354 34.64 -10.54 19.12
CA ALA A 354 35.65 -9.76 19.84
C ALA A 354 35.65 -8.29 19.39
N TRP A 355 35.73 -8.09 18.08
CA TRP A 355 35.70 -6.75 17.50
C TRP A 355 34.46 -5.96 17.88
N ARG A 356 33.32 -6.62 17.92
CA ARG A 356 32.07 -6.00 18.34
C ARG A 356 32.08 -5.65 19.84
N GLU A 357 32.43 -6.63 20.67
CA GLU A 357 32.53 -6.39 22.12
C GLU A 357 33.38 -5.17 22.46
N LYS A 358 34.46 -4.98 21.72
CA LYS A 358 35.31 -3.80 21.86
C LYS A 358 34.64 -2.53 21.32
N GLU A 359 33.92 -2.64 20.20
CA GLU A 359 33.19 -1.51 19.62
C GLU A 359 32.13 -0.96 20.58
N LEU A 360 31.53 -1.84 21.37
CA LEU A 360 30.45 -1.47 22.28
C LEU A 360 30.95 -0.63 23.47
N THR A 361 32.25 -0.78 23.79
CA THR A 361 32.88 -0.06 24.89
C THR A 361 33.19 1.41 24.54
N LEU A 362 33.30 1.71 23.24
CA LEU A 362 33.74 3.04 22.80
C LEU A 362 32.77 4.16 23.16
N VAL A 363 33.31 5.23 23.76
CA VAL A 363 32.51 6.41 24.12
C VAL A 363 32.98 7.68 23.41
N THR A 364 34.26 8.01 23.55
CA THR A 364 34.79 9.28 23.04
C THR A 364 35.09 9.25 21.55
N ALA A 365 35.34 10.42 20.97
CA ALA A 365 35.83 10.53 19.59
C ALA A 365 37.18 9.86 19.48
N GLU A 366 38.03 10.10 20.48
CA GLU A 366 39.40 9.58 20.50
C GLU A 366 39.49 8.07 20.56
N GLU A 367 38.55 7.42 21.24
CA GLU A 367 38.54 5.97 21.30
C GLU A 367 38.15 5.40 19.93
N MET A 368 37.24 6.10 19.26
CA MET A 368 36.68 5.65 17.98
C MET A 368 37.67 5.63 16.81
N TYR A 369 38.38 6.73 16.55
CA TYR A 369 39.41 6.64 15.53
CA TYR A 369 39.51 6.76 15.61
C TYR A 369 40.53 5.67 15.93
N THR A 370 40.99 5.69 17.18
CA THR A 370 42.03 4.77 17.65
C THR A 370 41.62 3.32 17.36
N TYR A 371 40.37 2.99 17.67
CA TYR A 371 39.77 1.70 17.29
C TYR A 371 39.82 1.43 15.78
N GLN A 372 39.47 2.41 14.95
CA GLN A 372 39.51 2.21 13.50
C GLN A 372 40.96 2.16 13.02
N GLY A 373 41.80 3.04 13.58
CA GLY A 373 43.24 2.98 13.39
C GLY A 373 43.70 1.55 13.61
N ASP A 374 43.39 1.03 14.80
CA ASP A 374 43.73 -0.32 15.20
C ASP A 374 43.26 -1.41 14.23
N TYR A 375 42.05 -1.23 13.70
CA TYR A 375 41.51 -2.14 12.69
C TYR A 375 42.37 -2.14 11.43
N ILE A 376 42.63 -0.94 10.90
CA ILE A 376 43.43 -0.77 9.68
C ILE A 376 44.85 -1.32 9.88
N GLN A 377 45.44 -1.06 11.04
CA GLN A 377 46.75 -1.62 11.40
C GLN A 377 46.74 -3.16 11.25
N ASN A 378 45.71 -3.79 11.81
CA ASN A 378 45.50 -5.25 11.73
C ASN A 378 45.46 -5.78 10.30
N LEU A 379 44.81 -5.04 9.40
CA LEU A 379 44.73 -5.43 7.99
C LEU A 379 46.08 -5.28 7.29
N ILE A 380 46.74 -4.14 7.53
CA ILE A 380 48.01 -3.83 6.90
C ILE A 380 49.14 -4.80 7.28
N ASP A 381 49.17 -5.24 8.55
CA ASP A 381 50.16 -6.22 9.03
C ASP A 381 50.16 -7.55 8.26
N MET A 382 49.07 -7.83 7.55
CA MET A 382 48.90 -9.11 6.87
C MET A 382 49.22 -9.09 5.37
N THR A 383 49.47 -7.90 4.82
CA THR A 383 49.73 -7.79 3.38
C THR A 383 51.03 -7.04 3.08
N ASP A 384 51.36 -6.96 1.79
CA ASP A 384 52.52 -6.20 1.32
C ASP A 384 52.21 -4.71 1.24
N TYR A 385 50.96 -4.35 1.51
CA TYR A 385 50.55 -2.94 1.55
C TYR A 385 51.42 -2.18 2.56
N PRO A 386 51.89 -0.99 2.18
CA PRO A 386 52.82 -0.27 3.05
C PRO A 386 52.13 0.29 4.29
N SER A 387 52.77 0.15 5.45
CA SER A 387 52.22 0.71 6.67
C SER A 387 52.44 2.23 6.70
N PHE A 388 51.69 2.91 7.56
CA PHE A 388 51.80 4.36 7.68
C PHE A 388 51.54 4.79 9.12
N ASP A 389 51.91 6.02 9.47
CA ASP A 389 51.81 6.50 10.85
C ASP A 389 50.35 6.68 11.27
N ILE A 390 49.76 5.60 11.79
CA ILE A 390 48.35 5.61 12.22
C ILE A 390 48.14 6.42 13.51
N PRO A 391 48.98 6.20 14.55
CA PRO A 391 48.82 6.99 15.78
C PRO A 391 48.94 8.50 15.52
N ALA A 392 49.81 8.90 14.61
CA ALA A 392 49.98 10.31 14.28
C ALA A 392 48.82 10.83 13.44
N THR A 393 48.25 9.95 12.62
CA THR A 393 47.03 10.25 11.88
C THR A 393 45.86 10.48 12.85
N ASN A 394 45.76 9.65 13.89
CA ASN A 394 44.79 9.86 14.97
C ASN A 394 44.98 11.22 15.63
N LYS A 395 46.23 11.56 15.92
CA LYS A 395 46.57 12.79 16.64
C LYS A 395 46.14 14.02 15.84
N THR A 396 46.30 13.92 14.52
CA THR A 396 45.89 14.97 13.60
C THR A 396 44.36 15.08 13.58
N PHE A 397 43.68 13.93 13.59
CA PHE A 397 42.23 13.88 13.70
C PHE A 397 41.78 14.60 14.96
N LEU A 398 42.45 14.32 16.08
CA LEU A 398 42.17 14.94 17.38
C LEU A 398 42.33 16.45 17.34
N GLU A 399 43.38 16.90 16.66
CA GLU A 399 43.67 18.33 16.52
C GLU A 399 42.59 19.02 15.70
N TRP A 400 42.12 18.33 14.66
CA TRP A 400 41.05 18.83 13.78
C TRP A 400 39.72 18.97 14.53
N LYS A 401 39.48 18.05 15.46
CA LYS A 401 38.25 18.06 16.27
C LYS A 401 38.31 19.13 17.35
N HIS A 402 39.53 19.49 17.76
CA HIS A 402 39.77 20.57 18.69
C HIS A 402 39.52 21.93 18.02
N HIS A 403 39.91 22.04 16.75
CA HIS A 403 39.71 23.27 15.99
C HIS A 403 38.23 23.51 15.69
N LYS A 404 37.50 22.42 15.45
CA LYS A 404 36.05 22.48 15.27
C LYS A 404 35.36 23.04 16.51
N LYS A 405 35.82 22.62 17.69
CA LYS A 405 35.23 23.06 18.96
C LYS A 405 35.65 24.50 19.31
N GLU A 406 36.89 24.86 18.93
CA GLU A 406 37.38 26.24 19.02
C GLU A 406 36.48 27.20 18.22
N ASN A 407 36.39 26.96 16.92
CA ASN A 407 35.56 27.75 16.02
C ASN A 407 35.16 26.96 14.77
N ILE A 408 33.86 26.68 14.65
CA ILE A 408 33.33 25.85 13.57
C ILE A 408 33.40 26.49 12.17
N MET A 409 33.61 27.80 12.11
CA MET A 409 33.74 28.51 10.84
C MET A 409 35.18 28.65 10.31
N THR A 410 36.17 28.48 11.18
CA THR A 410 37.58 28.71 10.82
C THR A 410 38.48 27.47 10.84
N PHE A 411 37.88 26.29 11.06
CA PHE A 411 38.67 25.06 11.17
C PHE A 411 39.34 24.65 9.86
N ARG A 412 38.74 25.06 8.74
CA ARG A 412 39.27 24.75 7.41
C ARG A 412 40.46 25.63 7.01
N ASP A 413 40.67 26.73 7.74
CA ASP A 413 41.84 27.59 7.49
C ASP A 413 43.13 27.03 8.10
N HIS A 414 42.98 26.16 9.10
CA HIS A 414 44.11 25.57 9.83
C HIS A 414 44.96 24.62 8.99
N SER A 415 46.17 24.34 9.44
CA SER A 415 47.11 23.53 8.68
C SER A 415 47.69 22.36 9.44
N TYR A 416 48.09 21.32 8.71
CA TYR A 416 48.56 20.06 9.27
C TYR A 416 49.72 19.47 8.50
N ARG A 417 50.42 18.55 9.11
CA ARG A 417 51.62 17.94 8.56
C ARG A 417 51.41 16.59 7.94
N SER A 418 51.94 16.37 6.75
CA SER A 418 51.81 15.09 6.11
C SER A 418 52.52 14.06 6.88
N LEU A 419 51.91 12.92 7.03
CA LEU A 419 52.52 11.85 7.73
C LEU A 419 53.18 10.95 6.74
N MET A 420 53.17 11.34 5.49
CA MET A 420 53.90 10.64 4.48
C MET A 420 55.25 11.25 4.23
N THR A 421 55.32 12.55 4.35
CA THR A 421 56.51 13.29 4.03
C THR A 421 56.95 14.20 5.11
N GLY A 422 56.06 14.55 6.00
CA GLY A 422 56.38 15.45 7.06
C GLY A 422 56.34 16.90 6.68
N THR A 423 55.99 17.18 5.43
CA THR A 423 55.89 18.57 4.98
C THR A 423 54.65 19.23 5.53
N MET A 424 54.81 20.41 6.12
CA MET A 424 53.73 21.13 6.70
C MET A 424 53.00 21.85 5.57
N ALA A 425 51.69 21.75 5.52
CA ALA A 425 50.90 22.40 4.49
C ALA A 425 50.83 23.87 4.74
N PRO A 426 50.94 24.65 3.69
CA PRO A 426 50.85 26.09 3.90
C PRO A 426 49.43 26.53 4.22
N LYS A 427 49.28 27.79 4.63
CA LYS A 427 47.95 28.39 4.77
C LYS A 427 47.48 28.82 3.38
N HIS A 428 46.22 28.54 3.08
CA HIS A 428 45.65 28.86 1.78
C HIS A 428 45.62 30.37 1.54
N HIS A 429 45.75 30.77 0.27
CA HIS A 429 45.77 32.19 -0.12
C HIS A 429 44.50 32.95 0.29
N THR A 430 43.35 32.27 0.26
CA THR A 430 42.07 32.86 0.62
C THR A 430 41.42 32.09 1.79
N PRO A 431 41.00 32.81 2.85
CA PRO A 431 40.28 32.20 3.97
C PRO A 431 39.00 31.53 3.52
N TRP A 432 38.56 30.52 4.27
CA TRP A 432 37.41 29.71 3.85
C TRP A 432 36.17 30.55 3.58
N ILE A 433 35.81 31.40 4.54
CA ILE A 433 34.57 32.16 4.50
C ILE A 433 34.43 33.04 3.25
N ASP A 434 35.55 33.38 2.64
CA ASP A 434 35.57 34.27 1.47
C ASP A 434 35.92 33.56 0.17
N ALA A 435 36.36 32.31 0.29
CA ALA A 435 36.72 31.52 -0.88
C ALA A 435 35.48 30.97 -1.57
N LEU A 436 34.78 31.84 -2.30
CA LEU A 436 33.54 31.46 -2.97
C LEU A 436 33.76 30.56 -4.18
N ASP A 437 34.84 30.80 -4.93
CA ASP A 437 35.16 29.99 -6.09
C ASP A 437 35.50 28.56 -5.68
N ASP A 438 34.72 27.64 -6.22
CA ASP A 438 34.75 26.22 -5.92
C ASP A 438 35.95 25.52 -6.56
N SER A 439 36.49 26.13 -7.62
CA SER A 439 37.30 25.42 -8.61
C SER A 439 38.74 25.09 -8.22
N LEU A 440 39.27 24.07 -8.89
CA LEU A 440 40.65 23.63 -8.77
C LEU A 440 41.61 24.69 -9.27
N GLU A 441 41.26 25.33 -10.38
CA GLU A 441 42.10 26.33 -11.02
C GLU A 441 42.30 27.53 -10.08
N ALA A 442 41.22 27.93 -9.42
CA ALA A 442 41.26 29.01 -8.44
C ALA A 442 41.96 28.59 -7.14
N TYR A 443 41.92 27.30 -6.84
CA TYR A 443 42.72 26.70 -5.76
C TYR A 443 44.22 26.56 -6.06
N LEU A 444 44.58 26.13 -7.24
CA LEU A 444 45.98 26.02 -7.58
C LEU A 444 46.59 27.25 -8.25
N SER A 445 46.65 28.37 -7.56
CA SER A 445 47.14 29.62 -8.13
C SER A 445 47.20 30.67 -7.06
N ASP A 446 47.38 31.93 -7.43
CA ASP A 446 47.65 32.97 -6.44
C ASP A 446 46.66 34.04 -6.02
N LYS A 447 45.54 34.14 -6.69
CA LYS A 447 44.51 35.12 -6.35
C LYS A 447 43.67 34.64 -5.15
N ALA B 2 -5.19 -24.17 -7.21
CA ALA B 2 -3.83 -24.62 -7.64
C ALA B 2 -3.14 -23.57 -8.51
N THR B 3 -3.91 -22.89 -9.38
CA THR B 3 -3.35 -21.80 -10.18
C THR B 3 -3.12 -20.58 -9.29
N ARG B 4 -1.93 -20.00 -9.38
CA ARG B 4 -1.57 -18.82 -8.58
C ARG B 4 -1.12 -17.65 -9.45
N ILE B 5 -1.68 -16.48 -9.16
CA ILE B 5 -1.45 -15.29 -9.97
C ILE B 5 -0.70 -14.22 -9.18
N ALA B 6 0.28 -13.60 -9.83
CA ALA B 6 1.01 -12.49 -9.25
C ALA B 6 0.59 -11.22 -9.95
N ILE B 7 0.11 -10.26 -9.17
CA ILE B 7 -0.23 -8.95 -9.69
C ILE B 7 0.76 -7.96 -9.12
N LEU B 8 1.47 -7.28 -10.02
CA LEU B 8 2.53 -6.38 -9.66
C LEU B 8 2.00 -4.96 -9.68
N GLY B 9 1.85 -4.38 -8.50
CA GLY B 9 1.36 -3.01 -8.38
C GLY B 9 -0.11 -2.97 -7.97
N ALA B 10 -0.46 -1.96 -7.18
CA ALA B 10 -1.86 -1.74 -6.79
C ALA B 10 -2.26 -0.30 -7.06
N GLY B 11 -1.90 0.20 -8.24
CA GLY B 11 -2.48 1.42 -8.78
C GLY B 11 -3.85 1.09 -9.38
N PRO B 12 -4.42 1.99 -10.20
CA PRO B 12 -5.69 1.70 -10.85
C PRO B 12 -5.69 0.35 -11.58
N SER B 13 -4.66 0.08 -12.38
CA SER B 13 -4.49 -1.20 -13.10
C SER B 13 -4.53 -2.43 -12.20
N GLY B 14 -3.74 -2.42 -11.13
CA GLY B 14 -3.68 -3.53 -10.18
C GLY B 14 -5.00 -3.70 -9.46
N MET B 15 -5.62 -2.57 -9.13
CA MET B 15 -6.95 -2.55 -8.53
C MET B 15 -7.98 -3.15 -9.47
N ALA B 16 -7.90 -2.77 -10.75
CA ALA B 16 -8.77 -3.29 -11.78
C ALA B 16 -8.61 -4.80 -11.92
N GLN B 17 -7.35 -5.26 -11.97
CA GLN B 17 -7.05 -6.69 -12.11
C GLN B 17 -7.69 -7.53 -10.99
N LEU B 18 -7.56 -7.05 -9.75
CA LEU B 18 -8.17 -7.70 -8.60
C LEU B 18 -9.68 -7.69 -8.73
N ARG B 19 -10.22 -6.52 -9.07
CA ARG B 19 -11.67 -6.33 -9.18
C ARG B 19 -12.27 -7.25 -10.25
N ALA B 20 -11.57 -7.39 -11.38
CA ALA B 20 -11.98 -8.29 -12.47
C ALA B 20 -12.13 -9.74 -11.99
N PHE B 21 -11.19 -10.19 -11.16
CA PHE B 21 -11.26 -11.54 -10.60
C PHE B 21 -12.38 -11.66 -9.57
N GLN B 22 -12.50 -10.66 -8.70
CA GLN B 22 -13.55 -10.63 -7.67
C GLN B 22 -14.93 -10.62 -8.33
N SER B 23 -15.04 -9.95 -9.47
CA SER B 23 -16.31 -9.84 -10.18
C SER B 23 -16.74 -11.18 -10.77
N ALA B 24 -15.77 -11.98 -11.20
CA ALA B 24 -16.03 -13.32 -11.69
C ALA B 24 -16.49 -14.26 -10.57
N GLN B 25 -15.89 -14.08 -9.40
CA GLN B 25 -16.20 -14.86 -8.21
C GLN B 25 -17.60 -14.55 -7.70
N GLU B 26 -17.95 -13.26 -7.63
CA GLU B 26 -19.28 -12.83 -7.22
C GLU B 26 -20.35 -13.46 -8.11
N LYS B 27 -20.02 -13.68 -9.38
CA LYS B 27 -20.95 -14.34 -10.31
C LYS B 27 -21.07 -15.85 -10.07
N GLY B 28 -20.13 -16.42 -9.34
CA GLY B 28 -20.19 -17.82 -8.93
C GLY B 28 -18.97 -18.65 -9.33
N ALA B 29 -18.14 -18.09 -10.20
CA ALA B 29 -16.99 -18.80 -10.73
C ALA B 29 -15.90 -19.01 -9.68
N GLU B 30 -15.16 -20.10 -9.85
CA GLU B 30 -13.96 -20.36 -9.08
C GLU B 30 -12.83 -19.55 -9.71
N ILE B 31 -12.13 -18.79 -8.88
CA ILE B 31 -11.01 -17.96 -9.34
C ILE B 31 -9.70 -18.49 -8.77
N PRO B 32 -8.58 -18.25 -9.47
CA PRO B 32 -7.26 -18.67 -8.99
C PRO B 32 -6.82 -17.88 -7.75
N GLU B 33 -5.78 -18.36 -7.07
CA GLU B 33 -5.25 -17.64 -5.90
C GLU B 33 -4.56 -16.36 -6.36
N LEU B 34 -4.78 -15.28 -5.61
CA LEU B 34 -4.28 -13.98 -6.00
C LEU B 34 -3.30 -13.45 -4.97
N VAL B 35 -2.20 -12.88 -5.44
CA VAL B 35 -1.26 -12.15 -4.59
C VAL B 35 -0.85 -10.87 -5.33
N CYS B 36 -1.03 -9.74 -4.65
CA CYS B 36 -0.67 -8.46 -5.21
C CYS B 36 0.48 -7.87 -4.40
N PHE B 37 1.57 -7.51 -5.08
CA PHE B 37 2.68 -6.82 -4.44
C PHE B 37 2.62 -5.31 -4.71
N GLU B 38 2.77 -4.52 -3.66
CA GLU B 38 2.80 -3.05 -3.76
C GLU B 38 3.86 -2.43 -2.85
N LYS B 39 4.76 -1.65 -3.46
CA LYS B 39 5.87 -1.06 -2.73
C LYS B 39 5.51 0.13 -1.85
N GLN B 40 4.34 0.72 -2.10
CA GLN B 40 3.85 1.80 -1.24
C GLN B 40 3.10 1.24 -0.04
N ALA B 41 2.74 2.12 0.89
CA ALA B 41 2.04 1.71 2.11
C ALA B 41 0.53 1.62 1.89
N ASP B 42 0.05 2.23 0.82
CA ASP B 42 -1.39 2.22 0.49
C ASP B 42 -1.62 2.15 -1.03
N TRP B 43 -2.87 1.96 -1.45
CA TRP B 43 -3.18 1.80 -2.87
C TRP B 43 -3.58 3.09 -3.56
N GLY B 44 -3.60 3.05 -4.88
CA GLY B 44 -4.02 4.19 -5.67
C GLY B 44 -2.95 4.62 -6.65
N GLY B 45 -1.78 3.99 -6.53
CA GLY B 45 -0.65 4.25 -7.39
C GLY B 45 -0.27 5.71 -7.47
N GLN B 46 -0.31 6.22 -8.70
CA GLN B 46 -0.02 7.60 -9.00
C GLN B 46 -0.88 8.51 -8.11
N TRP B 47 -2.13 8.11 -7.91
CA TRP B 47 -3.12 8.95 -7.24
C TRP B 47 -2.90 9.06 -5.73
N ASN B 48 -2.02 8.21 -5.20
CA ASN B 48 -1.60 8.31 -3.80
C ASN B 48 -0.53 9.38 -3.67
N TYR B 49 -0.88 10.47 -3.02
CA TYR B 49 0.04 11.58 -2.89
C TYR B 49 1.03 11.40 -1.75
N THR B 50 2.25 11.87 -1.98
CA THR B 50 3.27 11.95 -0.95
C THR B 50 4.11 13.22 -1.16
N TRP B 51 4.53 13.85 -0.07
CA TRP B 51 5.45 14.99 -0.11
C TRP B 51 6.84 14.62 -0.64
N ARG B 52 7.16 13.34 -0.58
CA ARG B 52 8.51 12.83 -0.86
C ARG B 52 8.89 12.90 -2.33
N THR B 53 10.20 12.96 -2.58
CA THR B 53 10.77 12.98 -3.93
C THR B 53 12.09 12.19 -3.94
N GLY B 54 12.44 11.65 -5.11
CA GLY B 54 13.66 10.87 -5.24
C GLY B 54 13.43 9.46 -4.75
N LEU B 55 13.86 9.19 -3.53
CA LEU B 55 13.69 7.88 -2.93
C LEU B 55 12.76 7.93 -1.72
N ASP B 56 12.00 6.86 -1.52
CA ASP B 56 11.00 6.81 -0.45
C ASP B 56 11.59 6.35 0.89
N GLU B 57 10.73 6.17 1.90
CA GLU B 57 11.13 5.78 3.26
C GLU B 57 11.97 4.49 3.34
N ASN B 58 11.81 3.60 2.37
CA ASN B 58 12.56 2.35 2.31
C ASN B 58 13.70 2.41 1.32
N GLY B 59 13.94 3.59 0.76
CA GLY B 59 14.96 3.77 -0.25
C GLY B 59 14.58 3.26 -1.63
N GLU B 60 13.28 3.04 -1.85
CA GLU B 60 12.80 2.72 -3.18
C GLU B 60 12.57 4.03 -3.92
N PRO B 61 12.71 4.03 -5.26
CA PRO B 61 12.37 5.24 -6.02
C PRO B 61 10.92 5.67 -5.75
N VAL B 62 10.73 6.96 -5.49
CA VAL B 62 9.39 7.51 -5.27
C VAL B 62 8.61 7.35 -6.56
N HIS B 63 7.49 6.63 -6.50
CA HIS B 63 6.67 6.30 -7.68
C HIS B 63 5.78 7.44 -8.18
N SER B 64 4.97 8.00 -7.27
CA SER B 64 4.02 9.05 -7.61
C SER B 64 4.68 10.31 -8.16
N SER B 65 4.26 10.70 -9.36
CA SER B 65 4.67 11.95 -10.01
C SER B 65 3.68 13.08 -9.70
N MET B 66 2.65 12.77 -8.91
CA MET B 66 1.57 13.73 -8.68
C MET B 66 1.89 14.83 -7.66
N TYR B 67 1.30 15.99 -7.89
CA TYR B 67 1.60 17.20 -7.13
C TYR B 67 0.37 17.71 -6.40
N ARG B 68 0.59 18.66 -5.50
CA ARG B 68 -0.51 19.35 -4.84
C ARG B 68 -1.35 20.08 -5.87
N TYR B 69 -2.64 20.19 -5.57
CA TYR B 69 -3.63 20.93 -6.37
C TYR B 69 -3.89 20.32 -7.74
N LEU B 70 -3.38 19.11 -7.98
CA LEU B 70 -3.69 18.38 -9.20
C LEU B 70 -5.18 18.06 -9.26
N TRP B 71 -5.83 18.49 -10.34
CA TRP B 71 -7.20 18.12 -10.66
C TRP B 71 -7.20 17.24 -11.90
N SER B 72 -8.29 16.50 -12.11
CA SER B 72 -8.42 15.64 -13.27
C SER B 72 -8.10 16.41 -14.55
N ASN B 73 -7.31 15.78 -15.41
CA ASN B 73 -6.82 16.37 -16.65
C ASN B 73 -7.90 16.36 -17.73
N GLY B 74 -8.73 15.33 -17.73
CA GLY B 74 -9.85 15.23 -18.65
C GLY B 74 -11.15 15.12 -17.87
N PRO B 75 -12.29 15.11 -18.60
CA PRO B 75 -13.59 14.86 -17.97
C PRO B 75 -13.57 13.56 -17.17
N LYS B 76 -14.10 13.58 -15.94
CA LYS B 76 -14.23 12.37 -15.15
C LYS B 76 -15.14 11.35 -15.85
N GLU B 77 -16.06 11.85 -16.69
CA GLU B 77 -16.98 11.01 -17.46
C GLU B 77 -16.21 10.14 -18.44
N CYS B 78 -15.02 10.60 -18.82
CA CYS B 78 -14.15 9.84 -19.69
C CYS B 78 -13.38 8.74 -18.97
N LEU B 79 -13.42 8.75 -17.64
CA LEU B 79 -12.69 7.76 -16.84
C LEU B 79 -13.59 7.02 -15.83
N GLU B 80 -14.90 7.16 -16.00
CA GLU B 80 -15.88 6.53 -15.11
C GLU B 80 -15.85 5.00 -15.27
N PHE B 81 -15.95 4.28 -14.16
CA PHE B 81 -16.06 2.83 -14.20
C PHE B 81 -17.43 2.45 -14.71
N ALA B 82 -17.48 1.46 -15.61
CA ALA B 82 -18.76 0.96 -16.11
C ALA B 82 -19.57 0.21 -15.05
N ASP B 83 -18.89 -0.30 -14.01
CA ASP B 83 -19.51 -1.16 -13.00
C ASP B 83 -19.60 -0.50 -11.63
N TYR B 84 -19.12 0.73 -11.54
CA TYR B 84 -19.08 1.46 -10.28
C TYR B 84 -19.04 2.94 -10.62
N THR B 85 -20.21 3.56 -10.56
CA THR B 85 -20.44 4.90 -11.10
C THR B 85 -20.19 5.99 -10.07
N PHE B 86 -20.04 7.23 -10.54
CA PHE B 86 -19.88 8.38 -9.65
C PHE B 86 -21.09 8.61 -8.76
N ASP B 87 -22.28 8.46 -9.36
CA ASP B 87 -23.55 8.49 -8.62
C ASP B 87 -23.55 7.49 -7.46
N GLU B 88 -23.08 6.27 -7.70
CA GLU B 88 -23.04 5.25 -6.65
C GLU B 88 -22.04 5.58 -5.52
N HIS B 89 -20.91 6.19 -5.86
CA HIS B 89 -19.85 6.42 -4.86
C HIS B 89 -20.07 7.67 -4.01
N PHE B 90 -20.35 8.81 -4.66
CA PHE B 90 -20.56 10.06 -3.94
C PHE B 90 -22.02 10.24 -3.51
N GLY B 91 -22.90 9.41 -4.06
CA GLY B 91 -24.33 9.46 -3.74
C GLY B 91 -25.01 10.73 -4.22
N LYS B 92 -24.28 11.50 -5.03
CA LYS B 92 -24.76 12.79 -5.53
C LYS B 92 -23.95 13.21 -6.77
N PRO B 93 -24.53 14.11 -7.59
CA PRO B 93 -23.77 14.76 -8.67
C PRO B 93 -22.58 15.59 -8.15
N ILE B 94 -21.45 15.50 -8.85
CA ILE B 94 -20.28 16.34 -8.59
C ILE B 94 -19.70 16.80 -9.92
N ALA B 95 -18.85 17.83 -9.91
CA ALA B 95 -18.36 18.44 -11.15
C ALA B 95 -17.50 17.49 -12.00
N SER B 96 -17.03 17.99 -13.14
CA SER B 96 -16.40 17.15 -14.15
C SER B 96 -14.88 16.95 -14.06
N TYR B 97 -14.22 17.76 -13.25
CA TYR B 97 -12.75 17.72 -13.12
C TYR B 97 -12.30 17.72 -11.64
N PRO B 98 -12.46 16.57 -10.95
CA PRO B 98 -12.24 16.59 -9.50
C PRO B 98 -10.75 16.54 -9.08
N PRO B 99 -10.40 17.21 -7.95
CA PRO B 99 -9.06 17.14 -7.37
C PRO B 99 -8.62 15.72 -7.15
N ARG B 100 -7.32 15.48 -7.24
CA ARG B 100 -6.73 14.16 -7.07
C ARG B 100 -7.31 13.37 -5.89
N GLU B 101 -7.44 14.01 -4.72
CA GLU B 101 -7.97 13.34 -3.53
C GLU B 101 -9.36 12.73 -3.77
N VAL B 102 -10.20 13.47 -4.48
CA VAL B 102 -11.56 13.06 -4.77
C VAL B 102 -11.58 11.84 -5.68
N LEU B 103 -10.78 11.88 -6.74
CA LEU B 103 -10.63 10.73 -7.65
C LEU B 103 -10.02 9.50 -6.97
N TRP B 104 -9.04 9.73 -6.09
CA TRP B 104 -8.40 8.68 -5.30
C TRP B 104 -9.41 8.03 -4.35
N ASP B 105 -10.23 8.84 -3.68
CA ASP B 105 -11.30 8.31 -2.83
C ASP B 105 -12.25 7.46 -3.66
N TYR B 106 -12.45 7.85 -4.92
CA TYR B 106 -13.35 7.15 -5.85
C TYR B 106 -12.83 5.78 -6.27
N ILE B 107 -11.56 5.70 -6.67
CA ILE B 107 -10.98 4.42 -7.11
C ILE B 107 -10.78 3.42 -5.96
N LYS B 108 -10.55 3.94 -4.76
CA LYS B 108 -10.42 3.13 -3.55
C LYS B 108 -11.77 2.58 -3.19
N GLY B 109 -12.80 3.43 -3.40
CA GLY B 109 -14.19 3.05 -3.17
C GLY B 109 -14.51 1.72 -3.81
N ARG B 110 -14.29 1.62 -5.12
CA ARG B 110 -14.60 0.39 -5.86
C ARG B 110 -13.97 -0.83 -5.20
N VAL B 111 -12.68 -0.74 -4.87
CA VAL B 111 -11.95 -1.90 -4.35
C VAL B 111 -12.23 -2.19 -2.87
N GLU B 112 -12.63 -1.16 -2.12
CA GLU B 112 -13.07 -1.34 -0.75
C GLU B 112 -14.34 -2.18 -0.76
N LYS B 113 -15.29 -1.80 -1.61
CA LYS B 113 -16.54 -2.54 -1.78
C LYS B 113 -16.27 -3.98 -2.24
N ALA B 114 -15.40 -4.13 -3.22
CA ALA B 114 -14.96 -5.45 -3.68
C ALA B 114 -14.40 -6.31 -2.54
N GLY B 115 -13.72 -5.69 -1.58
CA GLY B 115 -13.07 -6.40 -0.50
C GLY B 115 -11.73 -7.02 -0.88
N VAL B 116 -11.09 -6.48 -1.93
CA VAL B 116 -9.87 -7.07 -2.48
C VAL B 116 -8.57 -6.70 -1.77
N ARG B 117 -8.63 -5.81 -0.78
CA ARG B 117 -7.43 -5.40 -0.05
C ARG B 117 -6.61 -6.57 0.51
N LYS B 118 -7.29 -7.66 0.88
CA LYS B 118 -6.65 -8.80 1.53
C LYS B 118 -5.66 -9.57 0.66
N TYR B 119 -5.67 -9.30 -0.65
CA TYR B 119 -4.76 -9.97 -1.58
C TYR B 119 -3.47 -9.20 -1.75
N ILE B 120 -3.44 -7.97 -1.27
CA ILE B 120 -2.29 -7.11 -1.44
C ILE B 120 -1.28 -7.21 -0.29
N ARG B 121 0.00 -7.23 -0.66
CA ARG B 121 1.09 -7.16 0.28
C ARG B 121 1.79 -5.85 0.06
N PHE B 122 1.57 -4.91 0.97
CA PHE B 122 2.08 -3.55 0.85
C PHE B 122 3.52 -3.47 1.35
N ASN B 123 4.16 -2.33 1.10
CA ASN B 123 5.52 -2.07 1.59
C ASN B 123 6.44 -3.18 1.08
N THR B 124 6.07 -3.71 -0.08
CA THR B 124 6.75 -4.82 -0.71
C THR B 124 7.14 -4.43 -2.14
N ALA B 125 8.44 -4.46 -2.41
CA ALA B 125 8.96 -4.09 -3.72
C ALA B 125 9.37 -5.32 -4.52
N VAL B 126 8.82 -5.47 -5.72
CA VAL B 126 9.21 -6.57 -6.60
C VAL B 126 10.65 -6.37 -7.08
N ARG B 127 11.50 -7.37 -6.84
CA ARG B 127 12.92 -7.33 -7.19
C ARG B 127 13.19 -7.95 -8.55
N HIS B 128 12.62 -9.13 -8.77
CA HIS B 128 12.88 -9.90 -9.97
C HIS B 128 11.70 -10.81 -10.25
N VAL B 129 11.38 -10.94 -11.53
CA VAL B 129 10.45 -11.95 -12.02
C VAL B 129 11.21 -12.78 -13.04
N GLU B 130 11.15 -14.11 -12.88
CA GLU B 130 11.85 -15.01 -13.80
C GLU B 130 11.02 -16.25 -14.11
N PHE B 131 11.00 -16.64 -15.39
CA PHE B 131 10.21 -17.78 -15.84
C PHE B 131 11.04 -19.06 -15.87
N ASN B 132 10.48 -20.13 -15.32
CA ASN B 132 11.14 -21.42 -15.27
C ASN B 132 10.66 -22.36 -16.37
N GLU B 133 11.59 -22.80 -17.21
CA GLU B 133 11.25 -23.66 -18.34
C GLU B 133 10.73 -25.02 -17.88
N ASP B 134 11.50 -25.67 -17.00
CA ASP B 134 11.14 -26.98 -16.44
C ASP B 134 9.78 -26.96 -15.73
N SER B 135 9.56 -25.92 -14.92
CA SER B 135 8.37 -25.82 -14.07
C SER B 135 7.19 -25.24 -14.82
N GLN B 136 7.48 -24.49 -15.88
CA GLN B 136 6.50 -23.68 -16.62
C GLN B 136 5.79 -22.64 -15.73
N THR B 137 6.50 -22.23 -14.67
CA THR B 137 6.01 -21.26 -13.71
C THR B 137 7.00 -20.11 -13.57
N PHE B 138 6.56 -19.04 -12.90
CA PHE B 138 7.39 -17.86 -12.69
C PHE B 138 7.85 -17.81 -11.24
N THR B 139 9.12 -17.49 -11.05
CA THR B 139 9.66 -17.26 -9.72
C THR B 139 9.66 -15.77 -9.46
N VAL B 140 8.88 -15.32 -8.48
CA VAL B 140 8.80 -13.89 -8.16
C VAL B 140 9.47 -13.61 -6.82
N THR B 141 10.51 -12.79 -6.87
CA THR B 141 11.29 -12.41 -5.71
C THR B 141 10.99 -10.97 -5.33
N VAL B 142 10.65 -10.76 -4.05
CA VAL B 142 10.28 -9.44 -3.57
C VAL B 142 11.11 -9.08 -2.36
N GLN B 143 11.09 -7.79 -1.98
CA GLN B 143 11.69 -7.36 -0.72
C GLN B 143 10.62 -6.78 0.18
N ASP B 144 10.35 -7.47 1.29
CA ASP B 144 9.37 -7.00 2.26
C ASP B 144 10.01 -6.00 3.23
N HIS B 145 9.65 -4.72 3.08
CA HIS B 145 10.32 -3.65 3.85
C HIS B 145 9.78 -3.51 5.27
N THR B 146 8.66 -4.15 5.54
CA THR B 146 8.14 -4.24 6.89
C THR B 146 8.94 -5.27 7.69
N THR B 147 9.33 -6.37 7.05
CA THR B 147 10.09 -7.42 7.72
C THR B 147 11.58 -7.35 7.42
N ASP B 148 11.96 -6.46 6.49
CA ASP B 148 13.34 -6.40 5.97
C ASP B 148 13.85 -7.76 5.48
N THR B 149 12.97 -8.52 4.84
CA THR B 149 13.35 -9.84 4.32
C THR B 149 13.12 -9.90 2.83
N ILE B 150 13.93 -10.70 2.15
CA ILE B 150 13.72 -10.94 0.73
C ILE B 150 13.31 -12.40 0.55
N TYR B 151 12.24 -12.62 -0.21
CA TYR B 151 11.74 -13.97 -0.43
C TYR B 151 11.19 -14.16 -1.85
N SER B 152 10.93 -15.41 -2.20
CA SER B 152 10.31 -15.72 -3.48
C SER B 152 9.16 -16.72 -3.33
N GLU B 153 8.21 -16.62 -4.25
CA GLU B 153 7.08 -17.53 -4.35
C GLU B 153 6.89 -17.84 -5.84
N GLU B 154 6.21 -18.95 -6.13
CA GLU B 154 5.96 -19.36 -7.52
C GLU B 154 4.53 -19.03 -7.95
N PHE B 155 4.40 -18.53 -9.19
CA PHE B 155 3.12 -18.16 -9.76
C PHE B 155 2.99 -18.68 -11.20
N ASP B 156 1.80 -19.13 -11.59
CA ASP B 156 1.57 -19.68 -12.93
C ASP B 156 1.43 -18.59 -13.99
N TYR B 157 0.93 -17.43 -13.56
CA TYR B 157 0.78 -16.26 -14.43
C TYR B 157 1.24 -15.02 -13.67
N VAL B 158 1.76 -14.03 -14.40
CA VAL B 158 2.12 -12.75 -13.80
C VAL B 158 1.46 -11.62 -14.59
N VAL B 159 0.94 -10.64 -13.86
CA VAL B 159 0.31 -9.47 -14.45
C VAL B 159 0.99 -8.22 -13.95
N CYS B 160 1.72 -7.58 -14.86
CA CYS B 160 2.52 -6.41 -14.55
C CYS B 160 1.70 -5.12 -14.68
N CYS B 161 1.49 -4.45 -13.55
CA CYS B 161 0.72 -3.21 -13.49
C CYS B 161 1.52 -2.10 -12.82
N THR B 162 2.80 -2.00 -13.16
CA THR B 162 3.70 -1.07 -12.47
C THR B 162 3.75 0.35 -13.05
N GLY B 163 3.04 0.56 -14.15
CA GLY B 163 2.94 1.90 -14.74
C GLY B 163 4.13 2.24 -15.60
N HIS B 164 4.06 3.37 -16.29
CA HIS B 164 5.18 3.85 -17.12
C HIS B 164 5.34 5.37 -17.14
N PHE B 165 4.80 6.04 -16.12
CA PHE B 165 5.00 7.48 -15.93
C PHE B 165 5.68 7.77 -14.60
N SER B 166 6.68 6.97 -14.23
CA SER B 166 7.30 7.11 -12.91
C SER B 166 8.81 7.28 -12.95
N THR B 167 9.44 6.59 -13.89
CA THR B 167 10.88 6.70 -14.11
C THR B 167 11.15 7.75 -15.19
N PRO B 168 11.70 8.91 -14.79
CA PRO B 168 11.84 10.10 -15.65
C PRO B 168 12.91 10.01 -16.73
N TYR B 169 12.60 10.63 -17.88
CA TYR B 169 13.58 10.90 -18.91
C TYR B 169 14.10 12.31 -18.63
N VAL B 170 15.35 12.40 -18.20
CA VAL B 170 15.92 13.66 -17.74
C VAL B 170 17.13 14.05 -18.60
N PRO B 171 16.90 14.75 -19.73
CA PRO B 171 18.02 15.18 -20.55
C PRO B 171 18.82 16.29 -19.87
N GLU B 172 20.10 16.36 -20.23
CA GLU B 172 21.02 17.36 -19.68
C GLU B 172 21.19 18.49 -20.69
N PHE B 173 21.39 19.70 -20.17
CA PHE B 173 21.66 20.86 -21.02
C PHE B 173 22.94 21.56 -20.57
N GLU B 174 23.59 22.24 -21.51
CA GLU B 174 24.85 22.91 -21.26
C GLU B 174 24.72 24.01 -20.20
N GLY B 175 25.58 23.94 -19.18
CA GLY B 175 25.61 24.92 -18.10
C GLY B 175 24.83 24.49 -16.88
N PHE B 176 24.14 23.36 -16.96
CA PHE B 176 23.35 22.81 -15.84
C PHE B 176 24.15 22.66 -14.55
N GLU B 177 25.43 22.34 -14.71
CA GLU B 177 26.37 22.15 -13.62
C GLU B 177 26.70 23.48 -12.92
N LYS B 178 26.52 24.59 -13.64
CA LYS B 178 26.85 25.93 -13.14
C LYS B 178 25.65 26.78 -12.74
N PHE B 179 24.45 26.36 -13.15
CA PHE B 179 23.20 27.11 -12.90
C PHE B 179 22.84 27.20 -11.42
N GLY B 180 22.53 28.42 -10.97
CA GLY B 180 22.33 28.71 -9.54
C GLY B 180 20.94 28.52 -8.95
N GLY B 181 20.03 27.96 -9.73
CA GLY B 181 18.65 27.75 -9.28
C GLY B 181 18.23 26.29 -9.27
N ARG B 182 16.96 26.05 -9.01
CA ARG B 182 16.44 24.69 -8.94
C ARG B 182 16.25 24.07 -10.33
N ILE B 183 16.79 22.86 -10.50
CA ILE B 183 16.46 22.02 -11.66
C ILE B 183 15.90 20.69 -11.19
N LEU B 184 14.63 20.47 -11.50
CA LEU B 184 13.91 19.25 -11.16
C LEU B 184 13.19 18.72 -12.39
N HIS B 185 12.83 17.44 -12.38
CA HIS B 185 11.97 16.88 -13.43
C HIS B 185 10.51 17.04 -12.99
N ALA B 186 9.57 16.91 -13.92
CA ALA B 186 8.15 16.97 -13.57
C ALA B 186 7.80 15.95 -12.48
N HIS B 187 8.48 14.81 -12.52
CA HIS B 187 8.39 13.78 -11.50
C HIS B 187 8.59 14.28 -10.07
N ASP B 188 9.37 15.34 -9.89
CA ASP B 188 9.70 15.87 -8.55
C ASP B 188 8.85 17.08 -8.13
N PHE B 189 8.11 17.65 -9.07
CA PHE B 189 7.28 18.82 -8.80
C PHE B 189 6.17 18.44 -7.83
N ARG B 190 6.03 19.22 -6.76
CA ARG B 190 5.05 18.91 -5.71
C ARG B 190 4.17 20.09 -5.33
N ASP B 191 4.78 21.25 -5.10
CA ASP B 191 4.08 22.41 -4.59
C ASP B 191 4.37 23.65 -5.43
N ALA B 192 3.33 24.21 -6.04
CA ALA B 192 3.48 25.40 -6.89
C ALA B 192 3.73 26.68 -6.08
N LEU B 193 3.32 26.68 -4.80
CA LEU B 193 3.59 27.80 -3.90
C LEU B 193 5.08 28.11 -3.79
N GLU B 194 5.91 27.07 -3.89
CA GLU B 194 7.38 27.21 -3.86
C GLU B 194 7.90 28.18 -4.93
N PHE B 195 7.09 28.38 -5.97
CA PHE B 195 7.50 29.15 -7.14
C PHE B 195 6.75 30.48 -7.23
N LYS B 196 6.12 30.85 -6.11
CA LYS B 196 5.44 32.14 -5.98
C LYS B 196 6.45 33.25 -6.20
N ASP B 197 6.08 34.21 -7.05
CA ASP B 197 6.91 35.38 -7.37
C ASP B 197 8.22 35.02 -8.08
N LYS B 198 8.28 33.79 -8.57
CA LYS B 198 9.48 33.25 -9.23
C LYS B 198 9.27 33.09 -10.73
N THR B 199 10.38 33.18 -11.48
CA THR B 199 10.35 32.95 -12.92
C THR B 199 10.76 31.51 -13.20
N VAL B 200 9.83 30.74 -13.79
CA VAL B 200 9.99 29.31 -13.97
C VAL B 200 10.05 28.91 -15.45
N LEU B 201 11.07 28.12 -15.79
CA LEU B 201 11.22 27.60 -17.15
C LEU B 201 10.67 26.17 -17.25
N LEU B 202 9.72 25.98 -18.16
CA LEU B 202 9.11 24.69 -18.41
C LEU B 202 9.65 24.12 -19.69
N VAL B 203 10.49 23.08 -19.59
CA VAL B 203 11.11 22.49 -20.76
C VAL B 203 10.34 21.25 -21.23
N GLY B 204 10.14 21.15 -22.53
CA GLY B 204 9.53 19.97 -23.12
C GLY B 204 8.03 20.09 -23.35
N SER B 205 7.49 19.13 -24.08
CA SER B 205 6.08 19.13 -24.43
C SER B 205 5.40 17.81 -24.10
N SER B 206 4.82 17.74 -22.92
CA SER B 206 3.88 16.68 -22.56
C SER B 206 2.67 17.30 -21.88
N SER B 207 1.75 16.46 -21.42
CA SER B 207 0.49 16.96 -20.88
C SER B 207 0.63 17.59 -19.49
N SER B 208 1.70 17.22 -18.80
CA SER B 208 1.97 17.74 -17.46
C SER B 208 2.67 19.09 -17.53
N ALA B 209 3.37 19.34 -18.63
CA ALA B 209 3.95 20.65 -18.91
C ALA B 209 2.85 21.71 -18.87
N GLU B 210 1.76 21.44 -19.59
CA GLU B 210 0.60 22.31 -19.61
C GLU B 210 0.03 22.56 -18.22
N ASP B 211 -0.19 21.48 -17.48
CA ASP B 211 -0.80 21.61 -16.16
C ASP B 211 0.14 22.20 -15.09
N ILE B 212 1.39 21.70 -15.04
CA ILE B 212 2.37 22.19 -14.08
C ILE B 212 2.51 23.72 -14.18
N GLY B 213 2.67 24.20 -15.41
CA GLY B 213 2.70 25.63 -15.69
C GLY B 213 1.45 26.35 -15.21
N SER B 214 0.29 25.73 -15.43
CA SER B 214 -0.99 26.29 -14.98
C SER B 214 -1.06 26.41 -13.47
N GLN B 215 -0.57 25.38 -12.75
CA GLN B 215 -0.55 25.41 -11.29
C GLN B 215 0.36 26.51 -10.77
N CYS B 216 1.53 26.63 -11.39
CA CYS B 216 2.49 27.69 -11.06
C CYS B 216 1.91 29.08 -11.37
N TYR B 217 1.17 29.19 -12.47
CA TYR B 217 0.48 30.44 -12.78
C TYR B 217 -0.61 30.75 -11.76
N LYS B 218 -1.42 29.74 -11.45
CA LYS B 218 -2.53 29.86 -10.50
C LYS B 218 -2.06 30.27 -9.11
N TYR B 219 -0.91 29.75 -8.71
CA TYR B 219 -0.43 29.97 -7.35
C TYR B 219 0.55 31.13 -7.19
N GLY B 220 0.83 31.83 -8.29
CA GLY B 220 1.49 33.13 -8.22
C GLY B 220 2.91 33.29 -8.73
N ALA B 221 3.31 32.49 -9.72
CA ALA B 221 4.60 32.69 -10.37
C ALA B 221 4.62 34.05 -11.06
N LYS B 222 5.79 34.68 -11.13
CA LYS B 222 5.91 36.00 -11.75
C LYS B 222 5.83 35.85 -13.26
N LYS B 223 6.57 34.87 -13.78
CA LYS B 223 6.64 34.64 -15.21
C LYS B 223 6.85 33.16 -15.48
N LEU B 224 6.36 32.70 -16.63
CA LEU B 224 6.50 31.31 -17.03
C LEU B 224 6.88 31.22 -18.50
N ILE B 225 7.86 30.38 -18.79
CA ILE B 225 8.35 30.20 -20.15
C ILE B 225 8.29 28.74 -20.55
N SER B 226 7.60 28.47 -21.65
CA SER B 226 7.59 27.16 -22.26
C SER B 226 8.55 27.11 -23.44
N CYS B 227 9.33 26.04 -23.53
CA CYS B 227 10.21 25.83 -24.67
C CYS B 227 10.15 24.37 -25.10
N TYR B 228 9.90 24.13 -26.38
CA TYR B 228 9.79 22.76 -26.91
C TYR B 228 10.17 22.59 -28.37
N ARG B 229 10.29 21.32 -28.78
CA ARG B 229 10.77 20.99 -30.12
C ARG B 229 9.64 20.56 -31.05
N THR B 230 8.50 20.18 -30.47
CA THR B 230 7.36 19.67 -31.23
C THR B 230 6.55 20.81 -31.84
N ALA B 231 5.47 20.45 -32.52
CA ALA B 231 4.58 21.42 -33.16
C ALA B 231 3.95 22.35 -32.13
N PRO B 232 3.61 23.59 -32.53
CA PRO B 232 2.89 24.52 -31.65
C PRO B 232 1.63 23.90 -31.02
N MET B 233 1.37 24.23 -29.76
CA MET B 233 0.18 23.75 -29.05
C MET B 233 -1.07 24.56 -29.44
N GLY B 234 -0.84 25.80 -29.84
CA GLY B 234 -1.92 26.71 -30.24
C GLY B 234 -2.89 27.02 -29.11
N TYR B 235 -2.37 27.19 -27.90
CA TYR B 235 -3.16 27.61 -26.75
C TYR B 235 -2.94 29.10 -26.42
N LYS B 236 -4.00 29.77 -25.98
CA LYS B 236 -3.91 31.17 -25.57
C LYS B 236 -3.45 31.31 -24.11
N TRP B 237 -2.16 31.58 -23.94
CA TRP B 237 -1.56 31.71 -22.62
C TRP B 237 -1.71 33.12 -22.04
N PRO B 238 -1.76 33.23 -20.68
CA PRO B 238 -1.76 34.50 -19.94
C PRO B 238 -0.57 35.41 -20.26
N GLU B 239 -0.67 36.69 -19.91
CA GLU B 239 0.34 37.69 -20.26
C GLU B 239 1.75 37.37 -19.78
N ASN B 240 1.83 36.71 -18.62
CA ASN B 240 3.10 36.37 -18.00
C ASN B 240 3.61 34.99 -18.44
N TRP B 241 3.03 34.50 -19.52
CA TRP B 241 3.40 33.20 -20.07
C TRP B 241 3.90 33.36 -21.50
N ASP B 242 5.12 32.89 -21.73
CA ASP B 242 5.79 33.02 -23.01
C ASP B 242 6.02 31.67 -23.67
N GLU B 243 6.12 31.67 -24.99
CA GLU B 243 6.64 30.53 -25.73
C GLU B 243 7.95 30.89 -26.41
N ARG B 244 8.95 30.01 -26.24
CA ARG B 244 10.24 30.13 -26.90
C ARG B 244 10.59 28.81 -27.60
N PRO B 245 11.50 28.85 -28.58
CA PRO B 245 12.04 27.60 -29.15
C PRO B 245 12.91 26.85 -28.13
N ASN B 246 13.57 25.79 -28.57
CA ASN B 246 14.30 24.88 -27.66
C ASN B 246 15.45 25.50 -26.84
N LEU B 247 15.50 25.13 -25.55
CA LEU B 247 16.59 25.54 -24.67
C LEU B 247 17.91 24.99 -25.21
N VAL B 248 18.95 25.81 -25.12
CA VAL B 248 20.26 25.46 -25.64
C VAL B 248 21.30 25.38 -24.52
N ARG B 249 21.36 26.43 -23.69
CA ARG B 249 22.28 26.48 -22.55
C ARG B 249 21.78 27.40 -21.43
N VAL B 250 22.37 27.23 -20.26
CA VAL B 250 22.13 28.09 -19.13
C VAL B 250 23.45 28.48 -18.57
N ASP B 251 23.50 29.59 -17.90
CA ASP B 251 24.64 29.93 -17.12
C ASP B 251 24.15 30.02 -15.73
N THR B 252 24.82 30.79 -14.92
CA THR B 252 24.51 30.87 -13.53
C THR B 252 23.14 31.38 -13.16
N GLU B 253 22.66 32.37 -13.88
CA GLU B 253 21.38 33.04 -13.65
C GLU B 253 20.41 33.00 -14.83
N ASN B 254 20.92 32.82 -16.04
CA ASN B 254 20.09 32.98 -17.25
C ASN B 254 19.95 31.70 -18.08
N ALA B 255 18.84 31.62 -18.81
CA ALA B 255 18.60 30.55 -19.79
C ALA B 255 18.61 31.12 -21.19
N TYR B 256 19.15 30.36 -22.15
CA TYR B 256 19.32 30.81 -23.52
C TYR B 256 18.64 29.85 -24.50
N PHE B 257 18.05 30.43 -25.54
CA PHE B 257 17.23 29.69 -26.48
C PHE B 257 17.79 29.77 -27.90
N ALA B 258 17.27 28.93 -28.79
CA ALA B 258 17.84 28.71 -30.12
C ALA B 258 17.91 29.96 -31.01
N ASP B 259 16.89 30.79 -30.92
CA ASP B 259 16.76 32.00 -31.75
C ASP B 259 17.71 33.13 -31.35
N GLY B 260 18.51 32.89 -30.30
CA GLY B 260 19.44 33.89 -29.81
C GLY B 260 18.90 34.70 -28.64
N SER B 261 17.72 34.30 -28.14
CA SER B 261 17.10 34.96 -27.01
C SER B 261 17.72 34.51 -25.68
N SER B 262 17.39 35.25 -24.61
CA SER B 262 17.99 35.08 -23.30
C SER B 262 17.03 35.59 -22.24
N GLU B 263 16.99 34.90 -21.11
CA GLU B 263 16.04 35.23 -20.03
C GLU B 263 16.52 34.71 -18.68
N LYS B 264 16.38 35.55 -17.66
CA LYS B 264 16.73 35.20 -16.29
C LYS B 264 15.69 34.28 -15.69
N VAL B 265 16.12 33.06 -15.29
CA VAL B 265 15.19 32.07 -14.72
C VAL B 265 15.58 31.63 -13.30
N ASP B 266 14.57 31.43 -12.46
CA ASP B 266 14.76 30.98 -11.08
C ASP B 266 14.78 29.45 -10.97
N ALA B 267 13.89 28.79 -11.70
CA ALA B 267 13.78 27.34 -11.64
C ALA B 267 13.46 26.73 -12.99
N ILE B 268 14.14 25.64 -13.33
CA ILE B 268 13.88 24.89 -14.56
C ILE B 268 13.20 23.58 -14.20
N ILE B 269 11.97 23.41 -14.67
CA ILE B 269 11.24 22.15 -14.52
C ILE B 269 11.20 21.41 -15.86
N LEU B 270 11.82 20.24 -15.89
CA LEU B 270 11.90 19.44 -17.12
C LEU B 270 10.66 18.56 -17.25
N CYS B 271 9.78 18.93 -18.15
CA CYS B 271 8.58 18.16 -18.44
C CYS B 271 8.85 17.36 -19.72
N THR B 272 9.89 16.53 -19.64
CA THR B 272 10.51 15.90 -20.79
C THR B 272 10.09 14.44 -20.97
N GLY B 273 9.32 13.92 -20.02
CA GLY B 273 8.71 12.61 -20.17
C GLY B 273 9.30 11.51 -19.31
N TYR B 274 8.90 10.28 -19.63
CA TYR B 274 9.27 9.10 -18.86
C TYR B 274 9.68 7.96 -19.75
N ILE B 275 10.28 6.93 -19.15
CA ILE B 275 10.66 5.72 -19.87
C ILE B 275 10.01 4.48 -19.27
N HIS B 276 9.74 3.50 -20.12
CA HIS B 276 9.28 2.20 -19.66
C HIS B 276 10.47 1.53 -18.99
N HIS B 277 10.40 1.42 -17.67
CA HIS B 277 11.51 0.91 -16.89
C HIS B 277 11.04 -0.23 -15.99
N PHE B 278 11.66 -1.39 -16.18
CA PHE B 278 11.31 -2.58 -15.44
C PHE B 278 12.59 -3.26 -14.99
N PRO B 279 13.15 -2.82 -13.85
CA PRO B 279 14.40 -3.34 -13.30
C PRO B 279 14.29 -4.80 -12.88
N PHE B 280 13.05 -5.25 -12.63
CA PHE B 280 12.77 -6.58 -12.12
C PHE B 280 12.57 -7.63 -13.20
N LEU B 281 12.83 -7.26 -14.46
CA LEU B 281 12.71 -8.21 -15.58
C LEU B 281 13.97 -8.25 -16.44
N ASN B 282 14.28 -9.43 -16.95
CA ASN B 282 15.33 -9.58 -17.96
C ASN B 282 14.74 -9.42 -19.37
N ASP B 283 15.59 -9.39 -20.39
CA ASP B 283 15.16 -9.11 -21.77
C ASP B 283 14.16 -10.11 -22.37
N ASP B 284 14.05 -11.28 -21.75
CA ASP B 284 13.09 -12.30 -22.17
C ASP B 284 11.65 -11.86 -21.92
N LEU B 285 11.45 -11.02 -20.91
CA LEU B 285 10.11 -10.58 -20.51
C LEU B 285 9.89 -9.06 -20.59
N ARG B 286 10.98 -8.31 -20.77
CA ARG B 286 10.96 -6.85 -20.62
C ARG B 286 10.34 -6.11 -21.79
N LEU B 287 9.35 -5.26 -21.49
CA LEU B 287 8.73 -4.40 -22.50
C LEU B 287 9.64 -3.23 -22.81
N VAL B 288 10.04 -3.11 -24.07
CA VAL B 288 10.87 -2.00 -24.53
C VAL B 288 10.09 -1.18 -25.57
N THR B 289 9.87 0.10 -25.27
CA THR B 289 9.10 1.00 -26.15
C THR B 289 9.06 2.45 -25.69
N ASN B 290 8.97 3.36 -26.66
CA ASN B 290 8.66 4.75 -26.38
C ASN B 290 7.19 4.84 -25.99
N ASN B 291 6.80 5.97 -25.40
CA ASN B 291 5.40 6.17 -25.01
C ASN B 291 4.50 6.34 -26.25
N ARG B 292 3.58 5.40 -26.44
CA ARG B 292 2.71 5.40 -27.62
C ARG B 292 1.40 4.64 -27.39
N LEU B 293 0.48 4.78 -28.35
CA LEU B 293 -0.80 4.10 -28.26
C LEU B 293 -0.67 2.61 -28.59
N TRP B 294 0.26 2.26 -29.48
CA TRP B 294 0.41 0.84 -29.82
C TRP B 294 1.84 0.30 -29.84
N PRO B 295 2.36 -0.09 -28.66
CA PRO B 295 3.65 -0.80 -28.59
C PRO B 295 3.56 -2.20 -29.19
N LEU B 296 4.68 -2.72 -29.69
CA LEU B 296 4.74 -4.08 -30.22
C LEU B 296 4.90 -5.13 -29.12
N ASN B 297 4.81 -6.40 -29.52
CA ASN B 297 4.95 -7.58 -28.65
C ASN B 297 3.89 -7.71 -27.55
N LEU B 298 2.76 -7.02 -27.74
CA LEU B 298 1.61 -7.10 -26.83
C LEU B 298 0.32 -7.48 -27.57
N TYR B 299 0.01 -8.78 -27.62
CA TYR B 299 -1.19 -9.26 -28.30
C TYR B 299 -2.44 -8.78 -27.57
N LYS B 300 -3.38 -8.24 -28.33
CA LYS B 300 -4.52 -7.48 -27.80
C LYS B 300 -4.06 -6.32 -26.89
N GLY B 301 -2.79 -5.94 -27.00
CA GLY B 301 -2.21 -4.86 -26.20
C GLY B 301 -1.93 -5.23 -24.75
N VAL B 302 -2.02 -6.53 -24.44
CA VAL B 302 -1.94 -7.01 -23.06
C VAL B 302 -1.11 -8.28 -22.89
N VAL B 303 -1.23 -9.20 -23.84
CA VAL B 303 -0.53 -10.48 -23.75
C VAL B 303 0.85 -10.37 -24.37
N TRP B 304 1.88 -10.60 -23.54
CA TRP B 304 3.27 -10.55 -23.96
C TRP B 304 3.57 -11.73 -24.86
N GLU B 305 3.89 -11.43 -26.12
CA GLU B 305 3.89 -12.43 -27.20
C GLU B 305 4.99 -13.50 -27.10
N ASP B 306 6.06 -13.19 -26.38
CA ASP B 306 7.12 -14.18 -26.15
C ASP B 306 6.79 -15.13 -25.01
N ASN B 307 6.02 -14.65 -24.04
CA ASN B 307 5.53 -15.49 -22.96
C ASN B 307 4.09 -15.15 -22.59
N PRO B 308 3.13 -15.83 -23.25
CA PRO B 308 1.68 -15.62 -23.15
C PRO B 308 1.12 -15.70 -21.72
N LYS B 309 1.96 -16.13 -20.78
CA LYS B 309 1.55 -16.27 -19.39
C LYS B 309 1.99 -15.03 -18.61
N PHE B 310 2.56 -14.07 -19.34
CA PHE B 310 2.93 -12.77 -18.78
C PHE B 310 2.09 -11.71 -19.46
N PHE B 311 1.47 -10.85 -18.65
CA PHE B 311 0.56 -9.83 -19.14
C PHE B 311 1.02 -8.43 -18.69
N TYR B 312 0.63 -7.41 -19.46
CA TYR B 312 0.89 -6.01 -19.13
C TYR B 312 -0.41 -5.23 -19.17
N ILE B 313 -0.65 -4.42 -18.14
CA ILE B 313 -1.86 -3.59 -18.07
C ILE B 313 -1.48 -2.10 -18.09
N GLY B 314 -2.23 -1.33 -18.86
CA GLY B 314 -2.08 0.12 -18.92
C GLY B 314 -0.77 0.64 -19.46
N MET B 315 -0.09 -0.15 -20.29
CA MET B 315 1.24 0.23 -20.76
C MET B 315 1.23 1.09 -22.02
N GLN B 316 0.04 1.34 -22.56
CA GLN B 316 -0.15 2.24 -23.68
C GLN B 316 -0.18 3.66 -23.15
N ASP B 317 0.07 4.63 -24.02
CA ASP B 317 -0.21 6.02 -23.71
C ASP B 317 -1.71 6.19 -23.44
N GLN B 318 -2.05 7.19 -22.64
CA GLN B 318 -3.40 7.26 -22.10
C GLN B 318 -4.20 8.47 -22.54
N TRP B 319 -5.26 8.20 -23.29
CA TRP B 319 -6.35 9.15 -23.50
C TRP B 319 -7.45 8.73 -22.55
N TYR B 320 -7.99 7.57 -22.81
CA TYR B 320 -8.80 6.85 -21.88
C TYR B 320 -7.84 6.35 -20.76
N SER B 321 -8.34 6.19 -19.56
CA SER B 321 -7.53 5.63 -18.52
C SER B 321 -8.14 4.53 -17.73
N PHE B 322 -8.98 4.83 -16.76
CA PHE B 322 -9.45 3.83 -15.85
C PHE B 322 -10.29 2.75 -16.47
N ASN B 323 -11.23 3.05 -17.35
CA ASN B 323 -12.02 2.01 -18.02
C ASN B 323 -11.32 1.29 -19.16
N MET B 324 -10.19 1.83 -19.62
CA MET B 324 -9.30 1.05 -20.49
C MET B 324 -8.62 -0.05 -19.68
N PHE B 325 -8.13 0.31 -18.50
CA PHE B 325 -7.51 -0.67 -17.61
C PHE B 325 -8.45 -1.82 -17.28
N ASP B 326 -9.70 -1.49 -16.94
CA ASP B 326 -10.74 -2.49 -16.71
C ASP B 326 -10.86 -3.47 -17.87
N ALA B 327 -10.88 -2.93 -19.10
CA ALA B 327 -11.05 -3.71 -20.31
C ALA B 327 -9.87 -4.66 -20.54
N GLN B 328 -8.67 -4.13 -20.33
CA GLN B 328 -7.46 -4.95 -20.36
C GLN B 328 -7.53 -6.01 -19.28
N ALA B 329 -7.86 -5.58 -18.06
CA ALA B 329 -7.92 -6.48 -16.90
C ALA B 329 -8.92 -7.62 -17.05
N TRP B 330 -10.15 -7.30 -17.48
CA TRP B 330 -11.18 -8.30 -17.79
C TRP B 330 -10.76 -9.26 -18.90
N TYR B 331 -10.08 -8.74 -19.92
CA TYR B 331 -9.58 -9.59 -20.99
C TYR B 331 -8.50 -10.52 -20.46
N ALA B 332 -7.50 -9.94 -19.79
CA ALA B 332 -6.39 -10.71 -19.19
C ALA B 332 -6.89 -11.71 -18.17
N ARG B 333 -7.95 -11.36 -17.44
CA ARG B 333 -8.62 -12.30 -16.52
C ARG B 333 -9.17 -13.52 -17.26
N ASP B 334 -9.92 -13.27 -18.33
CA ASP B 334 -10.62 -14.34 -19.07
C ASP B 334 -9.64 -15.25 -19.81
N VAL B 335 -8.49 -14.70 -20.21
CA VAL B 335 -7.41 -15.49 -20.82
C VAL B 335 -6.79 -16.44 -19.78
N ILE B 336 -6.60 -15.92 -18.57
CA ILE B 336 -6.01 -16.68 -17.47
C ILE B 336 -6.91 -17.85 -17.07
N MET B 337 -8.20 -17.56 -16.94
CA MET B 337 -9.20 -18.55 -16.57
C MET B 337 -9.58 -19.48 -17.75
N GLY B 338 -9.00 -19.23 -18.92
CA GLY B 338 -9.19 -20.08 -20.09
C GLY B 338 -10.50 -19.88 -20.83
N ARG B 339 -11.20 -18.78 -20.54
CA ARG B 339 -12.43 -18.44 -21.23
C ARG B 339 -12.15 -17.97 -22.65
N LEU B 340 -10.93 -17.49 -22.87
CA LEU B 340 -10.50 -17.03 -24.19
C LEU B 340 -9.17 -17.67 -24.59
N PRO B 341 -9.21 -18.57 -25.59
CA PRO B 341 -7.97 -19.22 -26.04
C PRO B 341 -7.13 -18.32 -26.94
N LEU B 342 -5.82 -18.47 -26.86
CA LEU B 342 -4.89 -17.63 -27.62
C LEU B 342 -4.47 -18.31 -28.93
N PRO B 343 -4.40 -17.54 -30.02
CA PRO B 343 -3.99 -18.11 -31.31
C PRO B 343 -2.49 -18.37 -31.34
N SER B 344 -2.00 -18.86 -32.48
CA SER B 344 -0.58 -19.09 -32.71
C SER B 344 0.25 -17.84 -32.48
N LYS B 345 1.48 -18.03 -32.01
CA LYS B 345 2.44 -16.96 -31.84
C LYS B 345 2.62 -16.18 -33.14
N GLU B 346 2.54 -16.91 -34.26
CA GLU B 346 2.60 -16.33 -35.59
C GLU B 346 1.38 -15.47 -35.91
N GLU B 347 0.21 -15.92 -35.45
CA GLU B 347 -1.05 -15.22 -35.68
C GLU B 347 -1.20 -14.00 -34.76
N MET B 348 -0.62 -14.09 -33.57
CA MET B 348 -0.59 -12.97 -32.63
C MET B 348 0.23 -11.81 -33.19
N LYS B 349 1.38 -12.12 -33.77
CA LYS B 349 2.27 -11.11 -34.36
C LYS B 349 1.56 -10.29 -35.43
N ALA B 350 0.85 -10.98 -36.33
CA ALA B 350 0.16 -10.35 -37.46
C ALA B 350 -1.01 -9.45 -37.05
N ASP B 351 -1.68 -9.81 -35.96
CA ASP B 351 -2.77 -8.98 -35.40
C ASP B 351 -2.20 -7.70 -34.80
N SER B 352 -1.04 -7.82 -34.16
CA SER B 352 -0.36 -6.69 -33.53
C SER B 352 0.23 -5.72 -34.55
N MET B 353 0.77 -6.27 -35.64
CA MET B 353 1.30 -5.46 -36.73
C MET B 353 0.21 -4.74 -37.52
N ALA B 354 -1.01 -5.28 -37.50
CA ALA B 354 -2.15 -4.62 -38.13
C ALA B 354 -2.57 -3.40 -37.31
N TRP B 355 -2.74 -3.58 -36.00
CA TRP B 355 -3.02 -2.47 -35.09
C TRP B 355 -1.90 -1.43 -35.12
N ARG B 356 -0.67 -1.89 -35.28
CA ARG B 356 0.51 -1.01 -35.39
C ARG B 356 0.51 -0.19 -36.68
N GLU B 357 0.16 -0.83 -37.80
CA GLU B 357 0.12 -0.12 -39.10
C GLU B 357 -1.01 0.91 -39.11
N LYS B 358 -2.09 0.63 -38.38
CA LYS B 358 -3.17 1.58 -38.19
C LYS B 358 -2.69 2.74 -37.31
N GLU B 359 -1.94 2.39 -36.26
CA GLU B 359 -1.36 3.38 -35.34
C GLU B 359 -0.54 4.45 -36.07
N LEU B 360 0.18 4.02 -37.09
CA LEU B 360 1.06 4.91 -37.83
C LEU B 360 0.34 5.87 -38.78
N THR B 361 -0.94 5.57 -39.09
CA THR B 361 -1.76 6.44 -39.95
C THR B 361 -2.50 7.55 -39.19
N LEU B 362 -2.31 7.61 -37.87
CA LEU B 362 -3.08 8.53 -37.03
C LEU B 362 -2.44 9.90 -36.92
N VAL B 363 -3.19 10.95 -37.28
CA VAL B 363 -2.67 12.31 -37.21
C VAL B 363 -3.41 13.20 -36.20
N THR B 364 -4.74 13.21 -36.25
CA THR B 364 -5.53 14.09 -35.41
C THR B 364 -5.70 13.52 -33.99
N ALA B 365 -5.89 14.42 -33.02
CA ALA B 365 -6.22 14.02 -31.65
C ALA B 365 -7.42 13.09 -31.65
N GLU B 366 -8.47 13.49 -32.37
CA GLU B 366 -9.67 12.67 -32.52
C GLU B 366 -9.42 11.29 -33.13
N GLU B 367 -8.41 11.19 -34.00
CA GLU B 367 -8.01 9.88 -34.51
C GLU B 367 -7.27 9.05 -33.45
N MET B 368 -6.59 9.73 -32.52
CA MET B 368 -5.80 9.06 -31.49
C MET B 368 -6.62 8.43 -30.36
N TYR B 369 -7.57 9.19 -29.79
CA TYR B 369 -8.45 8.60 -28.79
C TYR B 369 -9.50 7.68 -29.40
N THR B 370 -9.95 8.00 -30.61
CA THR B 370 -10.92 7.18 -31.33
C THR B 370 -10.30 5.85 -31.71
N TYR B 371 -8.99 5.85 -31.95
CA TYR B 371 -8.23 4.62 -32.09
C TYR B 371 -8.34 3.80 -30.82
N GLN B 372 -8.06 4.46 -29.68
CA GLN B 372 -8.05 3.83 -28.35
C GLN B 372 -9.46 3.41 -27.92
N GLY B 373 -10.46 4.23 -28.26
CA GLY B 373 -11.86 3.87 -28.11
C GLY B 373 -12.16 2.56 -28.84
N ASP B 374 -11.69 2.48 -30.09
CA ASP B 374 -11.87 1.28 -30.91
C ASP B 374 -11.16 0.06 -30.32
N TYR B 375 -10.02 0.29 -29.68
CA TYR B 375 -9.23 -0.76 -29.06
C TYR B 375 -9.95 -1.30 -27.81
N ILE B 376 -10.49 -0.39 -27.01
CA ILE B 376 -11.29 -0.78 -25.85
C ILE B 376 -12.54 -1.53 -26.29
N GLN B 377 -13.19 -1.05 -27.36
CA GLN B 377 -14.42 -1.68 -27.84
C GLN B 377 -14.12 -3.13 -28.17
N ASN B 378 -12.99 -3.37 -28.82
CA ASN B 378 -12.55 -4.71 -29.16
C ASN B 378 -12.35 -5.58 -27.93
N LEU B 379 -11.74 -5.02 -26.89
CA LEU B 379 -11.51 -5.74 -25.63
C LEU B 379 -12.83 -6.13 -24.95
N ILE B 380 -13.71 -5.15 -24.74
CA ILE B 380 -14.93 -5.39 -23.99
C ILE B 380 -15.93 -6.31 -24.70
N ASP B 381 -15.87 -6.38 -26.04
CA ASP B 381 -16.72 -7.29 -26.82
C ASP B 381 -16.45 -8.76 -26.48
N MET B 382 -15.26 -9.03 -25.93
CA MET B 382 -14.80 -10.39 -25.63
C MET B 382 -15.15 -10.83 -24.20
N THR B 383 -15.37 -9.86 -23.33
CA THR B 383 -15.62 -10.13 -21.91
C THR B 383 -17.04 -9.74 -21.50
N ASP B 384 -17.39 -10.07 -20.26
CA ASP B 384 -18.65 -9.65 -19.68
C ASP B 384 -18.54 -8.29 -18.98
N TYR B 385 -17.42 -7.58 -19.20
CA TYR B 385 -17.31 -6.22 -18.68
C TYR B 385 -18.48 -5.45 -19.29
N PRO B 386 -19.18 -4.64 -18.47
CA PRO B 386 -20.43 -4.09 -18.99
C PRO B 386 -20.18 -3.11 -20.13
N SER B 387 -20.92 -3.29 -21.22
CA SER B 387 -20.91 -2.37 -22.34
C SER B 387 -21.16 -0.92 -21.91
N PHE B 388 -20.51 0.00 -22.60
CA PHE B 388 -20.73 1.42 -22.38
C PHE B 388 -20.55 2.18 -23.68
N ASP B 389 -21.15 3.36 -23.75
CA ASP B 389 -21.17 4.13 -24.99
C ASP B 389 -19.82 4.78 -25.27
N ILE B 390 -19.00 4.06 -26.04
CA ILE B 390 -17.66 4.52 -26.41
C ILE B 390 -17.66 5.63 -27.47
N PRO B 391 -18.53 5.54 -28.49
CA PRO B 391 -18.64 6.71 -29.36
C PRO B 391 -19.04 8.00 -28.64
N ALA B 392 -19.85 7.91 -27.60
CA ALA B 392 -20.32 9.09 -26.89
C ALA B 392 -19.23 9.59 -25.96
N THR B 393 -18.36 8.68 -25.52
CA THR B 393 -17.16 9.02 -24.77
C THR B 393 -16.21 9.82 -25.65
N ASN B 394 -15.98 9.32 -26.87
CA ASN B 394 -15.19 10.02 -27.87
C ASN B 394 -15.65 11.47 -28.07
N LYS B 395 -16.96 11.64 -28.18
CA LYS B 395 -17.58 12.96 -28.34
C LYS B 395 -17.35 13.88 -27.14
N THR B 396 -17.23 13.29 -25.95
CA THR B 396 -16.93 14.03 -24.74
C THR B 396 -15.47 14.50 -24.75
N PHE B 397 -14.60 13.69 -25.35
CA PHE B 397 -13.19 14.06 -25.51
C PHE B 397 -13.06 15.24 -26.48
N LEU B 398 -13.80 15.17 -27.59
CA LEU B 398 -13.82 16.23 -28.59
C LEU B 398 -14.27 17.56 -27.95
N GLU B 399 -15.39 17.51 -27.22
CA GLU B 399 -15.90 18.65 -26.46
C GLU B 399 -14.80 19.26 -25.58
N TRP B 400 -14.16 18.40 -24.79
CA TRP B 400 -13.10 18.79 -23.86
C TRP B 400 -11.97 19.51 -24.61
N LYS B 401 -11.56 18.92 -25.72
CA LYS B 401 -10.59 19.49 -26.65
C LYS B 401 -11.00 20.87 -27.19
N HIS B 402 -12.29 21.03 -27.51
CA HIS B 402 -12.78 22.34 -27.95
CA HIS B 402 -12.83 22.32 -27.93
C HIS B 402 -12.72 23.33 -26.79
N HIS B 403 -13.00 22.84 -25.58
CA HIS B 403 -12.96 23.69 -24.39
C HIS B 403 -11.53 24.13 -24.02
N LYS B 404 -10.55 23.27 -24.30
CA LYS B 404 -9.15 23.62 -24.10
C LYS B 404 -8.72 24.69 -25.10
N LYS B 405 -9.09 24.48 -26.37
CA LYS B 405 -8.83 25.42 -27.45
C LYS B 405 -9.49 26.78 -27.21
N GLU B 406 -10.66 26.78 -26.58
CA GLU B 406 -11.38 28.03 -26.26
C GLU B 406 -10.56 28.86 -25.29
N ASN B 407 -10.39 28.34 -24.09
CA ASN B 407 -9.58 28.99 -23.06
C ASN B 407 -8.90 27.91 -22.23
N ILE B 408 -7.58 27.86 -22.30
CA ILE B 408 -6.77 26.85 -21.61
C ILE B 408 -6.90 26.93 -20.06
N MET B 409 -7.39 28.06 -19.56
CA MET B 409 -7.44 28.28 -18.11
C MET B 409 -8.83 28.07 -17.49
N THR B 410 -9.83 27.82 -18.33
CA THR B 410 -11.20 27.64 -17.84
C THR B 410 -11.87 26.37 -18.36
N PHE B 411 -11.09 25.45 -18.93
CA PHE B 411 -11.67 24.20 -19.44
C PHE B 411 -12.18 23.30 -18.33
N ARG B 412 -11.58 23.42 -17.15
CA ARG B 412 -11.96 22.63 -15.97
C ARG B 412 -13.30 23.05 -15.36
N ASP B 413 -13.86 24.16 -15.85
CA ASP B 413 -15.15 24.67 -15.38
C ASP B 413 -16.29 24.13 -16.23
N HIS B 414 -15.95 23.34 -17.24
CA HIS B 414 -16.97 22.74 -18.10
C HIS B 414 -17.59 21.51 -17.46
N SER B 415 -18.77 21.14 -17.96
CA SER B 415 -19.55 20.06 -17.39
C SER B 415 -19.94 19.08 -18.48
N TYR B 416 -20.09 17.81 -18.11
CA TYR B 416 -20.39 16.77 -19.08
C TYR B 416 -21.40 15.76 -18.56
N ARG B 417 -22.16 15.17 -19.48
CA ARG B 417 -23.05 14.08 -19.14
C ARG B 417 -22.24 12.80 -18.94
N SER B 418 -22.50 12.09 -17.85
CA SER B 418 -21.96 10.75 -17.65
C SER B 418 -22.55 9.82 -18.69
N LEU B 419 -21.71 8.92 -19.20
CA LEU B 419 -22.11 7.97 -20.22
C LEU B 419 -22.55 6.65 -19.57
N MET B 420 -22.44 6.58 -18.26
CA MET B 420 -22.93 5.43 -17.51
C MET B 420 -24.36 5.65 -17.01
N THR B 421 -24.58 6.79 -16.34
CA THR B 421 -25.86 7.07 -15.70
C THR B 421 -26.65 8.22 -16.34
N GLY B 422 -26.00 8.99 -17.20
CA GLY B 422 -26.64 10.13 -17.84
C GLY B 422 -26.68 11.38 -16.97
N THR B 423 -26.03 11.32 -15.81
CA THR B 423 -26.00 12.45 -14.88
C THR B 423 -25.21 13.62 -15.47
N MET B 424 -25.86 14.79 -15.53
CA MET B 424 -25.20 16.00 -15.95
C MET B 424 -24.42 16.56 -14.78
N ALA B 425 -23.10 16.69 -14.96
CA ALA B 425 -22.22 17.19 -13.91
C ALA B 425 -22.52 18.65 -13.64
N PRO B 426 -22.81 19.00 -12.37
CA PRO B 426 -23.09 20.39 -12.03
C PRO B 426 -21.85 21.26 -12.18
N LYS B 427 -22.07 22.54 -12.47
CA LYS B 427 -20.99 23.53 -12.44
C LYS B 427 -20.51 23.64 -11.00
N HIS B 428 -19.18 23.57 -10.81
CA HIS B 428 -18.58 23.60 -9.48
C HIS B 428 -18.84 24.90 -8.73
N HIS B 429 -18.85 24.84 -7.40
CA HIS B 429 -19.15 26.01 -6.56
C HIS B 429 -18.15 27.16 -6.74
N THR B 430 -16.93 26.81 -7.16
CA THR B 430 -15.86 27.76 -7.39
C THR B 430 -15.22 27.48 -8.75
N PRO B 431 -14.94 28.53 -9.55
CA PRO B 431 -14.13 28.34 -10.75
C PRO B 431 -12.71 27.91 -10.39
N TRP B 432 -12.11 27.09 -11.26
CA TRP B 432 -10.81 26.48 -11.01
C TRP B 432 -9.71 27.46 -10.61
N ILE B 433 -9.58 28.56 -11.34
CA ILE B 433 -8.54 29.57 -11.10
C ILE B 433 -8.56 30.19 -9.67
N ASP B 434 -9.72 30.22 -9.04
CA ASP B 434 -9.84 30.70 -7.66
C ASP B 434 -9.97 29.56 -6.66
N ALA B 435 -10.24 28.36 -7.16
CA ALA B 435 -10.37 27.18 -6.32
C ALA B 435 -9.00 26.72 -5.85
N LEU B 436 -8.48 27.43 -4.85
CA LEU B 436 -7.13 27.23 -4.36
C LEU B 436 -7.03 26.04 -3.42
N ASP B 437 -8.12 25.74 -2.72
CA ASP B 437 -8.14 24.62 -1.78
C ASP B 437 -8.17 23.27 -2.51
N ASP B 438 -7.17 22.46 -2.17
CA ASP B 438 -6.88 21.16 -2.76
C ASP B 438 -7.91 20.10 -2.41
N SER B 439 -8.46 20.19 -1.20
CA SER B 439 -9.05 19.05 -0.51
C SER B 439 -10.39 18.53 -1.04
N LEU B 440 -10.67 17.28 -0.69
CA LEU B 440 -11.95 16.64 -0.94
C LEU B 440 -13.07 17.35 -0.17
N GLU B 441 -12.82 17.63 1.10
CA GLU B 441 -13.80 18.26 1.99
C GLU B 441 -14.28 19.61 1.42
N ALA B 442 -13.35 20.40 0.89
CA ALA B 442 -13.68 21.67 0.26
C ALA B 442 -14.44 21.48 -1.05
N TYR B 443 -14.09 20.43 -1.78
CA TYR B 443 -14.68 20.15 -3.08
C TYR B 443 -16.11 19.65 -2.98
N LEU B 444 -16.43 18.98 -1.89
CA LEU B 444 -17.74 18.34 -1.74
C LEU B 444 -18.76 19.20 -1.00
N SER B 445 -18.30 20.28 -0.37
CA SER B 445 -19.18 21.14 0.41
C SER B 445 -19.87 22.19 -0.48
N ASP B 446 -20.45 23.21 0.15
CA ASP B 446 -21.13 24.29 -0.56
C ASP B 446 -20.68 25.68 -0.09
N ALA C 2 -20.65 -46.69 16.11
CA ALA C 2 -21.31 -46.49 14.79
C ALA C 2 -21.03 -45.06 14.30
N THR C 3 -22.02 -44.43 13.67
CA THR C 3 -21.90 -43.04 13.20
C THR C 3 -22.19 -42.04 14.32
N ARG C 4 -21.29 -41.07 14.49
CA ARG C 4 -21.41 -39.98 15.48
C ARG C 4 -21.35 -38.60 14.83
N ILE C 5 -22.21 -37.71 15.30
CA ILE C 5 -22.42 -36.39 14.72
C ILE C 5 -22.21 -35.30 15.77
N ALA C 6 -21.34 -34.34 15.48
CA ALA C 6 -21.22 -33.15 16.33
C ALA C 6 -22.12 -32.04 15.79
N ILE C 7 -22.98 -31.52 16.66
CA ILE C 7 -23.79 -30.36 16.32
C ILE C 7 -23.26 -29.17 17.09
N LEU C 8 -22.77 -28.17 16.38
CA LEU C 8 -22.14 -27.04 17.00
C LEU C 8 -23.15 -25.91 17.24
N GLY C 9 -23.60 -25.79 18.49
CA GLY C 9 -24.53 -24.74 18.87
C GLY C 9 -25.92 -25.26 19.17
N ALA C 10 -26.50 -24.75 20.24
CA ALA C 10 -27.85 -25.14 20.61
C ALA C 10 -28.85 -23.96 20.58
N GLY C 11 -28.72 -23.12 19.56
CA GLY C 11 -29.74 -22.11 19.25
C GLY C 11 -30.84 -22.74 18.41
N PRO C 12 -31.72 -21.93 17.81
CA PRO C 12 -32.76 -22.52 16.94
C PRO C 12 -32.25 -23.53 15.90
N SER C 13 -31.10 -23.27 15.28
CA SER C 13 -30.57 -24.16 14.25
C SER C 13 -30.16 -25.50 14.86
N GLY C 14 -29.38 -25.44 15.92
CA GLY C 14 -28.97 -26.62 16.66
C GLY C 14 -30.14 -27.38 17.20
N MET C 15 -31.20 -26.65 17.56
CA MET C 15 -32.42 -27.25 18.07
C MET C 15 -33.14 -28.01 16.95
N ALA C 16 -33.19 -27.37 15.78
CA ALA C 16 -33.77 -27.97 14.59
C ALA C 16 -33.07 -29.28 14.20
N GLN C 17 -31.73 -29.31 14.30
CA GLN C 17 -30.97 -30.52 13.94
C GLN C 17 -31.24 -31.65 14.90
N LEU C 18 -31.19 -31.37 16.20
CA LEU C 18 -31.56 -32.38 17.20
C LEU C 18 -32.97 -32.89 16.93
N ARG C 19 -33.91 -31.96 16.69
CA ARG C 19 -35.31 -32.33 16.43
C ARG C 19 -35.45 -33.18 15.18
N ALA C 20 -34.72 -32.83 14.13
CA ALA C 20 -34.77 -33.55 12.86
C ALA C 20 -34.47 -35.02 13.07
N PHE C 21 -33.35 -35.31 13.71
CA PHE C 21 -32.94 -36.68 13.96
C PHE C 21 -33.91 -37.38 14.89
N GLN C 22 -34.42 -36.65 15.88
CA GLN C 22 -35.39 -37.22 16.83
C GLN C 22 -36.66 -37.63 16.11
N SER C 23 -37.08 -36.82 15.15
CA SER C 23 -38.30 -37.10 14.39
C SER C 23 -38.16 -38.32 13.51
N ALA C 24 -36.98 -38.52 12.93
CA ALA C 24 -36.65 -39.74 12.20
C ALA C 24 -36.62 -40.97 13.10
N GLN C 25 -36.07 -40.80 14.30
CA GLN C 25 -36.01 -41.84 15.31
C GLN C 25 -37.41 -42.19 15.78
N GLU C 26 -38.21 -41.16 16.03
CA GLU C 26 -39.58 -41.32 16.51
C GLU C 26 -40.42 -42.15 15.51
N LYS C 27 -40.08 -42.06 14.24
CA LYS C 27 -40.74 -42.87 13.20
C LYS C 27 -40.15 -44.27 13.04
N GLY C 28 -39.10 -44.58 13.79
CA GLY C 28 -38.58 -45.95 13.87
C GLY C 28 -37.22 -46.19 13.23
N ALA C 29 -36.69 -45.19 12.54
CA ALA C 29 -35.39 -45.32 11.90
C ALA C 29 -34.25 -45.28 12.92
N GLU C 30 -33.18 -46.01 12.63
CA GLU C 30 -31.98 -45.95 13.47
C GLU C 30 -31.27 -44.63 13.17
N ILE C 31 -30.86 -43.92 14.21
CA ILE C 31 -30.14 -42.66 13.99
C ILE C 31 -28.71 -42.74 14.54
N PRO C 32 -27.82 -41.90 14.00
CA PRO C 32 -26.46 -41.86 14.52
C PRO C 32 -26.43 -41.35 15.96
N GLU C 33 -25.31 -41.53 16.63
CA GLU C 33 -25.06 -40.93 17.92
C GLU C 33 -24.98 -39.41 17.74
N LEU C 34 -25.69 -38.66 18.59
CA LEU C 34 -25.68 -37.20 18.52
C LEU C 34 -24.97 -36.55 19.71
N VAL C 35 -24.08 -35.60 19.43
CA VAL C 35 -23.48 -34.78 20.48
C VAL C 35 -23.54 -33.32 20.07
N CYS C 36 -24.19 -32.50 20.89
CA CYS C 36 -24.33 -31.06 20.64
C CYS C 36 -23.58 -30.23 21.69
N PHE C 37 -22.69 -29.37 21.22
CA PHE C 37 -21.91 -28.52 22.11
C PHE C 37 -22.50 -27.12 22.16
N GLU C 38 -22.62 -26.55 23.36
CA GLU C 38 -23.17 -25.18 23.55
C GLU C 38 -22.44 -24.42 24.67
N LYS C 39 -21.98 -23.22 24.36
CA LYS C 39 -21.16 -22.43 25.31
C LYS C 39 -21.95 -21.68 26.36
N GLN C 40 -23.23 -21.42 26.11
CA GLN C 40 -24.10 -20.84 27.12
C GLN C 40 -24.56 -21.91 28.11
N ALA C 41 -25.33 -21.49 29.11
CA ALA C 41 -25.81 -22.40 30.16
C ALA C 41 -27.21 -22.95 29.85
N ASP C 42 -27.89 -22.36 28.87
CA ASP C 42 -29.21 -22.84 28.41
C ASP C 42 -29.29 -22.72 26.88
N TRP C 43 -30.26 -23.40 26.27
CA TRP C 43 -30.46 -23.32 24.83
C TRP C 43 -31.34 -22.11 24.47
N GLY C 44 -31.47 -21.87 23.17
CA GLY C 44 -32.26 -20.75 22.68
C GLY C 44 -31.41 -19.82 21.84
N GLY C 45 -30.10 -19.97 22.00
CA GLY C 45 -29.10 -19.21 21.26
C GLY C 45 -29.26 -17.73 21.50
N GLN C 46 -29.47 -17.03 20.40
CA GLN C 46 -29.72 -15.60 20.37
C GLN C 46 -30.88 -15.24 21.30
N TRP C 47 -31.89 -16.10 21.34
CA TRP C 47 -33.14 -15.84 22.07
C TRP C 47 -33.02 -15.93 23.59
N ASN C 48 -31.91 -16.51 24.04
CA ASN C 48 -31.57 -16.57 25.45
C ASN C 48 -30.95 -15.24 25.90
N TYR C 49 -31.75 -14.43 26.59
CA TYR C 49 -31.29 -13.11 27.04
C TYR C 49 -30.29 -13.19 28.16
N THR C 50 -29.30 -12.31 28.08
CA THR C 50 -28.36 -12.09 29.17
C THR C 50 -28.08 -10.59 29.29
N TRP C 51 -27.87 -10.12 30.52
CA TRP C 51 -27.48 -8.73 30.77
C TRP C 51 -26.02 -8.50 30.36
N ARG C 52 -25.25 -9.59 30.25
CA ARG C 52 -23.82 -9.54 29.98
C ARG C 52 -23.49 -8.98 28.59
N THR C 53 -22.33 -8.33 28.51
CA THR C 53 -21.82 -7.79 27.26
C THR C 53 -20.32 -8.08 27.19
N GLY C 54 -19.77 -8.07 25.98
CA GLY C 54 -18.34 -8.35 25.79
C GLY C 54 -18.01 -9.83 25.95
N LEU C 55 -17.52 -10.19 27.12
CA LEU C 55 -17.20 -11.59 27.40
C LEU C 55 -18.07 -12.13 28.52
N ASP C 56 -18.44 -13.40 28.45
CA ASP C 56 -19.38 -13.98 29.40
C ASP C 56 -18.69 -14.42 30.69
N GLU C 57 -19.39 -15.18 31.53
CA GLU C 57 -18.80 -15.58 32.82
C GLU C 57 -17.58 -16.51 32.70
N ASN C 58 -17.32 -17.03 31.50
CA ASN C 58 -16.19 -17.92 31.26
C ASN C 58 -15.08 -17.28 30.43
N GLY C 59 -15.31 -16.04 30.01
CA GLY C 59 -14.41 -15.36 29.10
C GLY C 59 -14.65 -15.71 27.64
N GLU C 60 -15.74 -16.43 27.37
CA GLU C 60 -16.15 -16.65 25.98
C GLU C 60 -16.86 -15.40 25.49
N PRO C 61 -16.58 -14.97 24.24
CA PRO C 61 -17.31 -13.82 23.70
C PRO C 61 -18.82 -13.99 23.86
N VAL C 62 -19.45 -13.05 24.54
CA VAL C 62 -20.90 -13.04 24.76
C VAL C 62 -21.58 -13.22 23.42
N HIS C 63 -22.54 -14.14 23.35
CA HIS C 63 -23.12 -14.50 22.06
C HIS C 63 -24.37 -13.71 21.65
N SER C 64 -25.35 -13.65 22.53
CA SER C 64 -26.62 -12.99 22.26
C SER C 64 -26.47 -11.47 22.07
N SER C 65 -27.08 -10.96 21.01
CA SER C 65 -27.15 -9.54 20.67
C SER C 65 -28.53 -9.01 21.01
N MET C 66 -29.30 -9.79 21.76
CA MET C 66 -30.68 -9.44 22.04
C MET C 66 -30.80 -8.61 23.30
N TYR C 67 -31.82 -7.77 23.33
CA TYR C 67 -31.98 -6.76 24.35
C TYR C 67 -33.32 -6.92 25.06
N ARG C 68 -33.43 -6.24 26.20
CA ARG C 68 -34.70 -6.09 26.90
C ARG C 68 -35.71 -5.44 25.97
N TYR C 69 -36.98 -5.82 26.15
CA TYR C 69 -38.13 -5.20 25.45
C TYR C 69 -38.21 -5.56 23.97
N LEU C 70 -37.37 -6.50 23.53
CA LEU C 70 -37.38 -6.99 22.16
C LEU C 70 -38.65 -7.80 21.89
N TRP C 71 -39.23 -7.55 20.72
CA TRP C 71 -40.43 -8.24 20.25
C TRP C 71 -40.19 -8.73 18.82
N SER C 72 -40.93 -9.77 18.42
CA SER C 72 -40.84 -10.31 17.06
C SER C 72 -40.77 -9.23 15.97
N ASN C 73 -39.65 -9.15 15.27
CA ASN C 73 -39.46 -8.19 14.17
C ASN C 73 -40.47 -8.39 13.04
N GLY C 74 -40.84 -9.64 12.80
CA GLY C 74 -41.85 -10.00 11.81
C GLY C 74 -42.96 -10.81 12.44
N PRO C 75 -43.96 -11.23 11.63
CA PRO C 75 -45.06 -12.02 12.17
C PRO C 75 -44.62 -13.43 12.53
N LYS C 76 -44.96 -13.87 13.75
CA LYS C 76 -44.65 -15.22 14.20
C LYS C 76 -45.14 -16.27 13.21
N GLU C 77 -46.20 -15.91 12.49
CA GLU C 77 -46.80 -16.80 11.48
C GLU C 77 -45.81 -17.13 10.36
N CYS C 78 -44.88 -16.21 10.10
CA CYS C 78 -43.81 -16.43 9.12
C CYS C 78 -42.62 -17.22 9.65
N LEU C 79 -42.66 -17.59 10.92
CA LEU C 79 -41.58 -18.37 11.51
C LEU C 79 -42.06 -19.63 12.24
N GLU C 80 -43.34 -19.96 12.08
CA GLU C 80 -43.93 -21.10 12.78
C GLU C 80 -43.28 -22.42 12.34
N PHE C 81 -43.20 -23.38 13.27
CA PHE C 81 -42.77 -24.74 12.95
C PHE C 81 -43.93 -25.48 12.27
N ALA C 82 -43.64 -26.16 11.16
CA ALA C 82 -44.66 -26.99 10.50
C ALA C 82 -45.00 -28.30 11.24
N ASP C 83 -44.15 -28.70 12.21
CA ASP C 83 -44.38 -29.91 13.01
C ASP C 83 -44.84 -29.64 14.45
N TYR C 84 -44.74 -28.39 14.86
CA TYR C 84 -45.06 -27.99 16.22
C TYR C 84 -45.65 -26.59 16.23
N THR C 85 -46.98 -26.53 16.13
CA THR C 85 -47.68 -25.26 15.91
C THR C 85 -47.79 -24.41 17.17
N PHE C 86 -48.17 -23.15 16.98
CA PHE C 86 -48.47 -22.27 18.11
C PHE C 86 -49.64 -22.80 18.91
N ASP C 87 -50.68 -23.24 18.23
CA ASP C 87 -51.87 -23.79 18.89
C ASP C 87 -51.50 -24.88 19.90
N GLU C 88 -50.62 -25.79 19.49
CA GLU C 88 -50.18 -26.90 20.34
C GLU C 88 -49.41 -26.43 21.58
N HIS C 89 -48.47 -25.51 21.39
CA HIS C 89 -47.60 -25.07 22.47
C HIS C 89 -48.34 -24.22 23.51
N PHE C 90 -49.07 -23.22 23.05
CA PHE C 90 -49.74 -22.27 23.95
C PHE C 90 -51.12 -22.68 24.42
N GLY C 91 -51.81 -23.50 23.62
CA GLY C 91 -53.17 -23.95 23.97
C GLY C 91 -54.27 -22.98 23.56
N LYS C 92 -53.88 -21.73 23.31
CA LYS C 92 -54.81 -20.67 22.92
C LYS C 92 -54.18 -19.82 21.81
N PRO C 93 -55.00 -19.05 21.06
CA PRO C 93 -54.42 -18.11 20.09
C PRO C 93 -53.76 -16.91 20.78
N ILE C 94 -52.69 -16.39 20.17
CA ILE C 94 -52.00 -15.20 20.69
C ILE C 94 -51.62 -14.25 19.54
N ALA C 95 -51.38 -12.99 19.90
CA ALA C 95 -51.02 -11.94 18.93
C ALA C 95 -49.75 -12.29 18.12
N SER C 96 -49.54 -11.58 17.02
CA SER C 96 -48.57 -11.98 15.99
C SER C 96 -47.12 -11.56 16.23
N TYR C 97 -46.90 -10.66 17.19
CA TYR C 97 -45.56 -10.14 17.48
C TYR C 97 -45.11 -10.42 18.91
N PRO C 98 -44.99 -11.71 19.30
CA PRO C 98 -44.64 -12.05 20.69
C PRO C 98 -43.26 -11.54 21.11
N PRO C 99 -43.13 -11.08 22.36
CA PRO C 99 -41.84 -10.62 22.88
C PRO C 99 -40.85 -11.77 23.00
N ARG C 100 -39.55 -11.44 23.01
CA ARG C 100 -38.46 -12.41 23.10
C ARG C 100 -38.81 -13.66 23.90
N GLU C 101 -39.18 -13.46 25.16
CA GLU C 101 -39.41 -14.54 26.11
C GLU C 101 -40.45 -15.55 25.63
N VAL C 102 -41.53 -15.02 25.06
CA VAL C 102 -42.59 -15.86 24.50
C VAL C 102 -42.06 -16.75 23.36
N LEU C 103 -41.26 -16.19 22.46
CA LEU C 103 -40.70 -16.97 21.33
C LEU C 103 -39.58 -17.91 21.79
N TRP C 104 -38.90 -17.54 22.88
CA TRP C 104 -37.94 -18.42 23.53
C TRP C 104 -38.65 -19.65 24.09
N ASP C 105 -39.78 -19.43 24.77
CA ASP C 105 -40.57 -20.50 25.37
C ASP C 105 -41.11 -21.43 24.28
N TYR C 106 -41.52 -20.85 23.16
CA TYR C 106 -42.02 -21.61 22.01
C TYR C 106 -40.95 -22.52 21.42
N ILE C 107 -39.74 -21.99 21.23
CA ILE C 107 -38.66 -22.81 20.65
C ILE C 107 -38.16 -23.87 21.64
N LYS C 108 -38.15 -23.54 22.93
CA LYS C 108 -37.81 -24.51 23.95
C LYS C 108 -38.85 -25.61 23.97
N GLY C 109 -40.12 -25.23 23.86
CA GLY C 109 -41.23 -26.17 23.94
C GLY C 109 -41.12 -27.38 23.03
N ARG C 110 -40.74 -27.16 21.77
CA ARG C 110 -40.63 -28.24 20.78
C ARG C 110 -39.57 -29.25 21.21
N VAL C 111 -38.40 -28.75 21.62
CA VAL C 111 -37.27 -29.63 21.91
C VAL C 111 -37.36 -30.31 23.28
N GLU C 112 -38.01 -29.66 24.24
CA GLU C 112 -38.34 -30.30 25.54
C GLU C 112 -39.20 -31.54 25.33
N LYS C 113 -40.25 -31.38 24.51
CA LYS C 113 -41.11 -32.47 24.06
C LYS C 113 -40.31 -33.58 23.39
N ALA C 114 -39.43 -33.18 22.46
CA ALA C 114 -38.55 -34.13 21.77
C ALA C 114 -37.65 -34.92 22.74
N GLY C 115 -37.34 -34.33 23.89
CA GLY C 115 -36.42 -34.95 24.84
C GLY C 115 -35.00 -35.06 24.28
N VAL C 116 -34.56 -34.02 23.58
CA VAL C 116 -33.22 -34.01 22.97
C VAL C 116 -32.19 -33.25 23.82
N ARG C 117 -32.65 -32.64 24.90
CA ARG C 117 -31.76 -31.93 25.80
C ARG C 117 -30.60 -32.80 26.28
N LYS C 118 -30.85 -34.10 26.40
CA LYS C 118 -29.85 -35.04 26.90
C LYS C 118 -28.59 -35.11 26.05
N TYR C 119 -28.68 -34.69 24.80
CA TYR C 119 -27.55 -34.77 23.87
C TYR C 119 -26.58 -33.60 23.98
N ILE C 120 -27.04 -32.53 24.62
CA ILE C 120 -26.31 -31.27 24.66
C ILE C 120 -25.36 -31.22 25.84
N ARG C 121 -24.13 -30.79 25.54
CA ARG C 121 -23.16 -30.48 26.56
C ARG C 121 -23.09 -28.97 26.64
N PHE C 122 -23.67 -28.44 27.71
CA PHE C 122 -23.74 -26.99 27.95
C PHE C 122 -22.45 -26.45 28.55
N ASN C 123 -22.31 -25.12 28.53
CA ASN C 123 -21.14 -24.45 29.12
C ASN C 123 -19.85 -24.92 28.46
N THR C 124 -19.99 -25.35 27.21
CA THR C 124 -18.89 -25.94 26.47
C THR C 124 -18.63 -25.20 25.17
N ALA C 125 -17.39 -24.73 25.02
CA ALA C 125 -16.98 -23.92 23.89
C ALA C 125 -16.15 -24.72 22.90
N VAL C 126 -16.61 -24.73 21.65
CA VAL C 126 -15.91 -25.39 20.55
C VAL C 126 -14.68 -24.57 20.16
N ARG C 127 -13.49 -25.17 20.33
CA ARG C 127 -12.19 -24.55 20.08
C ARG C 127 -11.61 -24.77 18.69
N HIS C 128 -11.72 -26.01 18.20
CA HIS C 128 -11.19 -26.38 16.89
C HIS C 128 -11.93 -27.57 16.29
N VAL C 129 -12.22 -27.48 14.99
CA VAL C 129 -12.73 -28.61 14.23
C VAL C 129 -11.75 -28.87 13.11
N GLU C 130 -11.23 -30.10 13.07
CA GLU C 130 -10.18 -30.49 12.15
C GLU C 130 -10.55 -31.80 11.50
N PHE C 131 -10.46 -31.85 10.17
CA PHE C 131 -10.69 -33.08 9.43
C PHE C 131 -9.36 -33.83 9.29
N ASN C 132 -9.40 -35.16 9.38
CA ASN C 132 -8.22 -35.97 9.14
C ASN C 132 -8.44 -36.82 7.90
N GLU C 133 -7.60 -36.62 6.90
CA GLU C 133 -7.71 -37.35 5.63
C GLU C 133 -7.58 -38.87 5.81
N ASP C 134 -6.70 -39.29 6.71
CA ASP C 134 -6.46 -40.72 6.93
C ASP C 134 -7.67 -41.48 7.50
N SER C 135 -8.26 -40.99 8.59
CA SER C 135 -9.41 -41.66 9.20
C SER C 135 -10.73 -41.20 8.59
N GLN C 136 -10.68 -40.14 7.78
CA GLN C 136 -11.86 -39.56 7.16
C GLN C 136 -12.90 -39.10 8.19
N THR C 137 -12.42 -38.53 9.29
CA THR C 137 -13.27 -38.10 10.41
C THR C 137 -12.81 -36.76 10.98
N PHE C 138 -13.68 -36.14 11.77
CA PHE C 138 -13.41 -34.84 12.35
C PHE C 138 -13.01 -34.97 13.83
N THR C 139 -11.92 -34.32 14.21
CA THR C 139 -11.57 -34.13 15.61
C THR C 139 -12.14 -32.80 16.09
N VAL C 140 -13.09 -32.85 17.02
CA VAL C 140 -13.68 -31.63 17.58
C VAL C 140 -13.09 -31.36 18.96
N THR C 141 -12.33 -30.28 19.08
CA THR C 141 -11.69 -29.92 20.33
C THR C 141 -12.51 -28.83 21.03
N VAL C 142 -12.63 -29.00 22.33
CA VAL C 142 -13.68 -28.40 23.12
C VAL C 142 -13.12 -27.92 24.46
N GLN C 143 -13.62 -26.79 24.95
CA GLN C 143 -13.33 -26.35 26.32
C GLN C 143 -14.59 -26.41 27.18
N ASP C 144 -14.61 -27.40 28.07
CA ASP C 144 -15.69 -27.60 29.02
C ASP C 144 -15.44 -26.65 30.21
N HIS C 145 -16.34 -25.68 30.39
CA HIS C 145 -16.14 -24.66 31.42
C HIS C 145 -16.67 -25.05 32.79
N THR C 146 -17.25 -26.24 32.89
CA THR C 146 -17.69 -26.78 34.16
C THR C 146 -16.56 -27.56 34.84
N THR C 147 -15.77 -28.26 34.04
CA THR C 147 -14.69 -29.11 34.54
C THR C 147 -13.34 -28.42 34.40
N ASP C 148 -13.32 -27.28 33.69
CA ASP C 148 -12.08 -26.58 33.28
C ASP C 148 -11.06 -27.46 32.54
N THR C 149 -11.55 -28.27 31.61
CA THR C 149 -10.69 -29.13 30.81
C THR C 149 -10.90 -28.82 29.33
N ILE C 150 -9.86 -29.05 28.53
CA ILE C 150 -10.00 -29.11 27.09
C ILE C 150 -9.89 -30.57 26.74
N TYR C 151 -10.83 -31.06 25.95
CA TYR C 151 -10.77 -32.41 25.41
C TYR C 151 -11.26 -32.41 23.98
N SER C 152 -11.06 -33.52 23.29
CA SER C 152 -11.46 -33.66 21.91
C SER C 152 -12.07 -35.02 21.71
N GLU C 153 -12.97 -35.11 20.73
CA GLU C 153 -13.60 -36.37 20.36
C GLU C 153 -13.69 -36.49 18.85
N GLU C 154 -13.97 -37.70 18.37
CA GLU C 154 -14.06 -37.99 16.93
C GLU C 154 -15.49 -38.05 16.42
N PHE C 155 -15.72 -37.48 15.24
CA PHE C 155 -17.05 -37.50 14.62
C PHE C 155 -16.96 -37.81 13.13
N ASP C 156 -17.98 -38.46 12.61
CA ASP C 156 -18.05 -38.74 11.17
C ASP C 156 -18.56 -37.53 10.39
N TYR C 157 -19.49 -36.78 10.99
CA TYR C 157 -20.05 -35.57 10.38
C TYR C 157 -20.11 -34.42 11.41
N VAL C 158 -19.97 -33.19 10.91
CA VAL C 158 -20.14 -32.01 11.74
C VAL C 158 -21.22 -31.09 11.16
N VAL C 159 -22.16 -30.68 12.01
CA VAL C 159 -23.14 -29.67 11.63
C VAL C 159 -22.97 -28.37 12.44
N CYS C 160 -22.55 -27.32 11.73
CA CYS C 160 -22.28 -26.02 12.32
C CYS C 160 -23.55 -25.18 12.39
N CYS C 161 -23.91 -24.78 13.61
CA CYS C 161 -25.08 -23.97 13.88
C CYS C 161 -24.72 -22.82 14.82
N THR C 162 -23.60 -22.14 14.54
CA THR C 162 -23.11 -21.13 15.47
C THR C 162 -23.65 -19.73 15.21
N GLY C 163 -24.46 -19.59 14.16
CA GLY C 163 -25.07 -18.31 13.80
C GLY C 163 -24.08 -17.40 13.10
N HIS C 164 -24.53 -16.21 12.72
CA HIS C 164 -23.65 -15.22 12.08
C HIS C 164 -24.00 -13.78 12.43
N PHE C 165 -24.74 -13.59 13.51
CA PHE C 165 -25.09 -12.27 14.02
C PHE C 165 -24.60 -12.06 15.47
N SER C 166 -23.35 -12.46 15.74
CA SER C 166 -22.78 -12.33 17.09
C SER C 166 -21.40 -11.66 17.12
N THR C 167 -20.70 -11.69 16.00
CA THR C 167 -19.39 -11.06 15.88
C THR C 167 -19.54 -9.78 15.08
N PRO C 168 -19.51 -8.63 15.76
CA PRO C 168 -19.87 -7.35 15.16
C PRO C 168 -18.86 -6.84 14.16
N TYR C 169 -19.35 -6.20 13.11
CA TYR C 169 -18.55 -5.30 12.30
C TYR C 169 -18.63 -3.92 12.97
N VAL C 170 -17.49 -3.40 13.41
CA VAL C 170 -17.44 -2.13 14.14
C VAL C 170 -16.42 -1.19 13.48
N PRO C 171 -16.90 -0.34 12.57
CA PRO C 171 -15.91 0.55 11.95
C PRO C 171 -15.65 1.76 12.83
N GLU C 172 -14.49 2.37 12.63
CA GLU C 172 -14.09 3.57 13.37
C GLU C 172 -14.44 4.77 12.52
N PHE C 173 -14.90 5.84 13.17
CA PHE C 173 -15.05 7.13 12.52
C PHE C 173 -14.05 8.10 13.12
N GLU C 174 -13.74 9.16 12.37
CA GLU C 174 -12.74 10.13 12.81
C GLU C 174 -13.18 10.81 14.12
N GLY C 175 -12.29 10.79 15.11
CA GLY C 175 -12.54 11.42 16.40
C GLY C 175 -13.21 10.54 17.44
N PHE C 176 -13.40 9.26 17.13
CA PHE C 176 -14.02 8.32 18.07
C PHE C 176 -13.31 8.24 19.42
N GLU C 177 -12.00 8.53 19.40
CA GLU C 177 -11.13 8.38 20.56
C GLU C 177 -11.32 9.50 21.58
N LYS C 178 -11.70 10.68 21.11
CA LYS C 178 -11.89 11.84 21.98
C LYS C 178 -13.35 12.04 22.37
N PHE C 179 -14.24 11.21 21.82
CA PHE C 179 -15.68 11.31 22.08
C PHE C 179 -16.00 10.88 23.51
N GLY C 180 -16.66 11.78 24.26
CA GLY C 180 -16.94 11.57 25.67
C GLY C 180 -18.20 10.79 25.98
N GLY C 181 -18.96 10.45 24.95
CA GLY C 181 -20.17 9.67 25.13
C GLY C 181 -19.94 8.18 24.94
N ARG C 182 -21.00 7.40 25.15
CA ARG C 182 -20.91 5.95 24.96
C ARG C 182 -20.87 5.60 23.49
N ILE C 183 -19.94 4.70 23.14
CA ILE C 183 -19.92 4.09 21.81
C ILE C 183 -20.03 2.58 21.96
N LEU C 184 -21.20 2.06 21.60
CA LEU C 184 -21.45 0.62 21.59
C LEU C 184 -21.93 0.18 20.20
N HIS C 185 -21.69 -1.08 19.88
CA HIS C 185 -22.29 -1.70 18.70
C HIS C 185 -23.68 -2.18 19.12
N ALA C 186 -24.56 -2.39 18.13
CA ALA C 186 -25.89 -2.96 18.40
C ALA C 186 -25.79 -4.22 19.26
N HIS C 187 -24.68 -4.94 19.10
CA HIS C 187 -24.44 -6.20 19.79
C HIS C 187 -24.41 -6.05 21.32
N ASP C 188 -23.95 -4.90 21.82
CA ASP C 188 -23.87 -4.63 23.26
C ASP C 188 -25.12 -3.96 23.82
N PHE C 189 -26.08 -3.65 22.96
CA PHE C 189 -27.26 -2.91 23.37
C PHE C 189 -28.16 -3.79 24.22
N ARG C 190 -28.44 -3.36 25.45
CA ARG C 190 -29.22 -4.18 26.38
C ARG C 190 -30.47 -3.52 26.94
N ASP C 191 -30.38 -2.24 27.31
CA ASP C 191 -31.46 -1.53 27.99
C ASP C 191 -31.71 -0.11 27.48
N ALA C 192 -32.79 0.06 26.71
CA ALA C 192 -33.18 1.35 26.14
C ALA C 192 -33.39 2.43 27.20
N LEU C 193 -33.65 1.97 28.42
CA LEU C 193 -33.89 2.84 29.57
C LEU C 193 -32.63 3.58 29.98
N GLU C 194 -31.47 3.07 29.57
CA GLU C 194 -30.18 3.71 29.84
C GLU C 194 -29.99 4.95 28.99
N PHE C 195 -30.83 5.09 27.96
CA PHE C 195 -30.72 6.20 27.03
C PHE C 195 -31.93 7.11 27.11
N LYS C 196 -32.71 6.95 28.17
CA LYS C 196 -33.82 7.84 28.46
C LYS C 196 -33.27 9.24 28.67
N ASP C 197 -33.98 10.23 28.13
CA ASP C 197 -33.61 11.65 28.23
C ASP C 197 -32.31 11.97 27.48
N LYS C 198 -31.87 11.07 26.60
CA LYS C 198 -30.60 11.23 25.89
C LYS C 198 -30.77 11.36 24.38
N THR C 199 -29.81 12.03 23.75
CA THR C 199 -29.74 12.14 22.30
C THR C 199 -28.85 11.02 21.75
N VAL C 200 -29.48 10.10 21.02
CA VAL C 200 -28.80 8.88 20.57
C VAL C 200 -28.59 8.91 19.07
N LEU C 201 -27.34 8.74 18.65
CA LEU C 201 -27.00 8.58 17.24
C LEU C 201 -26.99 7.11 16.86
N LEU C 202 -27.71 6.78 15.79
CA LEU C 202 -27.75 5.41 15.28
C LEU C 202 -27.08 5.34 13.93
N VAL C 203 -25.89 4.74 13.89
CA VAL C 203 -25.10 4.70 12.67
C VAL C 203 -25.35 3.41 11.91
N GLY C 204 -25.71 3.54 10.64
CA GLY C 204 -25.88 2.38 9.78
C GLY C 204 -27.34 2.05 9.54
N SER C 205 -27.55 1.07 8.67
CA SER C 205 -28.89 0.73 8.21
C SER C 205 -29.12 -0.77 8.37
N SER C 206 -30.23 -1.11 9.01
CA SER C 206 -30.59 -2.50 9.32
C SER C 206 -31.99 -2.57 9.94
N SER C 207 -32.52 -3.79 10.05
CA SER C 207 -33.75 -4.02 10.81
C SER C 207 -33.55 -3.82 12.31
N SER C 208 -32.34 -4.12 12.79
CA SER C 208 -31.94 -3.81 14.17
C SER C 208 -31.75 -2.31 14.41
N ALA C 209 -31.34 -1.58 13.37
CA ALA C 209 -31.19 -0.12 13.45
C ALA C 209 -32.54 0.55 13.73
N GLU C 210 -33.56 0.14 13.00
CA GLU C 210 -34.92 0.64 13.15
C GLU C 210 -35.47 0.27 14.52
N ASP C 211 -35.29 -1.00 14.89
CA ASP C 211 -35.89 -1.54 16.09
C ASP C 211 -35.26 -1.01 17.37
N ILE C 212 -33.93 -0.95 17.41
CA ILE C 212 -33.20 -0.42 18.56
C ILE C 212 -33.62 1.02 18.86
N GLY C 213 -33.70 1.84 17.81
CA GLY C 213 -34.18 3.20 17.92
C GLY C 213 -35.64 3.27 18.34
N SER C 214 -36.45 2.37 17.77
CA SER C 214 -37.86 2.25 18.13
C SER C 214 -38.01 1.95 19.61
N GLN C 215 -37.08 1.15 20.14
CA GLN C 215 -37.03 0.85 21.57
C GLN C 215 -36.64 2.09 22.36
N CYS C 216 -35.61 2.79 21.90
CA CYS C 216 -35.10 3.99 22.57
C CYS C 216 -36.17 5.09 22.67
N TYR C 217 -36.86 5.32 21.55
CA TYR C 217 -38.00 6.23 21.52
C TYR C 217 -39.04 5.80 22.57
N LYS C 218 -39.49 4.56 22.46
CA LYS C 218 -40.51 3.98 23.34
C LYS C 218 -40.23 4.14 24.84
N TYR C 219 -38.95 4.16 25.22
CA TYR C 219 -38.57 4.23 26.62
C TYR C 219 -38.01 5.58 27.07
N GLY C 220 -38.43 6.64 26.37
CA GLY C 220 -38.21 8.00 26.84
C GLY C 220 -36.90 8.67 26.47
N ALA C 221 -36.32 8.30 25.33
CA ALA C 221 -35.16 9.00 24.81
C ALA C 221 -35.56 10.36 24.27
N LYS C 222 -34.68 11.35 24.44
CA LYS C 222 -35.01 12.73 24.10
C LYS C 222 -35.06 12.96 22.59
N LYS C 223 -33.97 12.63 21.91
CA LYS C 223 -33.88 12.79 20.47
C LYS C 223 -33.15 11.60 19.85
N LEU C 224 -33.54 11.26 18.63
CA LEU C 224 -32.93 10.16 17.90
C LEU C 224 -32.53 10.58 16.48
N ILE C 225 -31.25 10.40 16.18
CA ILE C 225 -30.72 10.69 14.84
C ILE C 225 -30.25 9.38 14.21
N SER C 226 -30.67 9.15 12.96
CA SER C 226 -30.18 8.01 12.21
C SER C 226 -29.50 8.45 10.91
N CYS C 227 -28.29 7.95 10.71
CA CYS C 227 -27.53 8.28 9.51
C CYS C 227 -27.05 7.02 8.81
N TYR C 228 -27.07 7.07 7.48
CA TYR C 228 -26.55 6.00 6.63
C TYR C 228 -26.28 6.51 5.20
N ARG C 229 -25.66 5.65 4.39
CA ARG C 229 -25.29 5.98 3.01
C ARG C 229 -26.16 5.22 2.00
N THR C 230 -26.76 4.12 2.44
CA THR C 230 -27.68 3.33 1.62
C THR C 230 -29.05 4.02 1.55
N ALA C 231 -29.97 3.43 0.77
CA ALA C 231 -31.29 4.03 0.53
C ALA C 231 -32.19 4.02 1.79
N PRO C 232 -32.91 5.13 2.02
CA PRO C 232 -33.91 5.18 3.09
C PRO C 232 -35.21 4.50 2.69
N MET C 233 -35.93 3.95 3.68
CA MET C 233 -37.19 3.24 3.42
C MET C 233 -38.39 4.17 3.31
N GLY C 234 -38.22 5.42 3.77
CA GLY C 234 -39.26 6.42 3.71
C GLY C 234 -40.32 6.26 4.79
N TYR C 235 -39.91 5.72 5.93
CA TYR C 235 -40.82 5.49 7.06
C TYR C 235 -41.21 6.78 7.76
N LYS C 236 -42.45 6.80 8.27
CA LYS C 236 -42.97 7.96 8.99
C LYS C 236 -42.42 7.98 10.42
N TRP C 237 -41.24 8.57 10.58
CA TRP C 237 -40.58 8.67 11.88
C TRP C 237 -41.23 9.77 12.74
N PRO C 238 -41.28 9.55 14.08
CA PRO C 238 -41.88 10.51 15.02
C PRO C 238 -41.19 11.88 15.06
N GLU C 239 -41.78 12.81 15.82
CA GLU C 239 -41.28 14.18 15.97
C GLU C 239 -39.78 14.24 16.26
N ASN C 240 -39.36 13.55 17.32
CA ASN C 240 -37.98 13.63 17.82
C ASN C 240 -37.01 12.67 17.11
N TRP C 241 -37.49 12.03 16.06
CA TRP C 241 -36.64 11.19 15.21
C TRP C 241 -36.32 11.97 13.94
N ASP C 242 -35.07 12.41 13.82
CA ASP C 242 -34.62 13.17 12.66
C ASP C 242 -33.48 12.49 11.93
N GLU C 243 -33.61 12.39 10.60
CA GLU C 243 -32.60 11.77 9.76
C GLU C 243 -31.61 12.80 9.23
N ARG C 244 -30.36 12.36 9.09
CA ARG C 244 -29.30 13.16 8.49
C ARG C 244 -28.44 12.21 7.63
N PRO C 245 -27.76 12.75 6.60
CA PRO C 245 -26.83 11.93 5.81
C PRO C 245 -25.70 11.41 6.69
N ASN C 246 -24.91 10.48 6.14
CA ASN C 246 -23.96 9.70 6.95
C ASN C 246 -23.00 10.52 7.81
N LEU C 247 -22.56 9.90 8.91
CA LEU C 247 -21.58 10.48 9.81
C LEU C 247 -20.22 10.68 9.14
N VAL C 248 -19.55 11.78 9.47
CA VAL C 248 -18.22 12.08 8.96
C VAL C 248 -17.17 12.13 10.08
N ARG C 249 -17.52 12.77 11.19
CA ARG C 249 -16.59 12.99 12.29
C ARG C 249 -17.31 13.25 13.60
N VAL C 250 -16.61 13.05 14.71
CA VAL C 250 -17.08 13.44 16.04
C VAL C 250 -15.95 14.13 16.81
N ASP C 251 -16.30 15.04 17.72
CA ASP C 251 -15.36 15.57 18.69
C ASP C 251 -15.81 15.19 20.10
N THR C 252 -15.41 15.97 21.11
CA THR C 252 -15.76 15.68 22.51
C THR C 252 -17.24 15.39 22.70
N GLU C 253 -18.10 16.19 22.08
CA GLU C 253 -19.54 16.16 22.36
C GLU C 253 -20.45 16.26 21.14
N ASN C 254 -19.88 16.49 19.96
CA ASN C 254 -20.66 16.72 18.75
C ASN C 254 -20.43 15.70 17.64
N ALA C 255 -21.47 15.47 16.85
CA ALA C 255 -21.40 14.61 15.67
C ALA C 255 -21.54 15.45 14.40
N TYR C 256 -20.59 15.32 13.49
CA TYR C 256 -20.57 16.11 12.27
C TYR C 256 -20.94 15.28 11.04
N PHE C 257 -21.99 15.70 10.36
CA PHE C 257 -22.52 14.93 9.24
C PHE C 257 -22.06 15.49 7.90
N ALA C 258 -22.46 14.80 6.83
CA ALA C 258 -22.03 15.14 5.47
C ALA C 258 -22.71 16.39 4.90
N ASP C 259 -23.97 16.64 5.27
CA ASP C 259 -24.69 17.83 4.80
C ASP C 259 -24.17 19.14 5.37
N GLY C 260 -23.27 19.04 6.36
CA GLY C 260 -22.67 20.21 6.98
C GLY C 260 -23.14 20.45 8.40
N SER C 261 -24.23 19.77 8.77
CA SER C 261 -24.85 19.94 10.09
C SER C 261 -23.98 19.39 11.23
N SER C 262 -24.22 19.90 12.43
CA SER C 262 -23.52 19.46 13.64
C SER C 262 -24.51 19.45 14.79
N GLU C 263 -24.55 18.35 15.53
CA GLU C 263 -25.43 18.23 16.70
C GLU C 263 -24.71 17.58 17.88
N LYS C 264 -25.03 18.06 19.08
CA LYS C 264 -24.53 17.48 20.31
C LYS C 264 -25.17 16.10 20.47
N VAL C 265 -24.33 15.09 20.65
CA VAL C 265 -24.78 13.70 20.73
C VAL C 265 -24.22 13.03 21.99
N ASP C 266 -25.12 12.45 22.78
CA ASP C 266 -24.74 11.80 24.04
C ASP C 266 -24.17 10.40 23.84
N ALA C 267 -24.79 9.62 22.96
CA ALA C 267 -24.36 8.24 22.72
C ALA C 267 -24.46 7.82 21.25
N ILE C 268 -23.54 6.97 20.83
CA ILE C 268 -23.51 6.41 19.47
C ILE C 268 -23.68 4.90 19.52
N ILE C 269 -24.69 4.39 18.81
CA ILE C 269 -24.87 2.94 18.65
C ILE C 269 -24.58 2.60 17.20
N LEU C 270 -23.57 1.77 16.98
CA LEU C 270 -23.16 1.35 15.64
C LEU C 270 -23.95 0.14 15.17
N CYS C 271 -24.99 0.39 14.36
CA CYS C 271 -25.84 -0.66 13.79
C CYS C 271 -25.31 -1.02 12.42
N THR C 272 -24.09 -1.54 12.40
CA THR C 272 -23.30 -1.67 11.20
C THR C 272 -23.12 -3.12 10.73
N GLY C 273 -23.74 -4.06 11.43
CA GLY C 273 -23.78 -5.45 10.98
C GLY C 273 -22.85 -6.38 11.73
N TYR C 274 -22.59 -7.53 11.12
CA TYR C 274 -21.77 -8.56 11.73
C TYR C 274 -20.98 -9.27 10.65
N ILE C 275 -19.97 -10.03 11.08
CA ILE C 275 -19.18 -10.86 10.18
C ILE C 275 -19.38 -12.35 10.46
N HIS C 276 -19.09 -13.16 9.45
CA HIS C 276 -19.08 -14.61 9.59
C HIS C 276 -17.75 -15.00 10.17
N HIS C 277 -17.74 -15.22 11.48
CA HIS C 277 -16.53 -15.49 12.25
C HIS C 277 -16.56 -16.89 12.88
N PHE C 278 -15.65 -17.75 12.45
CA PHE C 278 -15.54 -19.11 12.94
C PHE C 278 -14.09 -19.41 13.32
N PRO C 279 -13.67 -18.98 14.54
CA PRO C 279 -12.27 -19.13 14.99
C PRO C 279 -11.87 -20.58 15.24
N PHE C 280 -12.86 -21.46 15.33
CA PHE C 280 -12.61 -22.90 15.53
C PHE C 280 -12.38 -23.66 14.19
N LEU C 281 -12.25 -22.94 13.09
CA LEU C 281 -12.12 -23.57 11.76
C LEU C 281 -10.93 -23.03 10.97
N ASN C 282 -10.18 -23.93 10.34
CA ASN C 282 -9.15 -23.57 9.38
C ASN C 282 -9.78 -23.21 8.04
N ASP C 283 -8.99 -22.61 7.14
CA ASP C 283 -9.47 -22.16 5.83
C ASP C 283 -10.13 -23.24 4.97
N ASP C 284 -9.76 -24.51 5.22
CA ASP C 284 -10.32 -25.67 4.51
C ASP C 284 -11.82 -25.87 4.78
N LEU C 285 -12.26 -25.53 5.98
CA LEU C 285 -13.67 -25.71 6.34
C LEU C 285 -14.44 -24.40 6.56
N ARG C 286 -13.71 -23.28 6.61
CA ARG C 286 -14.27 -21.99 7.03
C ARG C 286 -15.02 -21.23 5.92
N LEU C 287 -16.32 -21.04 6.14
CA LEU C 287 -17.15 -20.21 5.28
C LEU C 287 -16.73 -18.75 5.39
N VAL C 288 -16.35 -18.16 4.26
CA VAL C 288 -16.05 -16.72 4.16
C VAL C 288 -17.14 -16.07 3.30
N THR C 289 -17.89 -15.12 3.87
CA THR C 289 -18.94 -14.44 3.11
C THR C 289 -19.48 -13.18 3.78
N ASN C 290 -19.95 -12.25 2.95
CA ASN C 290 -20.77 -11.15 3.42
C ASN C 290 -22.15 -11.69 3.73
N ASN C 291 -22.91 -10.97 4.55
CA ASN C 291 -24.29 -11.38 4.84
C ASN C 291 -25.20 -11.22 3.61
N ARG C 292 -25.69 -12.35 3.10
CA ARG C 292 -26.54 -12.38 1.91
C ARG C 292 -27.50 -13.58 1.92
N LEU C 293 -28.40 -13.63 0.93
CA LEU C 293 -29.34 -14.73 0.80
C LEU C 293 -28.70 -15.97 0.19
N TRP C 294 -27.61 -15.77 -0.58
CA TRP C 294 -26.92 -16.92 -1.17
C TRP C 294 -25.39 -16.87 -1.10
N PRO C 295 -24.83 -17.32 0.03
CA PRO C 295 -23.38 -17.51 0.09
C PRO C 295 -22.94 -18.65 -0.81
N LEU C 296 -21.76 -18.51 -1.42
CA LEU C 296 -21.20 -19.55 -2.27
C LEU C 296 -20.67 -20.68 -1.41
N ASN C 297 -20.27 -21.78 -2.05
CA ASN C 297 -19.67 -22.95 -1.39
C ASN C 297 -20.58 -23.85 -0.57
N LEU C 298 -21.87 -23.58 -0.62
CA LEU C 298 -22.86 -24.32 0.15
C LEU C 298 -23.90 -24.97 -0.75
N TYR C 299 -23.73 -26.27 -0.98
CA TYR C 299 -24.68 -26.99 -1.81
C TYR C 299 -26.02 -27.02 -1.09
N LYS C 300 -27.06 -26.62 -1.82
CA LYS C 300 -28.41 -26.41 -1.29
C LYS C 300 -28.44 -25.45 -0.13
N GLY C 301 -27.44 -24.57 -0.09
CA GLY C 301 -27.26 -23.59 0.98
C GLY C 301 -26.83 -24.18 2.30
N VAL C 302 -26.34 -25.43 2.28
CA VAL C 302 -26.08 -26.18 3.53
C VAL C 302 -24.78 -27.00 3.55
N VAL C 303 -24.53 -27.75 2.47
CA VAL C 303 -23.43 -28.69 2.40
C VAL C 303 -22.13 -28.01 1.94
N TRP C 304 -21.12 -27.98 2.81
CA TRP C 304 -19.79 -27.46 2.46
C TRP C 304 -19.22 -28.18 1.24
N GLU C 305 -19.01 -27.47 0.14
CA GLU C 305 -18.69 -28.13 -1.14
C GLU C 305 -17.28 -28.74 -1.24
N ASP C 306 -16.36 -28.24 -0.42
CA ASP C 306 -15.00 -28.80 -0.35
C ASP C 306 -14.90 -29.99 0.61
N ASN C 307 -15.92 -30.15 1.46
CA ASN C 307 -16.01 -31.31 2.35
C ASN C 307 -17.48 -31.60 2.70
N PRO C 308 -18.12 -32.46 1.89
CA PRO C 308 -19.55 -32.75 1.93
C PRO C 308 -20.01 -33.46 3.20
N LYS C 309 -19.09 -33.64 4.17
CA LYS C 309 -19.43 -34.22 5.47
C LYS C 309 -19.50 -33.11 6.54
N PHE C 310 -19.27 -31.87 6.11
CA PHE C 310 -19.43 -30.70 6.96
C PHE C 310 -20.62 -29.86 6.50
N PHE C 311 -21.46 -29.46 7.44
CA PHE C 311 -22.71 -28.76 7.10
C PHE C 311 -22.81 -27.42 7.83
N TYR C 312 -23.51 -26.49 7.21
CA TYR C 312 -23.80 -25.20 7.84
C TYR C 312 -25.30 -25.00 7.90
N ILE C 313 -25.81 -24.62 9.07
CA ILE C 313 -27.23 -24.28 9.17
C ILE C 313 -27.44 -22.79 9.50
N GLY C 314 -28.33 -22.15 8.73
CA GLY C 314 -28.80 -20.79 9.02
C GLY C 314 -27.78 -19.68 8.82
N MET C 315 -26.94 -19.82 7.80
CA MET C 315 -25.86 -18.89 7.54
C MET C 315 -26.25 -17.85 6.49
N GLN C 316 -27.49 -17.93 6.02
CA GLN C 316 -28.05 -16.98 5.08
C GLN C 316 -28.54 -15.76 5.82
N ASP C 317 -28.76 -14.67 5.10
CA ASP C 317 -29.54 -13.58 5.66
C ASP C 317 -30.94 -14.12 5.83
N GLN C 318 -31.69 -13.55 6.76
CA GLN C 318 -32.97 -14.14 7.15
C GLN C 318 -34.15 -13.20 7.01
N TRP C 319 -35.12 -13.61 6.23
CA TRP C 319 -36.44 -13.06 6.23
C TRP C 319 -37.27 -14.13 6.93
N TYR C 320 -37.24 -15.32 6.37
CA TYR C 320 -37.70 -16.56 6.93
C TYR C 320 -36.70 -16.94 7.99
N SER C 321 -37.10 -17.60 9.04
CA SER C 321 -36.15 -17.99 10.02
C SER C 321 -36.14 -19.39 10.54
N PHE C 322 -37.05 -19.72 11.41
CA PHE C 322 -37.03 -20.98 12.07
C PHE C 322 -37.40 -22.12 11.15
N ASN C 323 -38.40 -21.97 10.31
CA ASN C 323 -38.75 -23.04 9.35
C ASN C 323 -37.79 -23.20 8.15
N MET C 324 -36.97 -22.18 7.87
CA MET C 324 -35.81 -22.38 7.00
C MET C 324 -34.80 -23.32 7.71
N PHE C 325 -34.53 -23.03 8.98
CA PHE C 325 -33.58 -23.84 9.77
C PHE C 325 -34.03 -25.31 9.83
N ASP C 326 -35.34 -25.51 9.90
CA ASP C 326 -35.94 -26.83 9.91
C ASP C 326 -35.71 -27.55 8.59
N ALA C 327 -36.13 -26.91 7.50
CA ALA C 327 -35.89 -27.39 6.14
C ALA C 327 -34.41 -27.71 5.89
N GLN C 328 -33.54 -26.88 6.46
CA GLN C 328 -32.09 -27.06 6.35
C GLN C 328 -31.61 -28.25 7.18
N ALA C 329 -32.15 -28.39 8.38
CA ALA C 329 -31.81 -29.49 9.27
C ALA C 329 -32.36 -30.82 8.77
N TRP C 330 -33.55 -30.80 8.16
CA TRP C 330 -34.17 -32.00 7.62
C TRP C 330 -33.39 -32.51 6.43
N TYR C 331 -33.07 -31.60 5.50
CA TYR C 331 -32.21 -31.93 4.38
C TYR C 331 -30.85 -32.47 4.84
N ALA C 332 -30.16 -31.72 5.71
CA ALA C 332 -28.84 -32.12 6.23
C ALA C 332 -28.87 -33.47 6.95
N ARG C 333 -29.98 -33.78 7.60
CA ARG C 333 -30.21 -35.07 8.26
C ARG C 333 -30.24 -36.19 7.24
N ASP C 334 -31.06 -36.00 6.20
CA ASP C 334 -31.21 -36.99 5.15
C ASP C 334 -29.90 -37.29 4.40
N VAL C 335 -29.09 -36.28 4.14
CA VAL C 335 -27.76 -36.53 3.56
C VAL C 335 -26.94 -37.40 4.52
N ILE C 336 -26.83 -36.95 5.77
CA ILE C 336 -26.10 -37.70 6.81
C ILE C 336 -26.54 -39.17 6.91
N MET C 337 -27.84 -39.42 6.81
CA MET C 337 -28.37 -40.77 6.95
C MET C 337 -28.37 -41.60 5.65
N GLY C 338 -28.06 -40.96 4.52
CA GLY C 338 -27.91 -41.64 3.25
C GLY C 338 -29.20 -41.77 2.46
N ARG C 339 -30.25 -41.06 2.90
CA ARG C 339 -31.54 -41.03 2.22
C ARG C 339 -31.48 -40.22 0.92
N LEU C 340 -30.57 -39.24 0.89
CA LEU C 340 -30.34 -38.41 -0.28
C LEU C 340 -28.84 -38.44 -0.60
N PRO C 341 -28.46 -39.03 -1.75
CA PRO C 341 -27.07 -38.99 -2.18
C PRO C 341 -26.70 -37.61 -2.71
N LEU C 342 -25.40 -37.34 -2.80
CA LEU C 342 -24.91 -36.04 -3.28
C LEU C 342 -24.36 -36.15 -4.70
N PRO C 343 -24.55 -35.09 -5.51
CA PRO C 343 -23.90 -35.00 -6.81
C PRO C 343 -22.41 -34.74 -6.67
N SER C 344 -21.68 -34.77 -7.79
CA SER C 344 -20.24 -34.52 -7.79
C SER C 344 -19.95 -33.07 -7.38
N LYS C 345 -18.71 -32.80 -6.98
CA LYS C 345 -18.30 -31.44 -6.65
C LYS C 345 -18.65 -30.47 -7.79
N GLU C 346 -18.22 -30.80 -9.01
CA GLU C 346 -18.46 -29.94 -10.17
C GLU C 346 -19.96 -29.72 -10.40
N GLU C 347 -20.77 -30.73 -10.06
CA GLU C 347 -22.22 -30.59 -10.17
C GLU C 347 -22.79 -29.72 -9.06
N MET C 348 -22.25 -29.85 -7.85
CA MET C 348 -22.65 -29.00 -6.74
C MET C 348 -22.35 -27.52 -7.04
N LYS C 349 -21.12 -27.26 -7.50
CA LYS C 349 -20.67 -25.87 -7.74
C LYS C 349 -21.39 -25.16 -8.89
N ALA C 350 -21.86 -25.91 -9.89
CA ALA C 350 -22.68 -25.35 -10.96
C ALA C 350 -24.08 -24.98 -10.48
N ASP C 351 -24.70 -25.86 -9.69
CA ASP C 351 -26.01 -25.60 -9.10
C ASP C 351 -25.96 -24.33 -8.23
N SER C 352 -24.88 -24.20 -7.46
CA SER C 352 -24.65 -23.02 -6.63
C SER C 352 -24.49 -21.75 -7.47
N MET C 353 -23.81 -21.86 -8.60
CA MET C 353 -23.69 -20.75 -9.53
C MET C 353 -25.06 -20.23 -9.96
N ALA C 354 -25.96 -21.16 -10.34
CA ALA C 354 -27.31 -20.78 -10.76
C ALA C 354 -28.08 -19.99 -9.70
N TRP C 355 -28.09 -20.47 -8.46
CA TRP C 355 -28.74 -19.76 -7.36
C TRP C 355 -28.11 -18.40 -7.14
N ARG C 356 -26.79 -18.33 -7.26
CA ARG C 356 -26.06 -17.07 -7.17
C ARG C 356 -26.45 -16.09 -8.29
N GLU C 357 -26.50 -16.58 -9.52
CA GLU C 357 -26.89 -15.75 -10.66
C GLU C 357 -28.31 -15.22 -10.47
N LYS C 358 -29.19 -16.07 -9.94
CA LYS C 358 -30.56 -15.71 -9.62
C LYS C 358 -30.58 -14.68 -8.48
N GLU C 359 -29.67 -14.85 -7.53
CA GLU C 359 -29.56 -13.96 -6.37
C GLU C 359 -29.14 -12.53 -6.74
N LEU C 360 -28.19 -12.42 -7.68
CA LEU C 360 -27.70 -11.11 -8.13
C LEU C 360 -28.74 -10.29 -8.92
N THR C 361 -29.84 -10.93 -9.33
CA THR C 361 -30.91 -10.25 -10.05
C THR C 361 -31.95 -9.62 -9.11
N LEU C 362 -31.82 -9.87 -7.81
CA LEU C 362 -32.82 -9.46 -6.83
C LEU C 362 -32.67 -8.00 -6.43
N VAL C 363 -33.80 -7.30 -6.35
CA VAL C 363 -33.81 -5.85 -6.08
C VAL C 363 -34.73 -5.48 -4.91
N THR C 364 -36.00 -5.85 -5.01
CA THR C 364 -37.02 -5.43 -4.04
C THR C 364 -37.21 -6.42 -2.90
N ALA C 365 -37.66 -5.90 -1.75
CA ALA C 365 -37.98 -6.74 -0.59
C ALA C 365 -38.84 -7.96 -0.95
N GLU C 366 -39.88 -7.75 -1.75
CA GLU C 366 -40.74 -8.85 -2.18
C GLU C 366 -39.96 -9.91 -2.95
N GLU C 367 -39.06 -9.46 -3.82
CA GLU C 367 -38.19 -10.35 -4.58
C GLU C 367 -37.22 -11.12 -3.67
N MET C 368 -36.84 -10.51 -2.54
CA MET C 368 -35.91 -11.13 -1.58
C MET C 368 -36.49 -12.38 -0.93
N TYR C 369 -37.60 -12.22 -0.21
CA TYR C 369 -38.21 -13.35 0.49
C TYR C 369 -38.89 -14.37 -0.43
N THR C 370 -39.31 -13.95 -1.63
CA THR C 370 -39.86 -14.89 -2.62
C THR C 370 -38.76 -15.86 -3.01
N TYR C 371 -37.60 -15.32 -3.33
CA TYR C 371 -36.40 -16.12 -3.57
C TYR C 371 -36.11 -17.07 -2.40
N GLN C 372 -36.09 -16.54 -1.18
CA GLN C 372 -35.82 -17.37 0.00
C GLN C 372 -36.89 -18.46 0.18
N GLY C 373 -38.16 -18.06 0.03
CA GLY C 373 -39.29 -18.99 0.04
C GLY C 373 -39.15 -20.11 -0.98
N ASP C 374 -38.71 -19.77 -2.19
CA ASP C 374 -38.45 -20.75 -3.24
C ASP C 374 -37.33 -21.70 -2.85
N TYR C 375 -36.33 -21.14 -2.17
CA TYR C 375 -35.23 -21.94 -1.68
C TYR C 375 -35.71 -22.99 -0.68
N ILE C 376 -36.49 -22.55 0.30
CA ILE C 376 -37.04 -23.43 1.34
C ILE C 376 -37.95 -24.52 0.77
N GLN C 377 -38.72 -24.17 -0.26
CA GLN C 377 -39.58 -25.10 -0.98
C GLN C 377 -38.78 -26.26 -1.59
N ASN C 378 -37.75 -25.93 -2.35
CA ASN C 378 -36.87 -26.95 -2.92
C ASN C 378 -36.31 -27.88 -1.84
N LEU C 379 -36.03 -27.32 -0.65
CA LEU C 379 -35.54 -28.11 0.48
C LEU C 379 -36.60 -29.07 1.00
N ILE C 380 -37.81 -28.57 1.22
CA ILE C 380 -38.86 -29.38 1.83
C ILE C 380 -39.38 -30.50 0.90
N ASP C 381 -39.43 -30.21 -0.39
CA ASP C 381 -39.81 -31.18 -1.43
C ASP C 381 -38.96 -32.47 -1.39
N MET C 382 -37.72 -32.34 -0.92
CA MET C 382 -36.78 -33.45 -0.88
C MET C 382 -36.90 -34.34 0.36
N THR C 383 -37.61 -33.86 1.38
CA THR C 383 -37.68 -34.58 2.66
C THR C 383 -39.12 -34.74 3.17
N ASP C 384 -39.25 -35.41 4.31
CA ASP C 384 -40.55 -35.64 4.92
C ASP C 384 -40.95 -34.54 5.92
N TYR C 385 -40.21 -33.42 5.92
CA TYR C 385 -40.63 -32.26 6.69
C TYR C 385 -42.00 -31.81 6.14
N PRO C 386 -42.97 -31.57 7.04
CA PRO C 386 -44.31 -31.22 6.55
C PRO C 386 -44.27 -30.08 5.56
N SER C 387 -45.04 -30.20 4.49
CA SER C 387 -45.23 -29.10 3.56
C SER C 387 -46.02 -28.02 4.26
N PHE C 388 -45.73 -26.77 3.94
CA PHE C 388 -46.58 -25.67 4.37
C PHE C 388 -46.74 -24.69 3.21
N ASP C 389 -47.77 -23.86 3.28
CA ASP C 389 -48.05 -22.94 2.19
C ASP C 389 -47.03 -21.82 2.18
N ILE C 390 -46.07 -21.95 1.28
CA ILE C 390 -44.99 -20.97 1.17
C ILE C 390 -45.43 -19.71 0.38
N PRO C 391 -46.28 -19.87 -0.66
CA PRO C 391 -46.84 -18.68 -1.28
C PRO C 391 -47.70 -17.86 -0.32
N ALA C 392 -48.39 -18.53 0.61
CA ALA C 392 -49.20 -17.84 1.61
C ALA C 392 -48.33 -17.12 2.64
N THR C 393 -47.16 -17.67 2.90
CA THR C 393 -46.20 -17.04 3.80
C THR C 393 -45.65 -15.78 3.15
N ASN C 394 -45.19 -15.91 1.91
CA ASN C 394 -44.77 -14.76 1.11
C ASN C 394 -45.80 -13.63 1.11
N LYS C 395 -47.08 -13.98 0.95
CA LYS C 395 -48.17 -13.01 1.04
C LYS C 395 -48.30 -12.40 2.44
N THR C 396 -48.02 -13.21 3.46
CA THR C 396 -48.05 -12.75 4.84
C THR C 396 -46.90 -11.76 5.10
N PHE C 397 -45.75 -12.00 4.47
CA PHE C 397 -44.63 -11.05 4.49
C PHE C 397 -44.99 -9.73 3.82
N LEU C 398 -45.75 -9.83 2.73
CA LEU C 398 -46.20 -8.66 1.98
C LEU C 398 -47.03 -7.72 2.84
N GLU C 399 -47.94 -8.28 3.62
CA GLU C 399 -48.80 -7.50 4.53
C GLU C 399 -47.92 -6.79 5.55
N TRP C 400 -46.98 -7.54 6.12
CA TRP C 400 -45.99 -7.01 7.06
C TRP C 400 -45.23 -5.81 6.48
N LYS C 401 -44.76 -5.93 5.24
CA LYS C 401 -44.10 -4.84 4.53
C LYS C 401 -45.02 -3.62 4.43
N HIS C 402 -46.28 -3.83 4.03
CA HIS C 402 -47.25 -2.74 3.93
C HIS C 402 -47.49 -2.08 5.29
N HIS C 403 -47.62 -2.89 6.32
CA HIS C 403 -47.88 -2.38 7.66
C HIS C 403 -46.72 -1.55 8.22
N LYS C 404 -45.50 -1.91 7.84
CA LYS C 404 -44.31 -1.16 8.23
C LYS C 404 -44.30 0.22 7.60
N LYS C 405 -44.53 0.27 6.29
CA LYS C 405 -44.47 1.51 5.52
C LYS C 405 -45.63 2.47 5.85
N GLU C 406 -46.79 1.92 6.18
CA GLU C 406 -47.95 2.71 6.58
C GLU C 406 -47.68 3.47 7.88
N ASN C 407 -47.22 2.74 8.91
CA ASN C 407 -46.80 3.34 10.18
C ASN C 407 -45.80 2.45 10.89
N ILE C 408 -44.53 2.88 10.86
CA ILE C 408 -43.41 2.11 11.41
C ILE C 408 -43.51 1.87 12.93
N MET C 409 -44.33 2.69 13.60
CA MET C 409 -44.50 2.54 15.04
C MET C 409 -45.61 1.58 15.46
N THR C 410 -46.57 1.32 14.55
CA THR C 410 -47.75 0.54 14.90
C THR C 410 -47.84 -0.85 14.25
N PHE C 411 -46.85 -1.20 13.42
CA PHE C 411 -46.92 -2.44 12.64
C PHE C 411 -46.98 -3.69 13.52
N ARG C 412 -46.50 -3.57 14.75
CA ARG C 412 -46.55 -4.68 15.70
C ARG C 412 -47.95 -4.91 16.29
N ASP C 413 -48.86 -3.99 15.99
CA ASP C 413 -50.26 -4.08 16.47
C ASP C 413 -51.24 -4.61 15.41
N HIS C 414 -50.72 -5.39 14.46
CA HIS C 414 -51.56 -6.04 13.45
C HIS C 414 -51.56 -7.55 13.63
N SER C 415 -52.57 -8.21 13.08
CA SER C 415 -52.71 -9.67 13.22
C SER C 415 -52.70 -10.42 11.90
N TYR C 416 -52.29 -11.68 11.95
CA TYR C 416 -52.14 -12.51 10.76
C TYR C 416 -52.60 -13.94 11.02
N ARG C 417 -52.98 -14.64 9.96
CA ARG C 417 -53.49 -16.00 10.07
C ARG C 417 -52.34 -16.99 10.08
N SER C 418 -52.45 -18.03 10.91
CA SER C 418 -51.47 -19.11 10.90
C SER C 418 -51.60 -19.92 9.61
N LEU C 419 -50.47 -20.13 8.97
CA LEU C 419 -50.43 -20.84 7.70
C LEU C 419 -50.38 -22.35 7.92
N MET C 420 -50.10 -22.75 9.15
CA MET C 420 -50.08 -24.16 9.53
C MET C 420 -51.46 -24.65 9.97
N THR C 421 -52.11 -23.89 10.83
CA THR C 421 -53.39 -24.32 11.43
C THR C 421 -54.61 -23.66 10.83
N GLY C 422 -54.45 -22.41 10.37
CA GLY C 422 -55.58 -21.64 9.87
C GLY C 422 -56.17 -20.73 10.94
N THR C 423 -55.77 -20.95 12.18
CA THR C 423 -56.19 -20.12 13.31
C THR C 423 -55.70 -18.68 13.15
N MET C 424 -56.64 -17.74 13.26
CA MET C 424 -56.33 -16.31 13.19
C MET C 424 -55.79 -15.82 14.52
N ALA C 425 -54.73 -15.02 14.46
CA ALA C 425 -54.20 -14.37 15.65
C ALA C 425 -55.12 -13.25 16.09
N PRO C 426 -55.41 -13.16 17.40
CA PRO C 426 -56.18 -12.04 17.93
C PRO C 426 -55.32 -10.79 18.04
N LYS C 427 -55.94 -9.63 18.26
CA LYS C 427 -55.20 -8.41 18.58
C LYS C 427 -54.69 -8.51 20.01
N HIS C 428 -53.60 -7.80 20.32
CA HIS C 428 -53.05 -7.84 21.66
C HIS C 428 -53.82 -6.91 22.61
N HIS C 429 -53.83 -7.25 23.90
CA HIS C 429 -54.57 -6.49 24.92
C HIS C 429 -53.96 -5.11 25.19
N THR C 430 -52.79 -4.84 24.63
CA THR C 430 -52.10 -3.56 24.82
C THR C 430 -51.36 -3.16 23.54
N PRO C 431 -51.52 -1.90 23.10
CA PRO C 431 -50.74 -1.37 21.98
C PRO C 431 -49.24 -1.44 22.26
N TRP C 432 -48.45 -1.65 21.20
CA TRP C 432 -47.02 -1.89 21.35
C TRP C 432 -46.29 -0.79 22.13
N ILE C 433 -46.61 0.46 21.83
CA ILE C 433 -45.98 1.59 22.50
C ILE C 433 -46.29 1.62 24.01
N ASP C 434 -47.46 1.10 24.39
CA ASP C 434 -47.90 1.12 25.79
C ASP C 434 -47.46 -0.11 26.57
N ALA C 435 -47.29 -1.22 25.86
CA ALA C 435 -46.87 -2.48 26.48
C ALA C 435 -45.41 -2.44 26.86
N LEU C 436 -45.13 -1.92 28.06
CA LEU C 436 -43.77 -1.77 28.55
C LEU C 436 -43.24 -3.08 29.12
N ASP C 437 -44.12 -3.82 29.80
CA ASP C 437 -43.76 -5.12 30.37
C ASP C 437 -43.50 -6.13 29.26
N ASP C 438 -42.23 -6.53 29.12
CA ASP C 438 -41.79 -7.44 28.07
C ASP C 438 -41.98 -8.93 28.38
N SER C 439 -42.36 -9.24 29.62
CA SER C 439 -42.39 -10.62 30.12
C SER C 439 -43.51 -11.48 29.54
N LEU C 440 -43.30 -12.79 29.63
CA LEU C 440 -44.25 -13.79 29.16
C LEU C 440 -45.59 -13.70 29.89
N GLU C 441 -45.54 -13.69 31.22
CA GLU C 441 -46.75 -13.61 32.05
C GLU C 441 -47.66 -12.44 31.67
N ALA C 442 -47.07 -11.25 31.50
CA ALA C 442 -47.84 -10.04 31.17
C ALA C 442 -48.43 -10.10 29.76
N TYR C 443 -47.69 -10.72 28.84
CA TYR C 443 -48.14 -10.89 27.47
C TYR C 443 -49.23 -11.94 27.36
N LEU C 444 -49.04 -13.07 28.04
CA LEU C 444 -50.02 -14.15 28.04
C LEU C 444 -51.19 -13.90 28.99
N SER C 445 -51.05 -12.90 29.87
CA SER C 445 -52.13 -12.48 30.75
C SER C 445 -53.14 -11.63 29.98
N ASP C 446 -54.07 -11.03 30.71
CA ASP C 446 -55.01 -10.07 30.13
C ASP C 446 -54.94 -8.72 30.84
N LYS C 447 -54.96 -7.65 30.05
CA LYS C 447 -54.89 -6.25 30.53
C LYS C 447 -53.81 -6.00 31.60
#